data_2MKS
#
_entry.id   2MKS
#
_entity_poly.entity_id   1
_entity_poly.type   'polypeptide(L)'
_entity_poly.pdbx_seq_one_letter_code
;GHMVEADRPGKLFIGGLNTETNEKALEAVFGKYGRIVEVLLMKDRETNKSRGFAFVTFESPADAKDAARDMNGKSLDGKA
IKVEQATKPSFE
;
_entity_poly.pdbx_strand_id   A
#
# COMPACT_ATOMS: atom_id res chain seq x y z
N GLY A 1 30.26 -7.18 12.33
CA GLY A 1 31.10 -6.26 11.56
C GLY A 1 30.80 -4.82 11.94
N HIS A 2 31.13 -3.87 11.07
CA HIS A 2 30.42 -2.60 11.01
C HIS A 2 29.22 -2.80 10.09
N MET A 3 28.12 -2.12 10.38
CA MET A 3 26.86 -2.15 9.67
C MET A 3 26.20 -0.80 9.90
N VAL A 4 25.98 -0.03 8.84
CA VAL A 4 25.18 1.19 8.85
C VAL A 4 24.37 1.15 7.55
N GLU A 5 23.46 0.18 7.47
CA GLU A 5 22.63 -0.10 6.30
C GLU A 5 21.15 -0.27 6.70
N ALA A 6 20.83 0.02 7.96
CA ALA A 6 19.55 -0.23 8.60
C ALA A 6 18.54 0.88 8.29
N ASP A 7 18.12 0.95 7.04
CA ASP A 7 16.95 1.69 6.62
C ASP A 7 16.37 0.91 5.45
N ARG A 8 15.06 0.65 5.48
CA ARG A 8 14.36 0.02 4.37
C ARG A 8 12.87 0.36 4.48
N PRO A 9 12.42 1.53 4.02
CA PRO A 9 11.01 1.89 4.00
C PRO A 9 10.27 1.18 2.84
N GLY A 10 10.17 -0.13 2.92
CA GLY A 10 9.46 -0.96 1.94
C GLY A 10 7.96 -1.00 2.18
N LYS A 11 7.48 -0.50 3.32
CA LYS A 11 6.09 -0.44 3.73
C LYS A 11 5.44 0.83 3.16
N LEU A 12 4.19 0.72 2.68
CA LEU A 12 3.33 1.85 2.39
C LEU A 12 2.02 1.77 3.20
N PHE A 13 1.15 2.76 3.06
CA PHE A 13 -0.14 2.83 3.76
C PHE A 13 -1.24 3.30 2.80
N ILE A 14 -2.30 2.51 2.63
CA ILE A 14 -3.37 2.74 1.66
C ILE A 14 -4.67 3.00 2.42
N GLY A 15 -5.52 3.87 1.87
CA GLY A 15 -6.83 4.22 2.38
C GLY A 15 -7.82 4.46 1.26
N GLY A 16 -9.10 4.63 1.61
CA GLY A 16 -10.16 5.03 0.68
C GLY A 16 -10.74 3.90 -0.18
N LEU A 17 -10.37 2.65 0.13
CA LEU A 17 -10.64 1.46 -0.68
C LEU A 17 -12.12 1.07 -0.74
N ASN A 18 -12.40 0.15 -1.67
CA ASN A 18 -13.67 -0.56 -1.89
C ASN A 18 -13.99 -1.49 -0.71
N THR A 19 -15.10 -2.21 -0.78
CA THR A 19 -15.49 -3.19 0.24
C THR A 19 -15.39 -4.64 -0.21
N GLU A 20 -15.15 -4.88 -1.50
CA GLU A 20 -15.27 -6.20 -2.10
C GLU A 20 -14.00 -6.48 -2.92
N THR A 21 -12.85 -6.12 -2.36
CA THR A 21 -11.52 -6.29 -2.93
C THR A 21 -10.82 -7.50 -2.28
N ASN A 22 -9.72 -7.98 -2.88
CA ASN A 22 -8.84 -9.02 -2.37
C ASN A 22 -7.41 -8.77 -2.84
N GLU A 23 -6.45 -9.35 -2.11
CA GLU A 23 -5.01 -9.11 -2.25
C GLU A 23 -4.49 -9.34 -3.67
N LYS A 24 -4.98 -10.38 -4.36
CA LYS A 24 -4.64 -10.63 -5.77
C LYS A 24 -4.92 -9.43 -6.66
N ALA A 25 -5.94 -8.63 -6.33
CA ALA A 25 -6.32 -7.48 -7.12
C ALA A 25 -5.39 -6.30 -6.79
N LEU A 26 -4.84 -6.24 -5.57
CA LEU A 26 -3.87 -5.22 -5.16
C LEU A 26 -2.55 -5.38 -5.89
N GLU A 27 -2.20 -6.61 -6.29
CA GLU A 27 -1.05 -6.85 -7.15
C GLU A 27 -1.19 -6.03 -8.44
N ALA A 28 -2.40 -5.97 -8.99
CA ALA A 28 -2.71 -5.20 -10.19
C ALA A 28 -2.77 -3.70 -9.91
N VAL A 29 -2.99 -3.29 -8.66
CA VAL A 29 -3.00 -1.88 -8.31
C VAL A 29 -1.56 -1.37 -8.36
N PHE A 30 -0.62 -2.01 -7.64
CA PHE A 30 0.66 -1.38 -7.34
C PHE A 30 1.88 -2.11 -7.89
N GLY A 31 1.78 -3.38 -8.32
CA GLY A 31 2.96 -4.16 -8.68
C GLY A 31 3.75 -3.55 -9.83
N LYS A 32 3.09 -2.72 -10.65
CA LYS A 32 3.65 -2.11 -11.84
C LYS A 32 4.73 -1.07 -11.54
N TYR A 33 4.81 -0.57 -10.31
CA TYR A 33 5.82 0.43 -9.95
C TYR A 33 7.14 -0.23 -9.55
N GLY A 34 7.17 -1.53 -9.22
CA GLY A 34 8.40 -2.14 -8.73
C GLY A 34 8.25 -3.44 -7.93
N ARG A 35 7.24 -4.25 -8.22
CA ARG A 35 7.02 -5.61 -7.71
C ARG A 35 6.76 -5.72 -6.21
N ILE A 36 5.85 -6.63 -5.89
CA ILE A 36 5.34 -6.88 -4.56
C ILE A 36 5.76 -8.29 -4.17
N VAL A 37 6.14 -8.46 -2.90
CA VAL A 37 6.43 -9.76 -2.29
C VAL A 37 5.70 -9.94 -0.96
N GLU A 38 4.78 -9.03 -0.59
CA GLU A 38 4.00 -9.10 0.64
C GLU A 38 2.80 -8.13 0.56
N VAL A 39 1.57 -8.67 0.58
CA VAL A 39 0.31 -7.92 0.65
C VAL A 39 -0.43 -8.32 1.92
N LEU A 40 -1.05 -7.37 2.62
CA LEU A 40 -1.86 -7.57 3.81
C LEU A 40 -3.18 -6.83 3.60
N LEU A 41 -4.26 -7.52 3.21
CA LEU A 41 -5.58 -6.93 3.35
C LEU A 41 -6.01 -7.08 4.80
N MET A 42 -7.03 -6.33 5.19
CA MET A 42 -7.62 -6.33 6.51
C MET A 42 -9.11 -6.10 6.33
N LYS A 43 -9.90 -6.75 7.18
CA LYS A 43 -11.34 -6.89 6.97
C LYS A 43 -12.08 -6.46 8.20
N ASP A 44 -13.38 -6.33 8.00
CA ASP A 44 -14.30 -6.09 9.10
C ASP A 44 -14.55 -7.40 9.87
N ARG A 45 -15.45 -7.31 10.85
CA ARG A 45 -15.95 -8.35 11.72
C ARG A 45 -17.48 -8.39 11.71
N GLU A 46 -18.16 -7.36 11.15
CA GLU A 46 -19.60 -7.34 11.01
C GLU A 46 -20.02 -8.55 10.17
N THR A 47 -19.56 -8.59 8.92
CA THR A 47 -20.06 -9.54 7.92
C THR A 47 -18.96 -9.80 6.87
N ASN A 48 -17.69 -9.74 7.30
CA ASN A 48 -16.47 -10.05 6.53
C ASN A 48 -16.17 -9.08 5.37
N LYS A 49 -16.90 -7.96 5.24
CA LYS A 49 -16.61 -6.94 4.22
C LYS A 49 -15.16 -6.49 4.36
N SER A 50 -14.47 -6.13 3.27
CA SER A 50 -13.21 -5.43 3.44
C SER A 50 -13.45 -4.07 4.10
N ARG A 51 -12.42 -3.47 4.70
CA ARG A 51 -12.50 -2.09 5.20
C ARG A 51 -11.86 -1.17 4.17
N GLY A 52 -12.04 0.14 4.31
CA GLY A 52 -11.60 1.12 3.34
C GLY A 52 -10.14 1.52 3.57
N PHE A 53 -9.26 0.57 3.87
CA PHE A 53 -7.82 0.74 4.09
C PHE A 53 -7.18 -0.66 4.01
N ALA A 54 -5.91 -0.76 3.63
CA ALA A 54 -5.15 -2.00 3.56
C ALA A 54 -3.65 -1.69 3.57
N PHE A 55 -2.79 -2.71 3.53
CA PHE A 55 -1.34 -2.58 3.57
C PHE A 55 -0.72 -3.36 2.39
N VAL A 56 0.27 -2.76 1.71
CA VAL A 56 1.03 -3.37 0.62
C VAL A 56 2.51 -3.05 0.89
N THR A 57 3.38 -4.00 0.58
CA THR A 57 4.82 -3.93 0.74
C THR A 57 5.44 -4.16 -0.63
N PHE A 58 6.72 -3.80 -0.78
CA PHE A 58 7.44 -3.99 -2.03
C PHE A 58 8.76 -4.67 -1.73
N GLU A 59 9.35 -5.27 -2.77
CA GLU A 59 10.59 -6.01 -2.62
C GLU A 59 11.71 -5.07 -2.16
N SER A 60 11.71 -3.82 -2.65
CA SER A 60 12.74 -2.83 -2.39
C SER A 60 12.11 -1.54 -1.87
N PRO A 61 12.84 -0.75 -1.05
CA PRO A 61 12.38 0.57 -0.60
C PRO A 61 12.37 1.60 -1.73
N ALA A 62 13.20 1.44 -2.76
CA ALA A 62 13.18 2.32 -3.93
C ALA A 62 12.00 1.99 -4.84
N ASP A 63 11.50 0.76 -4.77
CA ASP A 63 10.29 0.37 -5.48
C ASP A 63 9.06 0.71 -4.65
N ALA A 64 9.19 0.78 -3.32
CA ALA A 64 8.09 1.20 -2.45
C ALA A 64 7.85 2.70 -2.60
N LYS A 65 8.90 3.52 -2.53
CA LYS A 65 8.71 4.97 -2.58
C LYS A 65 7.94 5.36 -3.83
N ASP A 66 8.31 4.82 -4.98
CA ASP A 66 7.74 5.20 -6.25
C ASP A 66 6.27 4.85 -6.36
N ALA A 67 5.84 3.78 -5.69
CA ALA A 67 4.43 3.39 -5.72
C ALA A 67 3.53 4.42 -5.03
N ALA A 68 4.09 5.45 -4.37
CA ALA A 68 3.39 6.59 -3.80
C ALA A 68 3.66 7.94 -4.51
N ARG A 69 4.32 7.94 -5.68
CA ARG A 69 4.73 9.18 -6.38
C ARG A 69 3.95 9.43 -7.67
N ASP A 70 3.07 8.53 -8.05
CA ASP A 70 2.18 8.67 -9.20
C ASP A 70 0.76 8.37 -8.76
N MET A 71 0.51 7.19 -8.19
CA MET A 71 -0.80 6.64 -7.83
C MET A 71 -1.49 7.34 -6.64
N ASN A 72 -0.84 8.24 -5.91
CA ASN A 72 -1.46 8.90 -4.77
C ASN A 72 -2.64 9.78 -5.22
N GLY A 73 -3.67 9.84 -4.38
CA GLY A 73 -4.89 10.63 -4.52
C GLY A 73 -5.53 10.50 -5.91
N LYS A 74 -5.99 9.30 -6.26
CA LYS A 74 -6.72 9.02 -7.49
C LYS A 74 -7.97 8.20 -7.22
N SER A 75 -8.78 7.97 -8.26
CA SER A 75 -9.84 6.99 -8.17
C SER A 75 -9.30 5.60 -8.42
N LEU A 76 -10.04 4.62 -7.94
CA LEU A 76 -9.85 3.20 -8.19
C LEU A 76 -11.24 2.60 -8.17
N ASP A 77 -11.70 2.15 -9.34
CA ASP A 77 -13.02 1.53 -9.51
C ASP A 77 -14.15 2.41 -8.98
N GLY A 78 -14.01 3.73 -9.10
CA GLY A 78 -15.01 4.69 -8.69
C GLY A 78 -15.03 4.97 -7.19
N LYS A 79 -14.01 4.54 -6.43
CA LYS A 79 -13.77 4.96 -5.05
C LYS A 79 -12.56 5.89 -5.07
N ALA A 80 -12.29 6.68 -4.04
CA ALA A 80 -11.20 7.66 -3.97
C ALA A 80 -10.13 7.13 -3.02
N ILE A 81 -9.00 6.65 -3.56
CA ILE A 81 -7.98 5.96 -2.80
C ILE A 81 -6.81 6.88 -2.46
N LYS A 82 -6.08 6.55 -1.39
CA LYS A 82 -4.93 7.28 -0.90
C LYS A 82 -3.73 6.37 -0.71
N VAL A 83 -2.54 6.96 -0.73
CA VAL A 83 -1.26 6.32 -0.44
C VAL A 83 -0.51 7.34 0.42
N GLU A 84 0.18 6.91 1.48
CA GLU A 84 1.11 7.74 2.24
C GLU A 84 2.28 6.87 2.69
N GLN A 85 3.37 7.54 3.08
CA GLN A 85 4.53 6.94 3.69
C GLN A 85 4.21 6.80 5.18
N ALA A 86 3.90 5.60 5.66
CA ALA A 86 3.76 5.37 7.09
C ALA A 86 5.14 5.17 7.73
N THR A 87 5.99 6.20 7.67
CA THR A 87 7.14 6.36 8.53
C THR A 87 7.43 7.86 8.67
N LYS A 88 8.52 8.16 9.37
CA LYS A 88 9.17 9.46 9.51
C LYS A 88 10.68 9.21 9.27
N PRO A 89 11.51 10.21 8.96
CA PRO A 89 12.89 9.96 8.55
C PRO A 89 13.65 9.38 9.74
N SER A 90 13.63 10.10 10.85
CA SER A 90 14.04 9.60 12.16
C SER A 90 12.97 9.92 13.19
N PHE A 91 13.04 9.18 14.30
CA PHE A 91 12.23 9.28 15.50
C PHE A 91 13.20 8.88 16.60
N GLU A 92 13.85 9.85 17.24
CA GLU A 92 15.09 9.63 17.99
C GLU A 92 16.05 8.88 17.07
N GLY A 1 26.16 -10.19 8.55
CA GLY A 1 25.07 -11.16 8.59
C GLY A 1 24.71 -11.58 10.00
N HIS A 2 23.81 -12.55 10.12
CA HIS A 2 23.35 -13.15 11.36
C HIS A 2 22.72 -12.15 12.34
N MET A 3 22.16 -11.05 11.83
CA MET A 3 21.43 -10.06 12.62
C MET A 3 20.09 -9.77 11.94
N VAL A 4 19.21 -9.04 12.65
CA VAL A 4 17.82 -8.77 12.27
C VAL A 4 17.49 -7.28 12.43
N GLU A 5 18.52 -6.45 12.57
CA GLU A 5 18.47 -5.00 12.54
C GLU A 5 18.26 -4.60 11.08
N ALA A 6 17.01 -4.69 10.65
CA ALA A 6 16.57 -4.40 9.31
C ALA A 6 15.22 -3.69 9.39
N ASP A 7 15.21 -2.47 8.89
CA ASP A 7 14.01 -1.71 8.56
C ASP A 7 14.41 -0.82 7.39
N ARG A 8 13.64 -0.85 6.31
CA ARG A 8 13.77 0.03 5.15
C ARG A 8 12.37 0.42 4.68
N PRO A 9 12.20 1.52 3.91
CA PRO A 9 10.86 2.11 3.67
C PRO A 9 9.94 1.36 2.70
N GLY A 10 10.13 0.06 2.51
CA GLY A 10 9.32 -0.77 1.63
C GLY A 10 7.83 -0.85 2.02
N LYS A 11 7.45 -0.43 3.23
CA LYS A 11 6.05 -0.42 3.68
C LYS A 11 5.34 0.82 3.19
N LEU A 12 4.26 0.67 2.40
CA LEU A 12 3.35 1.76 2.07
C LEU A 12 2.09 1.67 2.94
N PHE A 13 1.19 2.63 2.78
CA PHE A 13 -0.11 2.70 3.40
C PHE A 13 -1.08 3.14 2.31
N ILE A 14 -2.33 2.66 2.37
CA ILE A 14 -3.35 2.88 1.36
C ILE A 14 -4.61 3.29 2.13
N GLY A 15 -5.59 3.92 1.48
CA GLY A 15 -6.87 4.26 2.12
C GLY A 15 -7.91 4.65 1.08
N GLY A 16 -9.11 4.96 1.57
CA GLY A 16 -10.27 5.24 0.72
C GLY A 16 -10.73 4.00 -0.07
N LEU A 17 -10.27 2.81 0.31
CA LEU A 17 -10.43 1.61 -0.50
C LEU A 17 -11.88 1.16 -0.59
N ASN A 18 -12.15 0.29 -1.55
CA ASN A 18 -13.44 -0.35 -1.74
C ASN A 18 -13.59 -1.53 -0.78
N THR A 19 -14.82 -2.00 -0.61
CA THR A 19 -15.09 -3.07 0.34
C THR A 19 -14.77 -4.45 -0.25
N GLU A 20 -15.18 -4.73 -1.49
CA GLU A 20 -15.16 -6.10 -2.04
C GLU A 20 -13.79 -6.46 -2.68
N THR A 21 -12.74 -5.72 -2.35
CA THR A 21 -11.40 -5.91 -2.91
C THR A 21 -10.73 -7.10 -2.22
N ASN A 22 -9.81 -7.78 -2.90
CA ASN A 22 -8.90 -8.73 -2.28
C ASN A 22 -7.46 -8.49 -2.75
N GLU A 23 -6.50 -9.14 -2.08
CA GLU A 23 -5.04 -8.99 -2.21
C GLU A 23 -4.60 -9.09 -3.67
N LYS A 24 -5.15 -10.05 -4.40
CA LYS A 24 -4.94 -10.28 -5.82
C LYS A 24 -5.11 -9.00 -6.67
N ALA A 25 -6.09 -8.16 -6.37
CA ALA A 25 -6.27 -6.93 -7.10
C ALA A 25 -5.21 -5.89 -6.71
N LEU A 26 -4.75 -5.88 -5.45
CA LEU A 26 -3.67 -5.01 -4.98
C LEU A 26 -2.38 -5.36 -5.71
N GLU A 27 -2.11 -6.67 -5.92
CA GLU A 27 -0.96 -7.13 -6.66
C GLU A 27 -0.96 -6.51 -8.07
N ALA A 28 -2.14 -6.41 -8.68
CA ALA A 28 -2.27 -5.92 -10.04
C ALA A 28 -2.10 -4.41 -10.07
N VAL A 29 -2.80 -3.67 -9.20
CA VAL A 29 -2.69 -2.22 -9.05
C VAL A 29 -1.24 -1.79 -8.98
N PHE A 30 -0.50 -2.33 -8.00
CA PHE A 30 0.81 -1.81 -7.66
C PHE A 30 1.93 -2.59 -8.34
N GLY A 31 1.65 -3.77 -8.89
CA GLY A 31 2.62 -4.60 -9.60
C GLY A 31 2.78 -4.12 -11.03
N LYS A 32 3.11 -2.83 -11.15
CA LYS A 32 3.55 -2.10 -12.31
C LYS A 32 4.56 -1.00 -11.90
N TYR A 33 5.04 -1.03 -10.66
CA TYR A 33 5.94 -0.04 -10.08
C TYR A 33 7.29 -0.64 -9.68
N GLY A 34 7.42 -1.96 -9.70
CA GLY A 34 8.32 -2.66 -8.81
C GLY A 34 7.75 -4.04 -8.50
N ARG A 35 8.23 -4.66 -7.42
CA ARG A 35 7.93 -6.04 -7.09
C ARG A 35 7.36 -6.11 -5.70
N ILE A 36 6.08 -6.40 -5.62
CA ILE A 36 5.42 -6.72 -4.37
C ILE A 36 5.85 -8.14 -4.01
N VAL A 37 6.11 -8.38 -2.73
CA VAL A 37 6.32 -9.71 -2.16
C VAL A 37 5.47 -9.92 -0.90
N GLU A 38 4.64 -8.94 -0.54
CA GLU A 38 3.95 -8.90 0.74
C GLU A 38 2.66 -8.09 0.56
N VAL A 39 1.53 -8.72 0.85
CA VAL A 39 0.19 -8.16 0.67
C VAL A 39 -0.58 -8.44 1.95
N LEU A 40 -0.90 -7.40 2.72
CA LEU A 40 -1.63 -7.50 3.98
C LEU A 40 -2.95 -6.74 3.80
N LEU A 41 -3.95 -7.37 3.22
CA LEU A 41 -5.28 -6.78 3.15
C LEU A 41 -5.89 -6.89 4.54
N MET A 42 -6.34 -5.78 5.12
CA MET A 42 -7.14 -5.84 6.32
C MET A 42 -8.55 -6.24 5.92
N LYS A 43 -9.08 -7.30 6.50
CA LYS A 43 -10.46 -7.73 6.29
C LYS A 43 -11.31 -7.41 7.51
N ASP A 44 -12.57 -7.17 7.20
CA ASP A 44 -13.71 -7.02 8.07
C ASP A 44 -14.03 -8.38 8.70
N ARG A 45 -14.89 -8.42 9.71
CA ARG A 45 -15.36 -9.66 10.33
C ARG A 45 -16.84 -9.94 10.06
N GLU A 46 -17.47 -9.12 9.22
CA GLU A 46 -18.78 -9.35 8.69
C GLU A 46 -18.65 -10.42 7.62
N THR A 47 -18.09 -10.09 6.45
CA THR A 47 -18.23 -10.95 5.28
C THR A 47 -17.09 -10.70 4.29
N ASN A 48 -15.86 -11.03 4.70
CA ASN A 48 -14.63 -10.98 3.89
C ASN A 48 -14.24 -9.61 3.33
N LYS A 49 -15.09 -8.59 3.49
CA LYS A 49 -14.91 -7.21 3.01
C LYS A 49 -13.59 -6.66 3.53
N SER A 50 -13.07 -5.60 2.94
CA SER A 50 -11.93 -4.87 3.46
C SER A 50 -12.39 -3.78 4.45
N ARG A 51 -11.45 -3.26 5.24
CA ARG A 51 -11.70 -2.26 6.28
C ARG A 51 -11.57 -0.82 5.77
N GLY A 52 -11.66 -0.59 4.46
CA GLY A 52 -11.43 0.72 3.86
C GLY A 52 -9.95 1.12 3.83
N PHE A 53 -9.04 0.26 4.28
CA PHE A 53 -7.62 0.42 4.08
C PHE A 53 -6.97 -0.96 4.02
N ALA A 54 -5.75 -1.00 3.49
CA ALA A 54 -4.96 -2.19 3.34
C ALA A 54 -3.50 -1.79 3.38
N PHE A 55 -2.63 -2.80 3.42
CA PHE A 55 -1.19 -2.67 3.48
C PHE A 55 -0.61 -3.49 2.33
N VAL A 56 0.37 -2.94 1.62
CA VAL A 56 1.18 -3.63 0.64
C VAL A 56 2.62 -3.23 0.97
N THR A 57 3.55 -4.17 0.81
CA THR A 57 4.96 -3.96 1.05
C THR A 57 5.70 -4.44 -0.18
N PHE A 58 6.75 -3.71 -0.55
CA PHE A 58 7.49 -4.01 -1.75
C PHE A 58 8.87 -4.53 -1.40
N GLU A 59 9.44 -5.28 -2.33
CA GLU A 59 10.69 -5.97 -2.15
C GLU A 59 11.82 -4.94 -2.08
N SER A 60 11.86 -3.97 -2.99
CA SER A 60 12.83 -2.90 -2.87
C SER A 60 12.31 -1.88 -1.82
N PRO A 61 13.19 -1.00 -1.32
CA PRO A 61 12.79 0.12 -0.48
C PRO A 61 12.49 1.37 -1.31
N ALA A 62 12.74 1.34 -2.62
CA ALA A 62 12.73 2.49 -3.50
C ALA A 62 11.52 2.47 -4.42
N ASP A 63 11.28 1.31 -5.02
CA ASP A 63 10.08 0.98 -5.79
C ASP A 63 8.82 1.33 -4.99
N ALA A 64 8.86 1.11 -3.68
CA ALA A 64 7.81 1.45 -2.73
C ALA A 64 7.53 2.94 -2.71
N LYS A 65 8.55 3.78 -2.49
CA LYS A 65 8.39 5.22 -2.38
C LYS A 65 7.73 5.77 -3.63
N ASP A 66 8.15 5.29 -4.80
CA ASP A 66 7.62 5.70 -6.09
C ASP A 66 6.19 5.24 -6.28
N ALA A 67 5.84 4.03 -5.84
CA ALA A 67 4.50 3.48 -6.01
C ALA A 67 3.45 4.36 -5.32
N ALA A 68 3.81 5.09 -4.27
CA ALA A 68 2.96 6.14 -3.70
C ALA A 68 3.13 7.47 -4.43
N ARG A 69 4.37 7.83 -4.79
CA ARG A 69 4.66 9.15 -5.35
C ARG A 69 4.01 9.37 -6.70
N ASP A 70 3.70 8.32 -7.45
CA ASP A 70 2.80 8.39 -8.58
C ASP A 70 1.34 8.29 -8.08
N MET A 71 1.00 7.19 -7.41
CA MET A 71 -0.36 6.63 -7.40
C MET A 71 -1.33 7.14 -6.31
N ASN A 72 -0.92 8.07 -5.44
CA ASN A 72 -1.78 8.69 -4.44
C ASN A 72 -2.88 9.60 -5.04
N GLY A 73 -3.92 9.90 -4.27
CA GLY A 73 -5.01 10.84 -4.53
C GLY A 73 -6.06 10.42 -5.56
N LYS A 74 -5.68 9.57 -6.53
CA LYS A 74 -6.53 9.19 -7.66
C LYS A 74 -7.77 8.40 -7.23
N SER A 75 -8.59 8.04 -8.21
CA SER A 75 -9.71 7.15 -8.05
C SER A 75 -9.33 5.72 -8.46
N LEU A 76 -10.15 4.77 -8.01
CA LEU A 76 -10.13 3.38 -8.44
C LEU A 76 -11.53 2.84 -8.25
N ASP A 77 -12.13 2.31 -9.30
CA ASP A 77 -13.39 1.57 -9.24
C ASP A 77 -14.52 2.39 -8.63
N GLY A 78 -14.42 3.71 -8.81
CA GLY A 78 -15.36 4.71 -8.34
C GLY A 78 -15.15 5.08 -6.87
N LYS A 79 -13.98 4.80 -6.28
CA LYS A 79 -13.64 5.17 -4.91
C LYS A 79 -12.44 6.10 -4.98
N ALA A 80 -12.54 7.29 -4.39
CA ALA A 80 -11.41 8.17 -4.17
C ALA A 80 -10.47 7.48 -3.17
N ILE A 81 -9.29 7.06 -3.61
CA ILE A 81 -8.32 6.36 -2.76
C ILE A 81 -7.14 7.29 -2.41
N LYS A 82 -6.34 6.91 -1.42
CA LYS A 82 -5.07 7.56 -1.11
C LYS A 82 -3.99 6.48 -1.05
N VAL A 83 -2.73 6.86 -1.26
CA VAL A 83 -1.56 6.01 -1.11
C VAL A 83 -0.50 6.87 -0.45
N GLU A 84 -0.16 6.56 0.78
CA GLU A 84 0.71 7.38 1.60
C GLU A 84 1.80 6.50 2.22
N GLN A 85 2.65 7.12 3.02
CA GLN A 85 3.71 6.43 3.72
C GLN A 85 3.39 6.48 5.20
N ALA A 86 3.22 5.30 5.80
CA ALA A 86 3.15 5.11 7.24
C ALA A 86 4.56 5.27 7.86
N THR A 87 5.23 6.37 7.56
CA THR A 87 6.41 6.84 8.25
C THR A 87 5.96 7.37 9.63
N LYS A 88 6.92 7.64 10.50
CA LYS A 88 6.79 8.37 11.76
C LYS A 88 8.18 8.84 12.15
N PRO A 89 8.32 9.93 12.93
CA PRO A 89 9.62 10.49 13.23
C PRO A 89 10.46 9.57 14.13
N SER A 90 9.82 8.87 15.06
CA SER A 90 10.42 7.82 15.90
C SER A 90 9.39 6.70 16.07
N PHE A 91 9.78 5.57 16.68
CA PHE A 91 8.84 4.56 17.10
C PHE A 91 9.28 3.99 18.45
N GLU A 92 8.31 3.71 19.31
CA GLU A 92 8.46 3.42 20.73
C GLU A 92 9.18 4.60 21.37
N GLY A 1 6.44 -24.33 -2.81
CA GLY A 1 7.71 -23.62 -2.99
C GLY A 1 7.50 -22.12 -2.99
N HIS A 2 7.06 -21.53 -1.88
CA HIS A 2 6.93 -20.08 -1.71
C HIS A 2 8.14 -19.60 -0.88
N MET A 3 8.49 -18.32 -1.00
CA MET A 3 9.58 -17.68 -0.29
C MET A 3 9.24 -16.22 -0.05
N VAL A 4 9.14 -15.84 1.21
CA VAL A 4 8.88 -14.49 1.68
C VAL A 4 9.85 -14.27 2.85
N GLU A 5 11.15 -14.16 2.54
CA GLU A 5 12.22 -13.97 3.53
C GLU A 5 12.86 -12.58 3.42
N ALA A 6 12.21 -11.65 2.70
CA ALA A 6 12.72 -10.33 2.36
C ALA A 6 11.73 -9.24 2.77
N ASP A 7 12.06 -8.54 3.85
CA ASP A 7 11.30 -7.42 4.42
C ASP A 7 12.14 -6.15 4.24
N ARG A 8 11.50 -4.98 4.10
CA ARG A 8 12.15 -3.69 3.91
C ARG A 8 11.27 -2.57 4.47
N PRO A 9 11.84 -1.38 4.76
CA PRO A 9 11.09 -0.20 5.19
C PRO A 9 10.27 0.48 4.09
N GLY A 10 10.12 -0.16 2.94
CA GLY A 10 9.25 0.25 1.86
C GLY A 10 7.78 -0.11 2.12
N LYS A 11 7.32 0.10 3.35
CA LYS A 11 5.93 -0.12 3.70
C LYS A 11 5.06 0.95 3.06
N LEU A 12 3.88 0.55 2.57
CA LEU A 12 2.86 1.45 2.11
C LEU A 12 1.78 1.65 3.17
N PHE A 13 0.87 2.58 2.91
CA PHE A 13 -0.44 2.67 3.52
C PHE A 13 -1.39 2.91 2.34
N ILE A 14 -2.59 2.33 2.35
CA ILE A 14 -3.59 2.58 1.31
C ILE A 14 -4.92 2.83 2.03
N GLY A 15 -5.71 3.78 1.57
CA GLY A 15 -7.00 4.15 2.14
C GLY A 15 -8.02 4.50 1.05
N GLY A 16 -9.25 4.82 1.47
CA GLY A 16 -10.39 5.14 0.61
C GLY A 16 -10.93 3.95 -0.18
N LEU A 17 -10.37 2.75 0.04
CA LEU A 17 -10.52 1.57 -0.80
C LEU A 17 -11.97 1.11 -0.88
N ASN A 18 -12.28 0.33 -1.91
CA ASN A 18 -13.55 -0.34 -2.04
C ASN A 18 -13.64 -1.51 -1.07
N THR A 19 -14.86 -1.88 -0.70
CA THR A 19 -15.19 -2.87 0.32
C THR A 19 -14.90 -4.32 -0.09
N GLU A 20 -14.34 -4.53 -1.27
CA GLU A 20 -14.33 -5.80 -1.96
C GLU A 20 -13.02 -5.95 -2.75
N THR A 21 -12.00 -5.22 -2.31
CA THR A 21 -10.61 -5.42 -2.70
C THR A 21 -10.21 -6.84 -2.26
N ASN A 22 -9.22 -7.45 -2.92
CA ASN A 22 -8.56 -8.65 -2.43
C ASN A 22 -7.06 -8.51 -2.64
N GLU A 23 -6.25 -9.38 -2.06
CA GLU A 23 -4.78 -9.29 -2.13
C GLU A 23 -4.31 -9.54 -3.56
N LYS A 24 -4.84 -10.58 -4.23
CA LYS A 24 -4.51 -10.86 -5.63
C LYS A 24 -4.84 -9.68 -6.55
N ALA A 25 -5.90 -8.93 -6.24
CA ALA A 25 -6.27 -7.75 -6.98
C ALA A 25 -5.20 -6.69 -6.80
N LEU A 26 -4.69 -6.54 -5.59
CA LEU A 26 -3.70 -5.53 -5.24
C LEU A 26 -2.32 -5.82 -5.81
N GLU A 27 -1.98 -7.09 -6.03
CA GLU A 27 -0.81 -7.45 -6.83
C GLU A 27 -0.96 -6.78 -8.21
N ALA A 28 -2.16 -6.93 -8.80
CA ALA A 28 -2.43 -6.43 -10.13
C ALA A 28 -2.49 -4.89 -10.13
N VAL A 29 -2.96 -4.27 -9.04
CA VAL A 29 -2.89 -2.83 -8.84
C VAL A 29 -1.43 -2.37 -8.88
N PHE A 30 -0.60 -2.80 -7.93
CA PHE A 30 0.64 -2.10 -7.59
C PHE A 30 1.88 -2.69 -8.27
N GLY A 31 1.84 -3.90 -8.83
CA GLY A 31 3.04 -4.59 -9.31
C GLY A 31 3.69 -3.95 -10.54
N LYS A 32 3.03 -2.94 -11.13
CA LYS A 32 3.49 -2.19 -12.29
C LYS A 32 4.56 -1.13 -11.98
N TYR A 33 5.08 -1.07 -10.75
CA TYR A 33 6.07 -0.07 -10.32
C TYR A 33 7.41 -0.70 -9.88
N GLY A 34 7.50 -2.03 -9.80
CA GLY A 34 8.50 -2.67 -8.96
C GLY A 34 8.15 -4.14 -8.74
N ARG A 35 8.39 -4.65 -7.53
CA ARG A 35 8.30 -6.07 -7.19
C ARG A 35 7.59 -6.23 -5.85
N ILE A 36 6.46 -6.96 -5.82
CA ILE A 36 5.70 -7.26 -4.61
C ILE A 36 6.11 -8.65 -4.10
N VAL A 37 6.27 -8.78 -2.79
CA VAL A 37 6.35 -10.05 -2.07
C VAL A 37 5.34 -10.10 -0.90
N GLU A 38 4.83 -8.96 -0.42
CA GLU A 38 4.00 -8.85 0.78
C GLU A 38 2.80 -7.93 0.56
N VAL A 39 1.61 -8.45 0.89
CA VAL A 39 0.32 -7.78 0.82
C VAL A 39 -0.47 -8.19 2.07
N LEU A 40 -1.02 -7.22 2.80
CA LEU A 40 -1.84 -7.41 3.99
C LEU A 40 -3.13 -6.58 3.84
N LEU A 41 -4.24 -7.25 3.56
CA LEU A 41 -5.55 -6.61 3.43
C LEU A 41 -6.25 -6.66 4.78
N MET A 42 -7.03 -5.63 5.11
CA MET A 42 -7.69 -5.50 6.42
C MET A 42 -9.18 -5.72 6.20
N LYS A 43 -9.77 -6.69 6.90
CA LYS A 43 -11.19 -7.07 6.75
C LYS A 43 -11.93 -6.84 8.04
N ASP A 44 -13.21 -6.50 7.86
CA ASP A 44 -14.17 -6.36 8.95
C ASP A 44 -14.42 -7.71 9.64
N ARG A 45 -14.99 -7.72 10.85
CA ARG A 45 -15.62 -8.88 11.44
C ARG A 45 -17.10 -8.56 11.48
N GLU A 46 -17.77 -8.88 10.39
CA GLU A 46 -19.16 -8.63 10.13
C GLU A 46 -19.48 -9.49 8.92
N THR A 47 -18.92 -9.16 7.75
CA THR A 47 -19.40 -9.62 6.45
C THR A 47 -18.28 -9.80 5.42
N ASN A 48 -17.05 -10.00 5.90
CA ASN A 48 -15.81 -9.98 5.12
C ASN A 48 -15.62 -8.71 4.27
N LYS A 49 -16.36 -7.62 4.53
CA LYS A 49 -16.04 -6.33 3.88
C LYS A 49 -14.59 -6.01 4.16
N SER A 50 -13.90 -5.39 3.21
CA SER A 50 -12.64 -4.77 3.50
C SER A 50 -12.91 -3.52 4.35
N ARG A 51 -11.98 -3.14 5.23
CA ARG A 51 -12.14 -1.99 6.13
C ARG A 51 -11.98 -0.63 5.44
N GLY A 52 -11.80 -0.58 4.12
CA GLY A 52 -11.61 0.66 3.39
C GLY A 52 -10.14 1.12 3.40
N PHE A 53 -9.23 0.37 4.02
CA PHE A 53 -7.81 0.63 4.03
C PHE A 53 -7.07 -0.71 3.94
N ALA A 54 -5.79 -0.67 3.59
CA ALA A 54 -4.95 -1.85 3.39
C ALA A 54 -3.47 -1.47 3.50
N PHE A 55 -2.59 -2.47 3.42
CA PHE A 55 -1.15 -2.28 3.56
C PHE A 55 -0.43 -3.23 2.65
N VAL A 56 0.46 -2.62 1.87
CA VAL A 56 1.31 -3.29 0.94
C VAL A 56 2.76 -3.01 1.30
N THR A 57 3.67 -3.85 0.84
CA THR A 57 5.11 -3.66 1.02
C THR A 57 5.74 -3.92 -0.35
N PHE A 58 6.98 -3.49 -0.61
CA PHE A 58 7.68 -3.88 -1.84
C PHE A 58 9.01 -4.57 -1.50
N GLU A 59 9.50 -5.39 -2.43
CA GLU A 59 10.77 -6.11 -2.38
C GLU A 59 11.97 -5.16 -2.40
N SER A 60 11.74 -3.91 -2.82
CA SER A 60 12.71 -2.84 -2.75
C SER A 60 12.05 -1.56 -2.20
N PRO A 61 12.79 -0.75 -1.41
CA PRO A 61 12.26 0.46 -0.81
C PRO A 61 12.21 1.65 -1.79
N ALA A 62 12.83 1.53 -2.98
CA ALA A 62 12.76 2.49 -4.06
C ALA A 62 11.36 2.53 -4.66
N ASP A 63 10.84 1.36 -4.99
CA ASP A 63 9.51 1.11 -5.52
C ASP A 63 8.49 1.80 -4.61
N ALA A 64 8.73 1.67 -3.29
CA ALA A 64 7.88 2.17 -2.24
C ALA A 64 7.97 3.68 -2.03
N LYS A 65 8.73 4.40 -2.85
CA LYS A 65 8.73 5.86 -2.93
C LYS A 65 7.89 6.31 -4.11
N ASP A 66 8.02 5.65 -5.26
CA ASP A 66 7.39 6.11 -6.50
C ASP A 66 5.96 5.62 -6.59
N ALA A 67 5.75 4.33 -6.35
CA ALA A 67 4.42 3.74 -6.32
C ALA A 67 3.58 4.37 -5.22
N ALA A 68 4.24 4.90 -4.18
CA ALA A 68 3.60 5.67 -3.14
C ALA A 68 3.21 7.06 -3.64
N ARG A 69 4.03 7.69 -4.48
CA ARG A 69 3.84 9.06 -4.90
C ARG A 69 2.79 9.10 -6.00
N ASP A 70 2.97 8.33 -7.07
CA ASP A 70 2.16 8.45 -8.28
C ASP A 70 0.73 7.98 -8.04
N MET A 71 0.57 6.84 -7.36
CA MET A 71 -0.73 6.17 -7.26
C MET A 71 -1.61 6.75 -6.15
N ASN A 72 -1.12 7.74 -5.38
CA ASN A 72 -1.84 8.48 -4.36
C ASN A 72 -2.90 9.42 -4.97
N GLY A 73 -3.92 9.75 -4.17
CA GLY A 73 -4.90 10.80 -4.44
C GLY A 73 -5.95 10.42 -5.50
N LYS A 74 -5.60 9.53 -6.43
CA LYS A 74 -6.44 9.08 -7.53
C LYS A 74 -7.68 8.35 -7.04
N SER A 75 -8.53 7.99 -7.99
CA SER A 75 -9.69 7.17 -7.78
C SER A 75 -9.41 5.75 -8.26
N LEU A 76 -10.19 4.82 -7.74
CA LEU A 76 -10.30 3.45 -8.18
C LEU A 76 -11.78 3.10 -8.09
N ASP A 77 -12.39 2.72 -9.20
CA ASP A 77 -13.82 2.44 -9.35
C ASP A 77 -14.72 3.59 -8.92
N GLY A 78 -14.23 4.83 -9.11
CA GLY A 78 -14.92 6.04 -8.70
C GLY A 78 -14.75 6.37 -7.22
N LYS A 79 -13.98 5.59 -6.47
CA LYS A 79 -13.72 5.79 -5.05
C LYS A 79 -12.39 6.51 -4.98
N ALA A 80 -12.37 7.73 -4.45
CA ALA A 80 -11.13 8.40 -4.13
C ALA A 80 -10.39 7.52 -3.12
N ILE A 81 -9.19 7.08 -3.49
CA ILE A 81 -8.28 6.33 -2.65
C ILE A 81 -7.10 7.23 -2.28
N LYS A 82 -6.32 6.84 -1.27
CA LYS A 82 -5.03 7.45 -0.94
C LYS A 82 -3.98 6.35 -0.93
N VAL A 83 -2.73 6.71 -1.16
CA VAL A 83 -1.56 5.87 -0.95
C VAL A 83 -0.58 6.74 -0.17
N GLU A 84 -0.08 6.28 0.97
CA GLU A 84 0.91 7.00 1.76
C GLU A 84 2.02 6.04 2.17
N GLN A 85 3.05 6.54 2.85
CA GLN A 85 4.17 5.74 3.31
C GLN A 85 3.97 5.50 4.81
N ALA A 86 3.70 4.25 5.21
CA ALA A 86 3.41 3.88 6.59
C ALA A 86 4.70 3.82 7.42
N THR A 87 5.40 4.94 7.54
CA THR A 87 6.74 5.05 8.09
C THR A 87 6.84 6.45 8.69
N LYS A 88 8.06 6.89 8.98
CA LYS A 88 8.42 8.24 9.41
C LYS A 88 9.51 8.75 8.47
N PRO A 89 9.67 10.07 8.30
CA PRO A 89 10.61 10.63 7.34
C PRO A 89 12.06 10.44 7.79
N SER A 90 12.30 10.51 9.10
CA SER A 90 13.61 10.65 9.72
C SER A 90 13.57 10.03 11.11
N PHE A 91 13.07 8.79 11.24
CA PHE A 91 12.97 8.20 12.56
C PHE A 91 14.39 7.91 13.05
N GLU A 92 14.65 8.41 14.25
CA GLU A 92 15.77 8.03 15.11
C GLU A 92 15.91 6.51 15.12
N GLY A 1 13.83 -24.45 5.62
CA GLY A 1 13.93 -23.76 6.90
C GLY A 1 12.97 -22.59 6.97
N HIS A 2 13.30 -21.62 7.82
CA HIS A 2 12.76 -20.27 7.81
C HIS A 2 13.93 -19.30 7.90
N MET A 3 13.68 -18.00 7.71
CA MET A 3 14.68 -16.96 7.83
C MET A 3 13.99 -15.64 8.07
N VAL A 4 14.40 -14.92 9.12
CA VAL A 4 13.75 -13.68 9.55
C VAL A 4 14.76 -12.54 9.69
N GLU A 5 16.01 -12.80 9.33
CA GLU A 5 17.17 -11.93 9.44
C GLU A 5 17.42 -11.36 8.05
N ALA A 6 16.68 -10.30 7.74
CA ALA A 6 16.72 -9.53 6.51
C ALA A 6 16.40 -8.08 6.87
N ASP A 7 16.08 -7.24 5.89
CA ASP A 7 15.12 -6.17 6.07
C ASP A 7 14.31 -6.06 4.77
N ARG A 8 13.23 -5.27 4.76
CA ARG A 8 12.46 -4.99 3.57
C ARG A 8 11.80 -3.61 3.73
N PRO A 9 12.54 -2.50 3.73
CA PRO A 9 11.99 -1.16 3.99
C PRO A 9 11.19 -0.58 2.81
N GLY A 10 10.09 -1.24 2.47
CA GLY A 10 9.15 -0.88 1.42
C GLY A 10 7.71 -1.00 1.90
N LYS A 11 7.35 -0.30 2.98
CA LYS A 11 6.05 -0.38 3.64
C LYS A 11 5.15 0.79 3.25
N LEU A 12 3.98 0.49 2.71
CA LEU A 12 3.02 1.47 2.18
C LEU A 12 1.84 1.63 3.11
N PHE A 13 1.09 2.72 2.96
CA PHE A 13 -0.14 2.99 3.71
C PHE A 13 -1.22 3.36 2.70
N ILE A 14 -2.28 2.56 2.56
CA ILE A 14 -3.32 2.79 1.55
C ILE A 14 -4.66 2.87 2.27
N GLY A 15 -5.45 3.91 1.99
CA GLY A 15 -6.79 4.13 2.54
C GLY A 15 -7.80 4.42 1.44
N GLY A 16 -9.04 4.75 1.80
CA GLY A 16 -10.16 4.97 0.89
C GLY A 16 -10.51 3.76 0.03
N LEU A 17 -10.02 2.58 0.41
CA LEU A 17 -10.24 1.31 -0.26
C LEU A 17 -11.57 0.73 0.09
N ASN A 18 -11.81 -0.38 -0.59
CA ASN A 18 -13.10 -0.86 -0.94
C ASN A 18 -13.70 -1.67 0.21
N THR A 19 -14.83 -2.29 -0.09
CA THR A 19 -15.37 -3.43 0.64
C THR A 19 -15.53 -4.65 -0.29
N GLU A 20 -15.30 -4.50 -1.60
CA GLU A 20 -15.59 -5.50 -2.62
C GLU A 20 -14.31 -5.88 -3.37
N THR A 21 -13.21 -6.10 -2.66
CA THR A 21 -11.90 -6.33 -3.24
C THR A 21 -11.09 -7.18 -2.27
N ASN A 22 -10.27 -8.07 -2.83
CA ASN A 22 -9.33 -8.94 -2.16
C ASN A 22 -7.90 -8.56 -2.59
N GLU A 23 -6.91 -9.11 -1.88
CA GLU A 23 -5.48 -8.82 -2.02
C GLU A 23 -5.01 -9.06 -3.44
N LYS A 24 -5.59 -10.06 -4.09
CA LYS A 24 -5.27 -10.42 -5.47
C LYS A 24 -5.52 -9.30 -6.49
N ALA A 25 -6.23 -8.22 -6.13
CA ALA A 25 -6.33 -7.06 -7.01
C ALA A 25 -5.36 -5.97 -6.61
N LEU A 26 -4.93 -5.92 -5.33
CA LEU A 26 -3.87 -5.00 -4.89
C LEU A 26 -2.57 -5.28 -5.61
N GLU A 27 -2.29 -6.57 -5.87
CA GLU A 27 -1.21 -6.99 -6.76
C GLU A 27 -1.29 -6.20 -8.07
N ALA A 28 -2.49 -6.18 -8.66
CA ALA A 28 -2.74 -5.65 -9.98
C ALA A 28 -2.84 -4.12 -9.96
N VAL A 29 -3.02 -3.48 -8.80
CA VAL A 29 -2.93 -2.03 -8.68
C VAL A 29 -1.46 -1.65 -8.81
N PHE A 30 -0.64 -2.13 -7.88
CA PHE A 30 0.65 -1.52 -7.64
C PHE A 30 1.79 -2.26 -8.34
N GLY A 31 1.54 -3.41 -8.99
CA GLY A 31 2.55 -4.26 -9.60
C GLY A 31 3.47 -3.55 -10.61
N LYS A 32 3.03 -2.41 -11.15
CA LYS A 32 3.79 -1.55 -12.08
C LYS A 32 4.89 -0.74 -11.39
N TYR A 33 4.92 -0.72 -10.06
CA TYR A 33 5.85 0.01 -9.22
C TYR A 33 6.80 -1.03 -8.64
N GLY A 34 7.67 -1.52 -9.51
CA GLY A 34 8.75 -2.43 -9.15
C GLY A 34 8.16 -3.78 -8.82
N ARG A 35 8.39 -4.32 -7.62
CA ARG A 35 7.93 -5.67 -7.26
C ARG A 35 7.29 -5.68 -5.88
N ILE A 36 5.98 -5.90 -5.82
CA ILE A 36 5.33 -6.36 -4.60
C ILE A 36 5.82 -7.77 -4.34
N VAL A 37 6.05 -8.11 -3.06
CA VAL A 37 6.26 -9.48 -2.64
C VAL A 37 5.49 -9.85 -1.36
N GLU A 38 4.62 -8.98 -0.87
CA GLU A 38 3.64 -9.30 0.18
C GLU A 38 2.49 -8.28 0.17
N VAL A 39 1.30 -8.69 0.61
CA VAL A 39 0.09 -7.87 0.70
C VAL A 39 -0.59 -8.18 2.05
N LEU A 40 -1.36 -7.24 2.60
CA LEU A 40 -2.25 -7.49 3.74
C LEU A 40 -3.49 -6.60 3.62
N LEU A 41 -4.62 -7.17 3.22
CA LEU A 41 -5.90 -6.50 3.29
C LEU A 41 -6.39 -6.60 4.73
N MET A 42 -6.36 -5.48 5.45
CA MET A 42 -6.85 -5.36 6.82
C MET A 42 -8.38 -5.52 6.81
N LYS A 43 -9.01 -5.99 7.89
CA LYS A 43 -10.45 -6.26 7.92
C LYS A 43 -11.09 -5.77 9.20
N ASP A 44 -12.39 -5.56 9.14
CA ASP A 44 -13.24 -5.22 10.28
C ASP A 44 -13.65 -6.48 11.03
N ARG A 45 -14.07 -6.32 12.30
CA ARG A 45 -14.85 -7.34 13.01
C ARG A 45 -16.09 -7.64 12.19
N GLU A 46 -16.84 -6.58 11.84
CA GLU A 46 -18.29 -6.55 11.96
C GLU A 46 -18.92 -7.72 11.24
N THR A 47 -18.42 -7.99 10.04
CA THR A 47 -19.00 -9.00 9.17
C THR A 47 -17.93 -9.48 8.16
N ASN A 48 -16.66 -9.46 8.60
CA ASN A 48 -15.49 -9.58 7.72
C ASN A 48 -15.59 -8.60 6.53
N LYS A 49 -16.22 -7.43 6.73
CA LYS A 49 -16.12 -6.30 5.82
C LYS A 49 -14.68 -5.79 5.89
N SER A 50 -14.24 -5.08 4.87
CA SER A 50 -13.02 -4.30 4.96
C SER A 50 -13.30 -3.02 5.77
N ARG A 51 -12.27 -2.51 6.44
CA ARG A 51 -12.26 -1.17 7.04
C ARG A 51 -11.89 -0.10 6.00
N GLY A 52 -11.59 -0.48 4.76
CA GLY A 52 -11.31 0.45 3.68
C GLY A 52 -9.88 1.00 3.76
N PHE A 53 -8.95 0.25 4.34
CA PHE A 53 -7.52 0.51 4.27
C PHE A 53 -6.79 -0.82 4.12
N ALA A 54 -5.58 -0.81 3.57
CA ALA A 54 -4.79 -2.00 3.32
C ALA A 54 -3.32 -1.67 3.42
N PHE A 55 -2.50 -2.71 3.29
CA PHE A 55 -1.08 -2.65 3.39
C PHE A 55 -0.48 -3.49 2.27
N VAL A 56 0.68 -3.10 1.78
CA VAL A 56 1.42 -3.75 0.71
C VAL A 56 2.89 -3.61 1.09
N THR A 57 3.69 -4.64 0.82
CA THR A 57 5.09 -4.73 1.16
C THR A 57 5.86 -4.94 -0.14
N PHE A 58 6.61 -3.93 -0.55
CA PHE A 58 7.37 -4.01 -1.78
C PHE A 58 8.78 -4.49 -1.49
N GLU A 59 9.32 -5.20 -2.46
CA GLU A 59 10.58 -5.90 -2.42
C GLU A 59 11.71 -4.90 -2.22
N SER A 60 11.72 -3.82 -2.99
CA SER A 60 12.77 -2.82 -2.98
C SER A 60 12.21 -1.48 -2.48
N PRO A 61 13.03 -0.64 -1.81
CA PRO A 61 12.54 0.51 -1.06
C PRO A 61 12.13 1.67 -1.98
N ALA A 62 12.74 1.77 -3.15
CA ALA A 62 12.45 2.79 -4.12
C ALA A 62 11.09 2.55 -4.77
N ASP A 63 10.72 1.28 -4.94
CA ASP A 63 9.40 0.86 -5.42
C ASP A 63 8.34 1.49 -4.52
N ALA A 64 8.54 1.40 -3.21
CA ALA A 64 7.59 1.86 -2.23
C ALA A 64 7.56 3.39 -2.11
N LYS A 65 8.61 4.08 -2.56
CA LYS A 65 8.58 5.53 -2.69
C LYS A 65 7.74 5.90 -3.91
N ASP A 66 8.00 5.27 -5.06
CA ASP A 66 7.30 5.63 -6.30
C ASP A 66 5.83 5.29 -6.21
N ALA A 67 5.47 4.12 -5.67
CA ALA A 67 4.08 3.73 -5.45
C ALA A 67 3.35 4.81 -4.64
N ALA A 68 4.01 5.38 -3.64
CA ALA A 68 3.45 6.46 -2.83
C ALA A 68 3.37 7.79 -3.59
N ARG A 69 4.20 8.03 -4.61
CA ARG A 69 4.47 9.38 -5.13
C ARG A 69 4.13 9.54 -6.62
N ASP A 70 3.72 8.47 -7.29
CA ASP A 70 3.12 8.51 -8.63
C ASP A 70 1.61 8.38 -8.47
N MET A 71 1.16 7.26 -7.91
CA MET A 71 -0.23 6.81 -7.96
C MET A 71 -1.16 7.56 -7.02
N ASN A 72 -0.64 8.29 -6.04
CA ASN A 72 -1.44 9.06 -5.10
C ASN A 72 -2.29 10.10 -5.85
N GLY A 73 -3.58 10.09 -5.56
CA GLY A 73 -4.58 11.06 -5.99
C GLY A 73 -5.58 10.48 -7.01
N LYS A 74 -5.30 9.33 -7.64
CA LYS A 74 -6.30 8.70 -8.52
C LYS A 74 -7.25 7.82 -7.72
N SER A 75 -8.44 7.62 -8.29
CA SER A 75 -9.39 6.62 -7.83
C SER A 75 -8.94 5.25 -8.34
N LEU A 76 -9.47 4.23 -7.68
CA LEU A 76 -9.31 2.83 -8.00
C LEU A 76 -10.71 2.31 -8.30
N ASP A 77 -10.99 2.01 -9.56
CA ASP A 77 -12.27 1.45 -10.02
C ASP A 77 -13.47 2.40 -9.86
N GLY A 78 -13.29 3.57 -9.25
CA GLY A 78 -14.31 4.54 -8.89
C GLY A 78 -14.33 4.82 -7.38
N LYS A 79 -13.41 4.25 -6.61
CA LYS A 79 -13.26 4.44 -5.18
C LYS A 79 -12.11 5.42 -5.02
N ALA A 80 -12.36 6.57 -4.43
CA ALA A 80 -11.31 7.53 -4.15
C ALA A 80 -10.43 6.97 -3.03
N ILE A 81 -9.27 6.42 -3.37
CA ILE A 81 -8.33 5.87 -2.38
C ILE A 81 -7.47 7.01 -1.80
N LYS A 82 -6.49 6.67 -0.96
CA LYS A 82 -5.34 7.50 -0.59
C LYS A 82 -4.11 6.60 -0.63
N VAL A 83 -2.95 7.13 -1.01
CA VAL A 83 -1.69 6.41 -0.87
C VAL A 83 -0.71 7.33 -0.16
N GLU A 84 -0.15 6.84 0.94
CA GLU A 84 0.80 7.50 1.81
C GLU A 84 1.86 6.48 2.18
N GLN A 85 2.84 6.88 2.97
CA GLN A 85 3.85 6.00 3.52
C GLN A 85 3.59 5.89 5.00
N ALA A 86 3.88 4.70 5.53
CA ALA A 86 3.72 4.39 6.94
C ALA A 86 5.02 4.78 7.63
N THR A 87 5.10 6.00 8.15
CA THR A 87 6.32 6.61 8.69
C THR A 87 6.03 7.31 10.01
N LYS A 88 6.94 8.18 10.47
CA LYS A 88 6.84 8.89 11.74
C LYS A 88 7.32 10.33 11.55
N PRO A 89 6.99 11.24 12.47
CA PRO A 89 7.51 12.59 12.43
C PRO A 89 8.96 12.69 12.90
N SER A 90 9.42 11.81 13.81
CA SER A 90 10.85 11.65 14.11
C SER A 90 11.51 10.80 13.03
N PHE A 91 11.54 11.28 11.79
CA PHE A 91 12.28 10.63 10.73
C PHE A 91 13.59 11.40 10.55
N GLU A 92 14.73 10.71 10.62
CA GLU A 92 16.06 11.28 10.43
C GLU A 92 16.26 12.42 11.42
N GLY A 1 10.77 18.09 12.24
CA GLY A 1 10.87 16.71 11.77
C GLY A 1 11.64 16.61 10.46
N HIS A 2 12.94 16.91 10.44
CA HIS A 2 13.86 16.72 9.33
C HIS A 2 15.08 15.98 9.88
N MET A 3 14.92 14.74 10.31
CA MET A 3 16.01 13.88 10.75
C MET A 3 15.83 12.56 10.02
N VAL A 4 16.78 12.21 9.15
CA VAL A 4 16.61 11.16 8.15
C VAL A 4 16.93 9.77 8.75
N GLU A 5 16.98 9.69 10.08
CA GLU A 5 17.13 8.48 10.85
C GLU A 5 15.78 7.76 10.89
N ALA A 6 15.55 6.98 9.86
CA ALA A 6 14.65 5.83 9.83
C ALA A 6 14.81 5.12 8.49
N ASP A 7 14.58 3.80 8.49
CA ASP A 7 14.29 3.01 7.28
C ASP A 7 13.08 2.12 7.61
N ARG A 8 12.58 1.34 6.65
CA ARG A 8 11.59 0.30 6.79
C ARG A 8 11.77 -0.65 5.61
N PRO A 9 11.39 -1.94 5.72
CA PRO A 9 11.42 -2.87 4.60
C PRO A 9 10.26 -2.59 3.63
N GLY A 10 10.34 -1.47 2.91
CA GLY A 10 9.52 -1.10 1.76
C GLY A 10 8.03 -0.98 2.07
N LYS A 11 7.69 -0.68 3.32
CA LYS A 11 6.31 -0.50 3.78
C LYS A 11 5.69 0.75 3.15
N LEU A 12 4.38 0.77 2.97
CA LEU A 12 3.60 1.87 2.38
C LEU A 12 2.53 2.37 3.35
N PHE A 13 1.65 3.29 2.93
CA PHE A 13 0.31 3.49 3.50
C PHE A 13 -0.68 3.65 2.35
N ILE A 14 -1.81 2.94 2.37
CA ILE A 14 -2.96 3.18 1.51
C ILE A 14 -4.21 3.26 2.39
N GLY A 15 -5.24 3.99 1.94
CA GLY A 15 -6.56 4.03 2.55
C GLY A 15 -7.60 4.50 1.54
N GLY A 16 -8.84 4.67 2.01
CA GLY A 16 -9.98 5.04 1.18
C GLY A 16 -10.52 3.89 0.33
N LEU A 17 -10.08 2.65 0.57
CA LEU A 17 -10.33 1.52 -0.33
C LEU A 17 -11.81 1.16 -0.45
N ASN A 18 -12.16 0.44 -1.53
CA ASN A 18 -13.48 -0.14 -1.71
C ASN A 18 -13.65 -1.40 -0.84
N THR A 19 -14.80 -2.07 -0.93
CA THR A 19 -15.19 -3.13 -0.02
C THR A 19 -15.39 -4.49 -0.70
N GLU A 20 -14.96 -4.70 -1.95
CA GLU A 20 -14.96 -6.03 -2.57
C GLU A 20 -13.66 -6.27 -3.37
N THR A 21 -12.60 -5.52 -3.06
CA THR A 21 -11.24 -5.73 -3.53
C THR A 21 -10.72 -7.07 -2.95
N ASN A 22 -9.68 -7.67 -3.53
CA ASN A 22 -8.99 -8.81 -2.95
C ASN A 22 -7.48 -8.64 -3.14
N GLU A 23 -6.66 -9.52 -2.54
CA GLU A 23 -5.18 -9.41 -2.57
C GLU A 23 -4.64 -9.52 -4.01
N LYS A 24 -5.29 -10.33 -4.85
CA LYS A 24 -4.98 -10.43 -6.26
C LYS A 24 -5.22 -9.10 -6.99
N ALA A 25 -6.30 -8.39 -6.65
CA ALA A 25 -6.58 -7.09 -7.23
C ALA A 25 -5.53 -6.08 -6.79
N LEU A 26 -5.07 -6.15 -5.54
CA LEU A 26 -3.98 -5.35 -4.99
C LEU A 26 -2.68 -5.55 -5.78
N GLU A 27 -2.38 -6.77 -6.22
CA GLU A 27 -1.25 -7.00 -7.12
C GLU A 27 -1.43 -6.15 -8.38
N ALA A 28 -2.63 -6.19 -8.96
CA ALA A 28 -2.91 -5.47 -10.19
C ALA A 28 -2.79 -3.94 -10.01
N VAL A 29 -3.00 -3.43 -8.79
CA VAL A 29 -2.80 -2.01 -8.46
C VAL A 29 -1.30 -1.67 -8.59
N PHE A 30 -0.44 -2.25 -7.74
CA PHE A 30 0.92 -1.72 -7.57
C PHE A 30 1.98 -2.55 -8.30
N GLY A 31 1.62 -3.67 -8.92
CA GLY A 31 2.57 -4.59 -9.56
C GLY A 31 3.29 -4.00 -10.77
N LYS A 32 2.91 -2.79 -11.18
CA LYS A 32 3.47 -2.05 -12.30
C LYS A 32 4.72 -1.23 -11.92
N TYR A 33 5.12 -1.19 -10.65
CA TYR A 33 6.20 -0.34 -10.18
C TYR A 33 7.49 -1.11 -9.88
N GLY A 34 7.45 -2.42 -9.64
CA GLY A 34 8.61 -3.17 -9.18
C GLY A 34 8.27 -4.62 -8.91
N ARG A 35 8.47 -5.08 -7.67
CA ARG A 35 8.33 -6.46 -7.25
C ARG A 35 7.73 -6.51 -5.85
N ILE A 36 6.40 -6.62 -5.77
CA ILE A 36 5.68 -6.83 -4.52
C ILE A 36 6.13 -8.16 -3.92
N VAL A 37 6.12 -8.21 -2.59
CA VAL A 37 6.50 -9.39 -1.82
C VAL A 37 5.56 -9.63 -0.62
N GLU A 38 4.54 -8.79 -0.42
CA GLU A 38 3.63 -8.82 0.72
C GLU A 38 2.35 -8.07 0.34
N VAL A 39 1.17 -8.60 0.67
CA VAL A 39 -0.14 -7.97 0.47
C VAL A 39 -1.03 -8.32 1.67
N LEU A 40 -1.06 -7.45 2.70
CA LEU A 40 -1.91 -7.61 3.87
C LEU A 40 -3.23 -6.88 3.63
N LEU A 41 -4.31 -7.62 3.37
CA LEU A 41 -5.64 -7.05 3.18
C LEU A 41 -6.38 -7.10 4.52
N MET A 42 -6.76 -5.95 5.08
CA MET A 42 -7.34 -5.80 6.42
C MET A 42 -8.85 -5.89 6.34
N LYS A 43 -9.47 -6.75 7.17
CA LYS A 43 -10.90 -7.03 7.07
C LYS A 43 -11.64 -6.67 8.35
N ASP A 44 -12.92 -6.41 8.18
CA ASP A 44 -13.90 -6.13 9.20
C ASP A 44 -14.27 -7.44 9.90
N ARG A 45 -15.14 -7.35 10.90
CA ARG A 45 -15.67 -8.49 11.62
C ARG A 45 -17.18 -8.64 11.41
N GLU A 46 -17.82 -7.67 10.75
CA GLU A 46 -19.23 -7.64 10.41
C GLU A 46 -19.60 -8.73 9.39
N THR A 47 -18.97 -8.72 8.22
CA THR A 47 -19.46 -9.46 7.05
C THR A 47 -18.29 -9.88 6.15
N ASN A 48 -17.11 -10.09 6.75
CA ASN A 48 -15.86 -10.41 6.06
C ASN A 48 -15.43 -9.34 5.03
N LYS A 49 -16.10 -8.17 5.02
CA LYS A 49 -15.77 -7.00 4.21
C LYS A 49 -14.39 -6.47 4.57
N SER A 50 -13.81 -5.63 3.74
CA SER A 50 -12.63 -4.84 4.08
C SER A 50 -12.95 -3.81 5.18
N ARG A 51 -11.89 -3.31 5.84
CA ARG A 51 -11.92 -2.13 6.70
C ARG A 51 -11.78 -0.82 5.92
N GLY A 52 -11.74 -0.82 4.59
CA GLY A 52 -11.60 0.40 3.81
C GLY A 52 -10.19 0.98 3.86
N PHE A 53 -9.21 0.19 4.31
CA PHE A 53 -7.79 0.43 4.14
C PHE A 53 -7.13 -0.93 3.98
N ALA A 54 -5.90 -0.97 3.51
CA ALA A 54 -5.07 -2.16 3.44
C ALA A 54 -3.64 -1.73 3.77
N PHE A 55 -2.70 -2.66 3.74
CA PHE A 55 -1.30 -2.38 3.97
C PHE A 55 -0.50 -3.14 2.91
N VAL A 56 0.48 -2.51 2.25
CA VAL A 56 1.29 -3.12 1.19
C VAL A 56 2.76 -2.88 1.52
N THR A 57 3.60 -3.82 1.07
CA THR A 57 5.00 -3.89 1.40
C THR A 57 5.75 -4.38 0.16
N PHE A 58 6.79 -3.66 -0.23
CA PHE A 58 7.49 -3.86 -1.48
C PHE A 58 8.90 -4.35 -1.20
N GLU A 59 9.42 -5.24 -2.05
CA GLU A 59 10.71 -5.86 -1.82
C GLU A 59 11.86 -4.86 -1.82
N SER A 60 11.80 -3.81 -2.65
CA SER A 60 12.86 -2.81 -2.76
C SER A 60 12.30 -1.44 -2.39
N PRO A 61 13.13 -0.51 -1.89
CA PRO A 61 12.64 0.78 -1.40
C PRO A 61 12.05 1.62 -2.54
N ALA A 62 12.64 1.54 -3.73
CA ALA A 62 12.29 2.34 -4.90
C ALA A 62 10.85 2.11 -5.33
N ASP A 63 10.44 0.84 -5.34
CA ASP A 63 9.11 0.35 -5.66
C ASP A 63 8.09 0.98 -4.70
N ALA A 64 8.45 1.15 -3.42
CA ALA A 64 7.59 1.80 -2.45
C ALA A 64 7.62 3.33 -2.61
N LYS A 65 8.78 3.94 -2.86
CA LYS A 65 8.88 5.39 -3.04
C LYS A 65 7.95 5.81 -4.17
N ASP A 66 8.06 5.18 -5.33
CA ASP A 66 7.32 5.63 -6.50
C ASP A 66 5.85 5.35 -6.31
N ALA A 67 5.48 4.23 -5.69
CA ALA A 67 4.09 3.94 -5.44
C ALA A 67 3.43 5.05 -4.60
N ALA A 68 4.15 5.53 -3.56
CA ALA A 68 3.73 6.63 -2.72
C ALA A 68 3.67 7.98 -3.47
N ARG A 69 4.28 8.08 -4.66
CA ARG A 69 4.56 9.32 -5.37
C ARG A 69 4.12 9.24 -6.83
N ASP A 70 3.19 8.34 -7.14
CA ASP A 70 2.60 8.23 -8.47
C ASP A 70 1.10 8.04 -8.30
N MET A 71 0.67 6.88 -7.78
CA MET A 71 -0.73 6.56 -7.60
C MET A 71 -1.40 7.33 -6.45
N ASN A 72 -0.73 8.30 -5.84
CA ASN A 72 -1.27 9.10 -4.74
C ASN A 72 -2.63 9.71 -5.09
N GLY A 73 -3.61 9.43 -4.23
CA GLY A 73 -4.93 10.04 -4.25
C GLY A 73 -5.86 9.51 -5.37
N LYS A 74 -5.40 8.57 -6.21
CA LYS A 74 -6.13 8.14 -7.39
C LYS A 74 -7.52 7.61 -7.11
N SER A 75 -8.28 7.54 -8.19
CA SER A 75 -9.51 6.78 -8.25
C SER A 75 -9.16 5.30 -8.39
N LEU A 76 -10.06 4.47 -7.89
CA LEU A 76 -9.98 3.02 -7.96
C LEU A 76 -11.41 2.54 -7.84
N ASP A 77 -11.87 1.67 -8.74
CA ASP A 77 -13.19 1.06 -8.68
C ASP A 77 -14.36 2.07 -8.73
N GLY A 78 -14.09 3.32 -9.13
CA GLY A 78 -15.05 4.42 -9.10
C GLY A 78 -15.10 5.18 -7.78
N LYS A 79 -14.08 5.02 -6.93
CA LYS A 79 -13.95 5.54 -5.57
C LYS A 79 -12.73 6.46 -5.47
N ALA A 80 -12.30 6.83 -4.27
CA ALA A 80 -11.17 7.72 -4.02
C ALA A 80 -10.24 7.17 -2.93
N ILE A 81 -9.11 6.58 -3.32
CA ILE A 81 -8.08 6.15 -2.38
C ILE A 81 -7.21 7.33 -1.97
N LYS A 82 -6.33 7.07 -1.00
CA LYS A 82 -5.15 7.88 -0.72
C LYS A 82 -3.98 6.92 -0.71
N VAL A 83 -2.79 7.39 -1.05
CA VAL A 83 -1.53 6.71 -0.86
C VAL A 83 -0.64 7.77 -0.22
N GLU A 84 0.03 7.40 0.87
CA GLU A 84 0.89 8.21 1.72
C GLU A 84 1.98 7.27 2.23
N GLN A 85 2.75 7.69 3.23
CA GLN A 85 3.70 6.80 3.88
C GLN A 85 3.28 6.59 5.32
N ALA A 86 3.49 5.37 5.81
CA ALA A 86 3.24 4.97 7.18
C ALA A 86 4.55 5.19 7.94
N THR A 87 4.80 6.44 8.32
CA THR A 87 6.04 6.85 8.96
C THR A 87 6.02 6.49 10.46
N LYS A 88 6.93 7.09 11.23
CA LYS A 88 6.94 7.06 12.69
C LYS A 88 7.16 8.48 13.23
N PRO A 89 6.71 8.75 14.46
CA PRO A 89 6.90 10.07 15.07
C PRO A 89 8.35 10.35 15.45
N SER A 90 9.15 9.30 15.66
CA SER A 90 10.56 9.35 16.02
C SER A 90 11.17 7.98 15.68
N PHE A 91 12.48 7.88 15.55
CA PHE A 91 13.21 6.63 15.53
C PHE A 91 14.65 6.89 15.96
N GLU A 92 15.27 5.86 16.54
CA GLU A 92 16.56 5.88 17.22
C GLU A 92 16.60 6.99 18.27
N GLY A 1 32.90 -6.40 10.06
CA GLY A 1 33.22 -6.18 11.49
C GLY A 1 31.94 -6.38 12.28
N HIS A 2 31.33 -5.29 12.79
CA HIS A 2 29.89 -5.17 12.60
C HIS A 2 29.63 -5.32 11.10
N MET A 3 28.53 -5.94 10.72
CA MET A 3 28.04 -6.04 9.35
C MET A 3 26.53 -6.01 9.53
N VAL A 4 25.91 -4.91 9.11
CA VAL A 4 24.59 -4.47 9.57
C VAL A 4 23.92 -3.54 8.54
N GLU A 5 24.38 -3.55 7.29
CA GLU A 5 23.93 -2.64 6.22
C GLU A 5 22.52 -3.00 5.68
N ALA A 6 21.63 -3.45 6.54
CA ALA A 6 20.21 -3.50 6.25
C ALA A 6 19.66 -2.09 6.32
N ASP A 7 18.94 -1.67 5.29
CA ASP A 7 17.84 -0.76 5.44
C ASP A 7 16.87 -1.04 4.31
N ARG A 8 15.56 -1.02 4.59
CA ARG A 8 14.53 -1.34 3.61
C ARG A 8 13.32 -0.45 3.90
N PRO A 9 13.37 0.85 3.61
CA PRO A 9 12.21 1.73 3.72
C PRO A 9 11.25 1.45 2.55
N GLY A 10 10.56 0.31 2.65
CA GLY A 10 9.76 -0.32 1.61
C GLY A 10 8.34 -0.67 2.07
N LYS A 11 7.65 0.25 2.76
CA LYS A 11 6.29 0.11 3.25
C LYS A 11 5.44 1.27 2.76
N LEU A 12 4.11 1.07 2.69
CA LEU A 12 3.14 2.14 2.45
C LEU A 12 1.83 1.85 3.19
N PHE A 13 0.97 2.86 3.29
CA PHE A 13 -0.27 2.88 4.05
C PHE A 13 -1.41 3.28 3.12
N ILE A 14 -2.46 2.47 2.99
CA ILE A 14 -3.52 2.66 2.01
C ILE A 14 -4.85 2.77 2.73
N GLY A 15 -5.75 3.64 2.27
CA GLY A 15 -6.91 4.08 3.05
C GLY A 15 -7.96 4.81 2.20
N GLY A 16 -8.65 4.07 1.36
CA GLY A 16 -9.89 4.51 0.72
C GLY A 16 -10.40 3.45 -0.26
N LEU A 17 -10.19 2.19 0.13
CA LEU A 17 -10.25 1.04 -0.75
C LEU A 17 -11.70 0.62 -0.98
N ASN A 18 -11.91 -0.18 -2.01
CA ASN A 18 -13.24 -0.66 -2.37
C ASN A 18 -13.60 -1.83 -1.45
N THR A 19 -14.89 -2.13 -1.31
CA THR A 19 -15.33 -3.04 -0.26
C THR A 19 -15.12 -4.52 -0.60
N GLU A 20 -14.79 -4.84 -1.85
CA GLU A 20 -14.83 -6.19 -2.39
C GLU A 20 -13.62 -6.46 -3.32
N THR A 21 -12.54 -5.68 -3.15
CA THR A 21 -11.23 -6.01 -3.69
C THR A 21 -10.72 -7.29 -2.99
N ASN A 22 -9.60 -7.83 -3.46
CA ASN A 22 -8.89 -8.93 -2.84
C ASN A 22 -7.40 -8.77 -3.14
N GLU A 23 -6.57 -9.64 -2.60
CA GLU A 23 -5.11 -9.45 -2.56
C GLU A 23 -4.52 -9.59 -3.97
N LYS A 24 -4.94 -10.61 -4.72
CA LYS A 24 -4.59 -10.80 -6.14
C LYS A 24 -5.04 -9.62 -7.01
N ALA A 25 -6.08 -8.88 -6.60
CA ALA A 25 -6.52 -7.68 -7.28
C ALA A 25 -5.68 -6.46 -6.88
N LEU A 26 -5.23 -6.37 -5.63
CA LEU A 26 -4.31 -5.33 -5.15
C LEU A 26 -2.93 -5.45 -5.81
N GLU A 27 -2.50 -6.68 -6.07
CA GLU A 27 -1.31 -6.96 -6.87
C GLU A 27 -1.38 -6.22 -8.20
N ALA A 28 -2.54 -6.34 -8.84
CA ALA A 28 -2.81 -5.67 -10.12
C ALA A 28 -2.84 -4.14 -9.98
N VAL A 29 -3.12 -3.58 -8.79
CA VAL A 29 -3.07 -2.14 -8.54
C VAL A 29 -1.62 -1.69 -8.58
N PHE A 30 -0.75 -2.22 -7.71
CA PHE A 30 0.52 -1.60 -7.38
C PHE A 30 1.70 -2.24 -8.09
N GLY A 31 1.57 -3.46 -8.62
CA GLY A 31 2.72 -4.19 -9.12
C GLY A 31 3.45 -3.50 -10.28
N LYS A 32 2.73 -2.61 -10.97
CA LYS A 32 3.20 -1.87 -12.14
C LYS A 32 4.21 -0.77 -11.81
N TYR A 33 4.63 -0.61 -10.54
CA TYR A 33 5.66 0.36 -10.14
C TYR A 33 7.00 -0.32 -9.89
N GLY A 34 7.00 -1.54 -9.37
CA GLY A 34 8.23 -2.24 -9.03
C GLY A 34 8.00 -3.65 -8.48
N ARG A 35 6.82 -4.25 -8.65
CA ARG A 35 6.44 -5.51 -8.03
C ARG A 35 6.38 -5.37 -6.51
N ILE A 36 5.98 -6.43 -5.82
CA ILE A 36 5.50 -6.42 -4.45
C ILE A 36 5.90 -7.76 -3.85
N VAL A 37 6.12 -7.75 -2.53
CA VAL A 37 6.48 -8.94 -1.80
C VAL A 37 5.48 -9.25 -0.68
N GLU A 38 4.63 -8.31 -0.23
CA GLU A 38 3.62 -8.61 0.81
C GLU A 38 2.32 -7.82 0.59
N VAL A 39 1.16 -8.46 0.79
CA VAL A 39 -0.18 -7.93 0.55
C VAL A 39 -1.07 -8.21 1.77
N LEU A 40 -1.19 -7.22 2.68
CA LEU A 40 -1.97 -7.34 3.91
C LEU A 40 -3.29 -6.57 3.74
N LEU A 41 -4.41 -7.27 3.60
CA LEU A 41 -5.72 -6.69 3.27
C LEU A 41 -6.60 -6.73 4.53
N MET A 42 -6.91 -5.57 5.11
CA MET A 42 -7.64 -5.49 6.38
C MET A 42 -9.14 -5.58 6.14
N LYS A 43 -9.67 -6.79 6.32
CA LYS A 43 -11.08 -7.08 6.10
C LYS A 43 -11.84 -6.74 7.36
N ASP A 44 -13.16 -6.68 7.20
CA ASP A 44 -14.09 -6.45 8.26
C ASP A 44 -14.50 -7.78 8.85
N ARG A 45 -14.91 -7.78 10.12
CA ARG A 45 -15.49 -8.96 10.75
C ARG A 45 -16.97 -9.12 10.39
N GLU A 46 -17.52 -8.22 9.58
CA GLU A 46 -18.87 -8.31 9.05
C GLU A 46 -18.98 -9.58 8.22
N THR A 47 -18.43 -9.55 7.00
CA THR A 47 -18.93 -10.40 5.91
C THR A 47 -17.85 -10.46 4.81
N ASN A 48 -16.58 -10.50 5.22
CA ASN A 48 -15.39 -10.45 4.37
C ASN A 48 -15.32 -9.17 3.52
N LYS A 49 -16.14 -8.14 3.82
CA LYS A 49 -16.00 -6.79 3.25
C LYS A 49 -14.64 -6.24 3.66
N SER A 50 -14.10 -5.26 2.97
CA SER A 50 -12.92 -4.55 3.44
C SER A 50 -13.34 -3.52 4.49
N ARG A 51 -12.40 -3.15 5.37
CA ARG A 51 -12.53 -1.95 6.21
C ARG A 51 -12.05 -0.71 5.45
N GLY A 52 -11.65 -0.84 4.18
CA GLY A 52 -11.33 0.29 3.32
C GLY A 52 -9.89 0.77 3.49
N PHE A 53 -9.06 0.08 4.29
CA PHE A 53 -7.66 0.40 4.48
C PHE A 53 -6.87 -0.91 4.37
N ALA A 54 -5.59 -0.81 4.04
CA ALA A 54 -4.71 -1.95 3.85
C ALA A 54 -3.24 -1.51 3.91
N PHE A 55 -2.33 -2.46 3.76
CA PHE A 55 -0.89 -2.29 3.90
C PHE A 55 -0.21 -3.12 2.81
N VAL A 56 0.70 -2.52 2.06
CA VAL A 56 1.44 -3.20 1.00
C VAL A 56 2.91 -2.99 1.30
N THR A 57 3.70 -4.03 1.04
CA THR A 57 5.12 -4.03 1.34
C THR A 57 5.85 -4.45 0.09
N PHE A 58 6.95 -3.76 -0.19
CA PHE A 58 7.67 -3.88 -1.43
C PHE A 58 9.09 -4.28 -1.09
N GLU A 59 9.66 -5.14 -1.92
CA GLU A 59 10.88 -5.85 -1.63
C GLU A 59 12.03 -4.84 -1.67
N SER A 60 12.15 -4.07 -2.76
CA SER A 60 13.10 -2.97 -2.82
C SER A 60 12.41 -1.72 -2.27
N PRO A 61 13.12 -0.82 -1.56
CA PRO A 61 12.55 0.46 -1.14
C PRO A 61 12.19 1.35 -2.34
N ALA A 62 12.89 1.24 -3.47
CA ALA A 62 12.57 1.98 -4.69
C ALA A 62 11.14 1.73 -5.15
N ASP A 63 10.68 0.49 -5.03
CA ASP A 63 9.37 0.08 -5.50
C ASP A 63 8.29 0.75 -4.66
N ALA A 64 8.56 0.97 -3.36
CA ALA A 64 7.65 1.61 -2.43
C ALA A 64 7.73 3.13 -2.52
N LYS A 65 8.81 3.67 -3.07
CA LYS A 65 8.84 5.09 -3.41
C LYS A 65 7.80 5.30 -4.51
N ASP A 66 7.96 4.65 -5.66
CA ASP A 66 7.14 4.97 -6.82
C ASP A 66 5.66 4.68 -6.62
N ALA A 67 5.31 3.59 -5.92
CA ALA A 67 3.92 3.24 -5.66
C ALA A 67 3.16 4.30 -4.84
N ALA A 68 3.84 5.31 -4.28
CA ALA A 68 3.24 6.51 -3.66
C ALA A 68 3.87 7.81 -4.17
N ARG A 69 4.52 7.76 -5.33
CA ARG A 69 5.06 8.93 -6.05
C ARG A 69 4.49 9.01 -7.46
N ASP A 70 3.59 8.11 -7.85
CA ASP A 70 2.62 8.33 -8.90
C ASP A 70 1.24 7.87 -8.46
N MET A 71 1.11 6.63 -7.98
CA MET A 71 -0.21 6.01 -7.83
C MET A 71 -1.05 6.57 -6.68
N ASN A 72 -0.47 7.38 -5.80
CA ASN A 72 -1.20 8.11 -4.79
C ASN A 72 -2.05 9.21 -5.44
N GLY A 73 -2.97 9.81 -4.69
CA GLY A 73 -3.66 11.02 -5.10
C GLY A 73 -4.78 10.84 -6.14
N LYS A 74 -5.12 9.61 -6.56
CA LYS A 74 -6.18 9.31 -7.53
C LYS A 74 -7.29 8.47 -6.90
N SER A 75 -8.20 7.99 -7.73
CA SER A 75 -9.29 7.09 -7.40
C SER A 75 -9.01 5.71 -8.01
N LEU A 76 -9.67 4.69 -7.47
CA LEU A 76 -9.71 3.33 -7.97
C LEU A 76 -10.90 3.23 -8.94
N ASP A 77 -11.43 2.01 -9.13
CA ASP A 77 -12.60 1.72 -9.97
C ASP A 77 -13.84 2.52 -9.59
N GLY A 78 -13.88 3.17 -8.43
CA GLY A 78 -14.97 4.07 -8.09
C GLY A 78 -14.81 4.87 -6.80
N LYS A 79 -13.67 4.81 -6.09
CA LYS A 79 -13.56 5.41 -4.76
C LYS A 79 -12.25 6.15 -4.74
N ALA A 80 -12.23 7.29 -4.06
CA ALA A 80 -11.03 8.09 -3.90
C ALA A 80 -10.14 7.42 -2.86
N ILE A 81 -9.14 6.65 -3.29
CA ILE A 81 -8.17 6.02 -2.40
C ILE A 81 -7.27 7.07 -1.77
N LYS A 82 -6.46 6.65 -0.81
CA LYS A 82 -5.39 7.44 -0.23
C LYS A 82 -4.20 6.51 -0.11
N VAL A 83 -3.02 6.91 -0.55
CA VAL A 83 -1.79 6.14 -0.42
C VAL A 83 -0.80 7.10 0.23
N GLU A 84 -0.29 6.75 1.41
CA GLU A 84 0.56 7.61 2.22
C GLU A 84 1.71 6.81 2.81
N GLN A 85 2.66 7.56 3.37
CA GLN A 85 3.84 7.06 4.01
C GLN A 85 3.60 7.05 5.52
N ALA A 86 3.11 5.92 6.05
CA ALA A 86 3.10 5.68 7.50
C ALA A 86 4.52 5.36 7.95
N THR A 87 5.47 6.27 7.75
CA THR A 87 6.84 6.19 8.23
C THR A 87 7.33 7.61 8.46
N LYS A 88 8.48 7.73 9.13
CA LYS A 88 9.20 8.97 9.31
C LYS A 88 10.10 9.20 8.09
N PRO A 89 10.40 10.46 7.74
CA PRO A 89 11.34 10.78 6.67
C PRO A 89 12.81 10.72 7.14
N SER A 90 13.08 10.50 8.43
CA SER A 90 14.40 10.07 8.91
C SER A 90 14.31 8.62 9.36
N PHE A 91 15.45 8.04 9.71
CA PHE A 91 15.46 7.01 10.71
C PHE A 91 16.73 7.14 11.56
N GLU A 92 16.86 6.24 12.53
CA GLU A 92 18.12 5.85 13.15
C GLU A 92 19.14 5.48 12.07
N GLY A 1 26.91 13.80 14.85
CA GLY A 1 25.80 13.33 15.68
C GLY A 1 25.54 11.86 15.37
N HIS A 2 24.38 11.36 15.78
CA HIS A 2 23.89 10.00 15.55
C HIS A 2 22.44 10.19 15.10
N MET A 3 22.13 9.83 13.85
CA MET A 3 20.91 10.24 13.17
C MET A 3 20.34 9.04 12.43
N VAL A 4 19.17 8.55 12.87
CA VAL A 4 18.60 7.25 12.53
C VAL A 4 17.14 7.39 12.05
N GLU A 5 16.71 8.63 11.81
CA GLU A 5 15.37 9.04 11.44
C GLU A 5 15.12 8.79 9.94
N ALA A 6 15.24 7.53 9.50
CA ALA A 6 15.17 7.08 8.12
C ALA A 6 14.50 5.71 8.02
N ASP A 7 13.55 5.41 8.91
CA ASP A 7 13.10 4.04 9.18
C ASP A 7 12.09 3.54 8.13
N ARG A 8 12.57 3.31 6.90
CA ARG A 8 11.74 3.03 5.72
C ARG A 8 12.11 1.70 5.03
N PRO A 9 11.92 0.54 5.67
CA PRO A 9 12.10 -0.77 5.07
C PRO A 9 10.84 -1.09 4.25
N GLY A 10 10.65 -0.31 3.19
CA GLY A 10 9.73 -0.61 2.11
C GLY A 10 8.25 -0.61 2.49
N LYS A 11 7.82 0.24 3.43
CA LYS A 11 6.50 0.22 4.04
C LYS A 11 5.67 1.47 3.66
N LEU A 12 4.45 1.27 3.14
CA LEU A 12 3.51 2.32 2.74
C LEU A 12 2.21 2.19 3.54
N PHE A 13 1.16 2.93 3.20
CA PHE A 13 -0.17 2.88 3.82
C PHE A 13 -1.22 3.22 2.76
N ILE A 14 -2.39 2.56 2.76
CA ILE A 14 -3.44 2.79 1.77
C ILE A 14 -4.79 2.89 2.50
N GLY A 15 -5.63 3.86 2.13
CA GLY A 15 -6.89 4.15 2.82
C GLY A 15 -7.92 4.79 1.89
N GLY A 16 -9.01 4.09 1.58
CA GLY A 16 -10.07 4.51 0.66
C GLY A 16 -10.41 3.43 -0.37
N LEU A 17 -10.08 2.17 -0.09
CA LEU A 17 -10.27 1.04 -1.01
C LEU A 17 -11.75 0.74 -1.17
N ASN A 18 -12.12 0.07 -2.27
CA ASN A 18 -13.50 -0.37 -2.49
C ASN A 18 -13.79 -1.60 -1.62
N THR A 19 -15.05 -1.83 -1.27
CA THR A 19 -15.47 -2.89 -0.36
C THR A 19 -15.19 -4.32 -0.86
N GLU A 20 -14.82 -4.50 -2.13
CA GLU A 20 -14.68 -5.79 -2.79
C GLU A 20 -13.29 -5.94 -3.45
N THR A 21 -12.28 -5.21 -2.99
CA THR A 21 -10.90 -5.38 -3.45
C THR A 21 -10.28 -6.58 -2.71
N ASN A 22 -9.27 -7.24 -3.28
CA ASN A 22 -8.56 -8.34 -2.62
C ASN A 22 -7.08 -8.28 -3.01
N GLU A 23 -6.26 -9.06 -2.33
CA GLU A 23 -4.79 -9.12 -2.43
C GLU A 23 -4.38 -9.44 -3.88
N LYS A 24 -5.09 -10.38 -4.49
CA LYS A 24 -4.97 -10.74 -5.91
C LYS A 24 -5.15 -9.57 -6.87
N ALA A 25 -6.00 -8.62 -6.51
CA ALA A 25 -6.33 -7.48 -7.33
C ALA A 25 -5.24 -6.43 -7.15
N LEU A 26 -4.75 -6.32 -5.91
CA LEU A 26 -3.68 -5.46 -5.44
C LEU A 26 -2.35 -5.76 -6.08
N GLU A 27 -2.07 -7.04 -6.36
CA GLU A 27 -0.91 -7.45 -7.14
C GLU A 27 -0.89 -6.59 -8.42
N ALA A 28 -2.01 -6.59 -9.15
CA ALA A 28 -2.17 -5.85 -10.38
C ALA A 28 -2.28 -4.32 -10.19
N VAL A 29 -2.51 -3.80 -8.97
CA VAL A 29 -2.54 -2.36 -8.73
C VAL A 29 -1.11 -1.80 -8.78
N PHE A 30 -0.16 -2.51 -8.16
CA PHE A 30 1.15 -1.97 -7.85
C PHE A 30 2.31 -2.77 -8.45
N GLY A 31 2.09 -3.99 -8.97
CA GLY A 31 3.15 -4.80 -9.57
C GLY A 31 3.66 -4.18 -10.88
N LYS A 32 2.97 -3.16 -11.37
CA LYS A 32 3.34 -2.33 -12.51
C LYS A 32 4.39 -1.27 -12.15
N TYR A 33 5.01 -1.35 -10.97
CA TYR A 33 6.11 -0.48 -10.58
C TYR A 33 7.39 -1.29 -10.27
N GLY A 34 7.29 -2.55 -9.81
CA GLY A 34 8.42 -3.35 -9.37
C GLY A 34 7.95 -4.65 -8.70
N ARG A 35 8.82 -5.29 -7.91
CA ARG A 35 8.55 -6.57 -7.27
C ARG A 35 7.96 -6.35 -5.87
N ILE A 36 6.63 -6.40 -5.78
CA ILE A 36 5.93 -6.58 -4.52
C ILE A 36 6.38 -7.90 -3.90
N VAL A 37 6.31 -7.98 -2.57
CA VAL A 37 6.54 -9.21 -1.85
C VAL A 37 5.46 -9.46 -0.79
N GLU A 38 4.67 -8.46 -0.37
CA GLU A 38 3.85 -8.54 0.84
C GLU A 38 2.59 -7.68 0.69
N VAL A 39 1.41 -8.26 0.97
CA VAL A 39 0.09 -7.69 0.75
C VAL A 39 -0.84 -7.94 1.96
N LEU A 40 -0.67 -7.22 3.06
CA LEU A 40 -1.50 -7.33 4.26
C LEU A 40 -2.84 -6.61 4.03
N LEU A 41 -3.89 -7.34 3.67
CA LEU A 41 -5.22 -6.77 3.48
C LEU A 41 -6.07 -6.93 4.74
N MET A 42 -6.81 -5.88 5.12
CA MET A 42 -7.62 -5.87 6.33
C MET A 42 -9.08 -6.03 5.93
N LYS A 43 -9.68 -7.17 6.28
CA LYS A 43 -11.06 -7.50 5.92
C LYS A 43 -12.00 -7.29 7.09
N ASP A 44 -13.27 -7.06 6.76
CA ASP A 44 -14.37 -6.86 7.68
C ASP A 44 -14.75 -8.20 8.33
N ARG A 45 -15.80 -8.23 9.14
CA ARG A 45 -16.40 -9.47 9.63
C ARG A 45 -17.67 -9.82 8.86
N GLU A 46 -18.21 -8.91 8.06
CA GLU A 46 -19.51 -9.09 7.43
C GLU A 46 -19.45 -10.23 6.43
N THR A 47 -18.79 -10.01 5.29
CA THR A 47 -18.93 -10.85 4.11
C THR A 47 -17.62 -10.89 3.33
N ASN A 48 -16.49 -11.11 4.02
CA ASN A 48 -15.14 -11.07 3.44
C ASN A 48 -14.88 -9.74 2.71
N LYS A 49 -15.64 -8.69 3.07
CA LYS A 49 -15.53 -7.33 2.56
C LYS A 49 -14.27 -6.68 3.10
N SER A 50 -13.89 -5.53 2.54
CA SER A 50 -12.76 -4.73 2.98
C SER A 50 -13.15 -3.87 4.19
N ARG A 51 -12.17 -3.50 5.02
CA ARG A 51 -12.26 -2.46 6.05
C ARG A 51 -12.07 -1.04 5.48
N GLY A 52 -11.84 -0.93 4.17
CA GLY A 52 -11.60 0.31 3.45
C GLY A 52 -10.13 0.76 3.48
N PHE A 53 -9.25 0.15 4.28
CA PHE A 53 -7.85 0.51 4.43
C PHE A 53 -7.02 -0.78 4.36
N ALA A 54 -5.72 -0.65 4.11
CA ALA A 54 -4.82 -1.77 3.91
C ALA A 54 -3.35 -1.36 4.08
N PHE A 55 -2.45 -2.31 3.87
CA PHE A 55 -1.01 -2.12 3.93
C PHE A 55 -0.36 -2.95 2.82
N VAL A 56 0.66 -2.43 2.12
CA VAL A 56 1.43 -3.13 1.10
C VAL A 56 2.91 -2.92 1.43
N THR A 57 3.75 -3.87 1.06
CA THR A 57 5.18 -3.88 1.32
C THR A 57 5.89 -4.39 0.07
N PHE A 58 6.99 -3.73 -0.32
CA PHE A 58 7.69 -4.04 -1.55
C PHE A 58 9.11 -4.46 -1.19
N GLU A 59 9.66 -5.41 -1.95
CA GLU A 59 10.93 -6.08 -1.68
C GLU A 59 12.14 -5.13 -1.77
N SER A 60 11.96 -3.92 -2.31
CA SER A 60 12.98 -2.89 -2.33
C SER A 60 12.29 -1.55 -2.09
N PRO A 61 12.94 -0.60 -1.39
CA PRO A 61 12.32 0.69 -1.08
C PRO A 61 12.18 1.55 -2.35
N ALA A 62 12.95 1.26 -3.39
CA ALA A 62 12.76 1.85 -4.70
C ALA A 62 11.40 1.54 -5.29
N ASP A 63 10.73 0.49 -4.81
CA ASP A 63 9.39 0.15 -5.24
C ASP A 63 8.34 0.55 -4.20
N ALA A 64 8.79 1.11 -3.07
CA ALA A 64 7.94 1.69 -2.03
C ALA A 64 8.07 3.21 -1.97
N LYS A 65 8.76 3.85 -2.93
CA LYS A 65 8.79 5.30 -3.09
C LYS A 65 7.81 5.69 -4.20
N ASP A 66 7.85 4.99 -5.32
CA ASP A 66 7.23 5.43 -6.57
C ASP A 66 5.75 5.12 -6.55
N ALA A 67 5.39 3.96 -6.01
CA ALA A 67 4.01 3.53 -5.85
C ALA A 67 3.21 4.59 -5.05
N ALA A 68 3.86 5.33 -4.14
CA ALA A 68 3.27 6.39 -3.35
C ALA A 68 3.22 7.75 -4.06
N ARG A 69 3.83 7.88 -5.24
CA ARG A 69 4.05 9.13 -5.97
C ARG A 69 3.67 9.01 -7.45
N ASP A 70 2.85 8.03 -7.80
CA ASP A 70 2.12 8.00 -9.07
C ASP A 70 0.63 7.78 -8.85
N MET A 71 0.25 7.02 -7.83
CA MET A 71 -1.13 6.53 -7.67
C MET A 71 -1.86 7.07 -6.44
N ASN A 72 -1.22 7.93 -5.61
CA ASN A 72 -1.86 8.63 -4.54
C ASN A 72 -3.10 9.39 -5.04
N GLY A 73 -4.17 9.36 -4.25
CA GLY A 73 -5.34 10.23 -4.42
C GLY A 73 -6.24 9.87 -5.59
N LYS A 74 -5.91 8.86 -6.40
CA LYS A 74 -6.72 8.55 -7.57
C LYS A 74 -8.05 7.94 -7.16
N SER A 75 -9.01 8.10 -8.06
CA SER A 75 -10.25 7.34 -7.94
C SER A 75 -10.01 5.92 -8.42
N LEU A 76 -10.93 5.03 -8.06
CA LEU A 76 -11.01 3.65 -8.49
C LEU A 76 -12.48 3.27 -8.35
N ASP A 77 -13.17 3.10 -9.48
CA ASP A 77 -14.61 2.90 -9.55
C ASP A 77 -15.40 3.93 -8.74
N GLY A 78 -14.92 5.17 -8.74
CA GLY A 78 -15.53 6.31 -8.06
C GLY A 78 -14.98 6.55 -6.65
N LYS A 79 -14.20 5.62 -6.11
CA LYS A 79 -13.73 5.63 -4.72
C LYS A 79 -12.36 6.28 -4.70
N ALA A 80 -12.20 7.35 -3.93
CA ALA A 80 -10.97 8.11 -3.87
C ALA A 80 -10.02 7.46 -2.89
N ILE A 81 -9.07 6.67 -3.40
CA ILE A 81 -8.07 6.03 -2.55
C ILE A 81 -7.10 7.09 -2.01
N LYS A 82 -6.24 6.68 -1.07
CA LYS A 82 -5.11 7.44 -0.56
C LYS A 82 -3.94 6.50 -0.55
N VAL A 83 -2.73 6.96 -0.90
CA VAL A 83 -1.51 6.18 -0.75
C VAL A 83 -0.53 7.11 -0.04
N GLU A 84 -0.18 6.79 1.19
CA GLU A 84 0.78 7.54 2.01
C GLU A 84 1.85 6.56 2.49
N GLN A 85 2.76 7.00 3.36
CA GLN A 85 3.85 6.21 3.87
C GLN A 85 3.64 5.95 5.36
N ALA A 86 3.62 4.68 5.79
CA ALA A 86 3.53 4.30 7.20
C ALA A 86 4.86 4.56 7.90
N THR A 87 5.21 5.83 8.03
CA THR A 87 6.38 6.36 8.73
C THR A 87 5.95 7.69 9.40
N LYS A 88 6.84 8.28 10.20
CA LYS A 88 6.57 9.44 11.03
C LYS A 88 7.79 10.37 10.96
N PRO A 89 7.65 11.66 11.30
CA PRO A 89 8.71 12.62 11.07
C PRO A 89 9.91 12.36 11.98
N SER A 90 9.62 12.04 13.24
CA SER A 90 10.56 11.79 14.31
C SER A 90 10.11 10.55 15.06
N PHE A 91 10.95 10.07 15.96
CA PHE A 91 10.55 9.26 17.09
C PHE A 91 11.42 9.68 18.28
N GLU A 92 11.00 9.27 19.47
CA GLU A 92 11.59 9.56 20.77
C GLU A 92 11.92 11.05 20.90
N GLY A 1 6.29 -19.68 6.17
CA GLY A 1 6.02 -20.10 4.80
C GLY A 1 7.19 -20.90 4.27
N HIS A 2 8.08 -20.27 3.51
CA HIS A 2 9.33 -20.88 3.05
C HIS A 2 10.53 -19.95 3.22
N MET A 3 10.39 -18.62 3.09
CA MET A 3 11.50 -17.67 3.23
C MET A 3 10.95 -16.40 3.89
N VAL A 4 11.46 -16.01 5.05
CA VAL A 4 11.06 -14.78 5.74
C VAL A 4 12.33 -13.98 6.04
N GLU A 5 13.07 -13.62 5.00
CA GLU A 5 14.25 -12.77 5.11
C GLU A 5 13.96 -11.48 4.36
N ALA A 6 13.19 -10.60 5.01
CA ALA A 6 12.71 -9.36 4.46
C ALA A 6 12.75 -8.33 5.58
N ASP A 7 13.65 -7.34 5.46
CA ASP A 7 13.69 -6.16 6.30
C ASP A 7 14.10 -4.99 5.41
N ARG A 8 13.20 -4.04 5.16
CA ARG A 8 13.46 -2.87 4.31
C ARG A 8 12.37 -1.81 4.52
N PRO A 9 12.60 -0.55 4.09
CA PRO A 9 11.64 0.54 4.21
C PRO A 9 10.61 0.60 3.08
N GLY A 10 10.39 -0.50 2.38
CA GLY A 10 9.41 -0.61 1.30
C GLY A 10 7.97 -0.77 1.82
N LYS A 11 7.64 -0.22 2.99
CA LYS A 11 6.32 -0.33 3.57
C LYS A 11 5.53 0.95 3.31
N LEU A 12 4.24 0.81 2.99
CA LEU A 12 3.30 1.90 2.76
C LEU A 12 2.09 1.75 3.68
N PHE A 13 1.02 2.51 3.42
CA PHE A 13 -0.23 2.55 4.15
C PHE A 13 -1.29 3.08 3.18
N ILE A 14 -2.38 2.34 2.91
CA ILE A 14 -3.40 2.76 1.93
C ILE A 14 -4.76 2.80 2.65
N GLY A 15 -5.61 3.80 2.34
CA GLY A 15 -6.72 4.16 3.21
C GLY A 15 -8.02 4.61 2.54
N GLY A 16 -8.28 4.21 1.30
CA GLY A 16 -9.57 4.45 0.64
C GLY A 16 -9.99 3.37 -0.35
N LEU A 17 -9.73 2.09 -0.05
CA LEU A 17 -9.96 0.97 -0.97
C LEU A 17 -11.45 0.72 -1.19
N ASN A 18 -11.77 -0.15 -2.17
CA ASN A 18 -13.13 -0.57 -2.43
C ASN A 18 -13.56 -1.62 -1.41
N THR A 19 -14.85 -1.93 -1.38
CA THR A 19 -15.54 -2.84 -0.46
C THR A 19 -15.68 -4.27 -1.02
N GLU A 20 -14.91 -4.60 -2.06
CA GLU A 20 -14.72 -5.98 -2.48
C GLU A 20 -13.31 -6.13 -3.09
N THR A 21 -12.36 -5.37 -2.54
CA THR A 21 -10.94 -5.48 -2.83
C THR A 21 -10.41 -6.65 -1.98
N ASN A 22 -9.84 -7.65 -2.64
CA ASN A 22 -9.07 -8.74 -2.04
C ASN A 22 -7.60 -8.54 -2.41
N GLU A 23 -6.69 -9.36 -1.88
CA GLU A 23 -5.24 -9.08 -1.95
C GLU A 23 -4.74 -9.26 -3.38
N LYS A 24 -5.21 -10.29 -4.07
CA LYS A 24 -5.02 -10.46 -5.52
C LYS A 24 -5.40 -9.19 -6.31
N ALA A 25 -6.44 -8.49 -5.87
CA ALA A 25 -6.96 -7.29 -6.51
C ALA A 25 -6.24 -6.03 -6.02
N LEU A 26 -5.23 -6.17 -5.16
CA LEU A 26 -4.18 -5.21 -4.88
C LEU A 26 -2.92 -5.59 -5.65
N GLU A 27 -2.65 -6.88 -5.86
CA GLU A 27 -1.54 -7.39 -6.66
C GLU A 27 -1.74 -7.09 -8.16
N ALA A 28 -2.88 -6.50 -8.54
CA ALA A 28 -3.05 -5.93 -9.86
C ALA A 28 -2.78 -4.42 -9.92
N VAL A 29 -2.70 -3.73 -8.78
CA VAL A 29 -2.77 -2.27 -8.74
C VAL A 29 -1.39 -1.64 -8.85
N PHE A 30 -0.36 -2.29 -8.31
CA PHE A 30 0.88 -1.61 -7.94
C PHE A 30 2.13 -2.26 -8.52
N GLY A 31 2.07 -3.49 -9.04
CA GLY A 31 3.20 -4.14 -9.70
C GLY A 31 3.71 -3.36 -10.91
N LYS A 32 2.96 -2.36 -11.38
CA LYS A 32 3.35 -1.45 -12.42
C LYS A 32 4.39 -0.41 -11.96
N TYR A 33 4.78 -0.41 -10.67
CA TYR A 33 5.74 0.51 -10.06
C TYR A 33 6.98 -0.19 -9.51
N GLY A 34 7.00 -1.52 -9.45
CA GLY A 34 8.05 -2.28 -8.80
C GLY A 34 7.54 -3.68 -8.43
N ARG A 35 8.22 -4.37 -7.52
CA ARG A 35 7.99 -5.79 -7.26
C ARG A 35 7.39 -5.97 -5.87
N ILE A 36 6.08 -6.13 -5.80
CA ILE A 36 5.42 -6.57 -4.57
C ILE A 36 5.91 -7.98 -4.27
N VAL A 37 6.00 -8.28 -2.97
CA VAL A 37 6.44 -9.53 -2.41
C VAL A 37 5.64 -9.90 -1.13
N GLU A 38 4.69 -9.04 -0.75
CA GLU A 38 3.83 -9.10 0.43
C GLU A 38 2.59 -8.23 0.22
N VAL A 39 1.46 -8.63 0.79
CA VAL A 39 0.21 -7.87 0.87
C VAL A 39 -0.37 -8.17 2.26
N LEU A 40 -1.33 -7.37 2.76
CA LEU A 40 -2.11 -7.71 3.96
C LEU A 40 -3.47 -7.03 3.85
N LEU A 41 -4.55 -7.76 4.11
CA LEU A 41 -5.92 -7.26 4.02
C LEU A 41 -6.66 -7.54 5.31
N MET A 42 -7.06 -6.45 5.97
CA MET A 42 -7.92 -6.44 7.14
C MET A 42 -9.37 -6.72 6.68
N LYS A 43 -10.30 -7.01 7.57
CA LYS A 43 -11.69 -7.34 7.30
C LYS A 43 -12.54 -6.71 8.38
N ASP A 44 -13.79 -6.43 8.07
CA ASP A 44 -14.71 -5.81 9.02
C ASP A 44 -15.16 -6.88 10.00
N ARG A 45 -15.10 -6.59 11.31
CA ARG A 45 -15.66 -7.47 12.34
C ARG A 45 -17.17 -7.67 12.15
N GLU A 46 -17.84 -6.74 11.47
CA GLU A 46 -19.28 -6.68 11.41
C GLU A 46 -19.80 -7.95 10.76
N THR A 47 -19.28 -8.28 9.59
CA THR A 47 -19.73 -9.43 8.81
C THR A 47 -18.67 -9.73 7.74
N ASN A 48 -17.41 -9.89 8.16
CA ASN A 48 -16.26 -10.29 7.34
C ASN A 48 -15.97 -9.35 6.16
N LYS A 49 -16.54 -8.14 6.17
CA LYS A 49 -16.53 -7.21 5.04
C LYS A 49 -15.13 -6.66 4.75
N SER A 50 -15.02 -5.76 3.80
CA SER A 50 -13.80 -5.22 3.21
C SER A 50 -13.83 -3.73 3.53
N ARG A 51 -13.20 -3.30 4.63
CA ARG A 51 -13.17 -1.87 4.98
C ARG A 51 -12.17 -1.16 4.05
N GLY A 52 -12.17 0.15 4.02
CA GLY A 52 -11.45 0.93 3.01
C GLY A 52 -9.96 1.14 3.27
N PHE A 53 -9.23 0.32 4.05
CA PHE A 53 -7.81 0.55 4.31
C PHE A 53 -7.06 -0.79 4.20
N ALA A 54 -5.79 -0.77 3.84
CA ALA A 54 -4.93 -1.93 3.60
C ALA A 54 -3.47 -1.56 3.82
N PHE A 55 -2.59 -2.56 3.77
CA PHE A 55 -1.15 -2.38 3.79
C PHE A 55 -0.58 -3.22 2.66
N VAL A 56 0.46 -2.70 2.01
CA VAL A 56 1.19 -3.35 0.94
C VAL A 56 2.66 -3.03 1.20
N THR A 57 3.52 -4.03 1.10
CA THR A 57 4.96 -3.89 1.17
C THR A 57 5.49 -3.72 -0.26
N PHE A 58 6.81 -3.62 -0.48
CA PHE A 58 7.46 -3.88 -1.76
C PHE A 58 8.84 -4.47 -1.50
N GLU A 59 9.32 -5.34 -2.39
CA GLU A 59 10.62 -5.97 -2.35
C GLU A 59 11.74 -4.93 -2.44
N SER A 60 11.60 -3.90 -3.27
CA SER A 60 12.56 -2.80 -3.37
C SER A 60 12.01 -1.54 -2.68
N PRO A 61 12.87 -0.72 -2.06
CA PRO A 61 12.41 0.45 -1.32
C PRO A 61 11.92 1.56 -2.25
N ALA A 62 12.48 1.68 -3.46
CA ALA A 62 12.09 2.71 -4.41
C ALA A 62 10.76 2.40 -5.09
N ASP A 63 10.38 1.13 -5.17
CA ASP A 63 9.07 0.68 -5.66
C ASP A 63 7.99 1.38 -4.83
N ALA A 64 8.16 1.33 -3.51
CA ALA A 64 7.23 1.90 -2.55
C ALA A 64 7.20 3.42 -2.69
N LYS A 65 8.36 4.05 -2.97
CA LYS A 65 8.42 5.48 -3.20
C LYS A 65 7.65 5.85 -4.46
N ASP A 66 7.80 5.14 -5.58
CA ASP A 66 7.10 5.52 -6.81
C ASP A 66 5.60 5.26 -6.66
N ALA A 67 5.23 4.16 -6.01
CA ALA A 67 3.84 3.85 -5.71
C ALA A 67 3.23 5.01 -4.90
N ALA A 68 3.94 5.48 -3.87
CA ALA A 68 3.57 6.65 -3.08
C ALA A 68 3.66 7.97 -3.87
N ARG A 69 4.14 8.00 -5.12
CA ARG A 69 4.42 9.22 -5.87
C ARG A 69 3.68 9.32 -7.21
N ASP A 70 3.06 8.24 -7.69
CA ASP A 70 2.30 8.27 -8.95
C ASP A 70 0.81 8.18 -8.64
N MET A 71 0.25 6.97 -8.47
CA MET A 71 -1.18 6.75 -8.28
C MET A 71 -1.69 7.16 -6.89
N ASN A 72 -0.82 7.59 -5.97
CA ASN A 72 -1.24 8.12 -4.68
C ASN A 72 -2.30 9.20 -4.85
N GLY A 73 -3.46 9.01 -4.20
CA GLY A 73 -4.55 9.98 -4.16
C GLY A 73 -5.53 9.87 -5.33
N LYS A 74 -5.26 9.03 -6.34
CA LYS A 74 -6.13 8.86 -7.49
C LYS A 74 -7.32 8.00 -7.15
N SER A 75 -8.20 7.82 -8.12
CA SER A 75 -9.20 6.79 -8.01
C SER A 75 -8.59 5.42 -8.25
N LEU A 76 -9.34 4.40 -7.89
CA LEU A 76 -9.14 2.99 -8.21
C LEU A 76 -10.55 2.45 -8.30
N ASP A 77 -10.99 2.03 -9.48
CA ASP A 77 -12.36 1.58 -9.73
C ASP A 77 -13.36 2.73 -9.55
N GLY A 78 -12.89 3.98 -9.65
CA GLY A 78 -13.63 5.19 -9.37
C GLY A 78 -13.67 5.56 -7.89
N LYS A 79 -13.11 4.73 -7.00
CA LYS A 79 -13.04 4.99 -5.57
C LYS A 79 -11.77 5.76 -5.28
N ALA A 80 -11.88 6.98 -4.79
CA ALA A 80 -10.76 7.81 -4.40
C ALA A 80 -9.96 7.11 -3.29
N ILE A 81 -8.72 6.69 -3.57
CA ILE A 81 -7.85 6.05 -2.60
C ILE A 81 -6.91 7.09 -1.97
N LYS A 82 -6.14 6.67 -0.98
CA LYS A 82 -5.13 7.47 -0.31
C LYS A 82 -3.93 6.57 -0.07
N VAL A 83 -2.77 6.81 -0.68
CA VAL A 83 -1.53 6.14 -0.29
C VAL A 83 -0.76 7.17 0.52
N GLU A 84 -0.15 6.75 1.62
CA GLU A 84 0.83 7.53 2.37
C GLU A 84 1.96 6.59 2.76
N GLN A 85 2.95 7.15 3.43
CA GLN A 85 4.10 6.44 3.96
C GLN A 85 3.95 6.51 5.47
N ALA A 86 3.62 5.37 6.08
CA ALA A 86 3.57 5.24 7.53
C ALA A 86 5.02 5.28 8.02
N THR A 87 5.49 6.48 8.38
CA THR A 87 6.86 6.70 8.80
C THR A 87 6.93 7.73 9.93
N LYS A 88 7.81 7.45 10.89
CA LYS A 88 8.15 8.26 12.05
C LYS A 88 8.48 9.72 11.70
N PRO A 89 8.31 10.68 12.63
CA PRO A 89 8.65 12.07 12.40
C PRO A 89 10.14 12.28 12.20
N SER A 90 10.96 11.64 13.03
CA SER A 90 12.41 11.74 13.01
C SER A 90 13.01 10.47 13.57
N PHE A 91 14.25 10.16 13.20
CA PHE A 91 15.04 9.12 13.82
C PHE A 91 16.48 9.58 13.78
N GLU A 92 17.16 9.53 14.92
CA GLU A 92 18.34 10.34 15.19
C GLU A 92 18.04 11.79 14.83
N GLY A 1 10.83 21.21 9.15
CA GLY A 1 10.24 20.27 10.10
C GLY A 1 11.28 19.21 10.47
N HIS A 2 10.84 18.12 11.11
CA HIS A 2 11.62 16.88 11.10
C HIS A 2 11.72 16.35 9.65
N MET A 3 12.53 15.31 9.45
CA MET A 3 12.64 14.59 8.19
C MET A 3 12.33 13.11 8.40
N VAL A 4 11.30 12.62 7.72
CA VAL A 4 10.90 11.22 7.58
C VAL A 4 11.89 10.43 6.70
N GLU A 5 13.18 10.69 6.78
CA GLU A 5 14.20 10.15 5.88
C GLU A 5 14.60 8.70 6.19
N ALA A 6 13.95 8.11 7.20
CA ALA A 6 14.26 6.79 7.73
C ALA A 6 13.99 5.69 6.70
N ASP A 7 14.59 4.53 6.95
CA ASP A 7 14.40 3.30 6.21
C ASP A 7 13.03 2.71 6.55
N ARG A 8 12.66 1.69 5.78
CA ARG A 8 11.58 0.77 6.01
C ARG A 8 11.82 -0.44 5.11
N PRO A 9 11.30 -1.62 5.43
CA PRO A 9 11.11 -2.70 4.48
C PRO A 9 9.90 -2.32 3.58
N GLY A 10 10.12 -1.36 2.67
CA GLY A 10 9.22 -0.98 1.58
C GLY A 10 7.75 -0.82 1.94
N LYS A 11 7.43 -0.30 3.13
CA LYS A 11 6.07 -0.41 3.71
C LYS A 11 5.25 0.88 3.59
N LEU A 12 4.05 0.81 3.02
CA LEU A 12 3.21 1.97 2.70
C LEU A 12 1.95 2.04 3.55
N PHE A 13 1.10 3.04 3.29
CA PHE A 13 -0.26 3.14 3.79
C PHE A 13 -1.17 3.43 2.60
N ILE A 14 -2.27 2.70 2.45
CA ILE A 14 -3.27 2.99 1.43
C ILE A 14 -4.62 2.97 2.14
N GLY A 15 -5.50 3.90 1.78
CA GLY A 15 -6.83 4.10 2.36
C GLY A 15 -7.78 4.69 1.33
N GLY A 16 -9.00 5.02 1.75
CA GLY A 16 -10.07 5.47 0.86
C GLY A 16 -10.65 4.34 0.02
N LEU A 17 -10.41 3.09 0.43
CA LEU A 17 -10.63 1.91 -0.41
C LEU A 17 -12.07 1.43 -0.36
N ASN A 18 -12.37 0.53 -1.29
CA ASN A 18 -13.67 -0.08 -1.46
C ASN A 18 -13.91 -1.19 -0.42
N THR A 19 -15.00 -1.97 -0.54
CA THR A 19 -15.40 -2.96 0.45
C THR A 19 -15.39 -4.43 -0.05
N GLU A 20 -14.96 -4.72 -1.27
CA GLU A 20 -14.90 -6.08 -1.82
C GLU A 20 -13.52 -6.38 -2.46
N THR A 21 -12.49 -5.60 -2.13
CA THR A 21 -11.14 -5.75 -2.62
C THR A 21 -10.48 -6.91 -1.86
N ASN A 22 -9.63 -7.70 -2.51
CA ASN A 22 -8.72 -8.64 -1.85
C ASN A 22 -7.30 -8.36 -2.36
N GLU A 23 -6.26 -8.92 -1.73
CA GLU A 23 -4.84 -8.78 -2.08
C GLU A 23 -4.58 -8.98 -3.58
N LYS A 24 -5.20 -9.98 -4.21
CA LYS A 24 -5.06 -10.21 -5.66
C LYS A 24 -5.36 -8.95 -6.49
N ALA A 25 -6.33 -8.14 -6.05
CA ALA A 25 -6.70 -6.90 -6.71
C ALA A 25 -5.57 -5.89 -6.64
N LEU A 26 -4.82 -5.88 -5.54
CA LEU A 26 -3.73 -4.96 -5.26
C LEU A 26 -2.54 -5.30 -6.14
N GLU A 27 -2.29 -6.60 -6.32
CA GLU A 27 -1.23 -7.12 -7.17
C GLU A 27 -1.42 -6.63 -8.61
N ALA A 28 -2.66 -6.49 -9.07
CA ALA A 28 -2.97 -6.03 -10.43
C ALA A 28 -2.78 -4.51 -10.57
N VAL A 29 -3.04 -3.75 -9.50
CA VAL A 29 -2.83 -2.31 -9.49
C VAL A 29 -1.33 -2.03 -9.50
N PHE A 30 -0.63 -2.37 -8.41
CA PHE A 30 0.71 -1.87 -8.16
C PHE A 30 1.77 -2.79 -8.76
N GLY A 31 1.40 -3.96 -9.30
CA GLY A 31 2.33 -4.99 -9.74
C GLY A 31 3.38 -4.50 -10.73
N LYS A 32 3.05 -3.50 -11.56
CA LYS A 32 3.99 -2.94 -12.52
C LYS A 32 5.19 -2.22 -11.90
N TYR A 33 5.02 -1.56 -10.75
CA TYR A 33 5.97 -0.56 -10.26
C TYR A 33 7.36 -1.16 -10.04
N GLY A 34 7.53 -2.06 -9.09
CA GLY A 34 8.87 -2.36 -8.57
C GLY A 34 8.97 -3.64 -7.74
N ARG A 35 8.15 -4.65 -8.10
CA ARG A 35 8.07 -5.98 -7.52
C ARG A 35 7.37 -5.99 -6.17
N ILE A 36 6.16 -6.53 -6.17
CA ILE A 36 5.48 -6.97 -4.97
C ILE A 36 5.96 -8.39 -4.71
N VAL A 37 6.18 -8.72 -3.44
CA VAL A 37 6.42 -10.06 -2.94
C VAL A 37 5.55 -10.33 -1.68
N GLU A 38 4.85 -9.32 -1.16
CA GLU A 38 4.33 -9.27 0.19
C GLU A 38 3.15 -8.27 0.21
N VAL A 39 1.92 -8.75 0.37
CA VAL A 39 0.69 -7.97 0.48
C VAL A 39 0.00 -8.41 1.77
N LEU A 40 -0.81 -7.56 2.39
CA LEU A 40 -1.52 -7.88 3.63
C LEU A 40 -2.89 -7.23 3.55
N LEU A 41 -3.93 -7.90 4.07
CA LEU A 41 -5.25 -7.32 4.14
C LEU A 41 -5.84 -7.43 5.54
N MET A 42 -6.77 -6.54 5.83
CA MET A 42 -7.41 -6.31 7.12
C MET A 42 -8.90 -6.48 6.90
N LYS A 43 -9.50 -7.48 7.54
CA LYS A 43 -10.93 -7.80 7.44
C LYS A 43 -11.60 -7.68 8.78
N ASP A 44 -12.76 -7.05 8.74
CA ASP A 44 -13.56 -6.68 9.90
C ASP A 44 -14.04 -7.92 10.64
N ARG A 45 -13.76 -8.01 11.94
CA ARG A 45 -14.26 -9.13 12.76
C ARG A 45 -15.78 -9.17 12.77
N GLU A 46 -16.45 -8.03 12.56
CA GLU A 46 -17.88 -7.86 12.73
C GLU A 46 -18.64 -8.98 12.02
N THR A 47 -18.28 -9.22 10.76
CA THR A 47 -19.05 -10.03 9.83
C THR A 47 -18.19 -10.43 8.61
N ASN A 48 -16.87 -10.50 8.78
CA ASN A 48 -15.86 -10.71 7.73
C ASN A 48 -16.01 -9.72 6.57
N LYS A 49 -16.47 -8.49 6.85
CA LYS A 49 -16.42 -7.41 5.86
C LYS A 49 -14.97 -7.07 5.57
N SER A 50 -14.71 -6.39 4.46
CA SER A 50 -13.39 -5.81 4.24
C SER A 50 -13.24 -4.54 5.10
N ARG A 51 -12.01 -4.09 5.35
CA ARG A 51 -11.74 -2.73 5.81
C ARG A 51 -11.41 -1.86 4.60
N GLY A 52 -11.63 -0.55 4.71
CA GLY A 52 -11.42 0.44 3.65
C GLY A 52 -10.00 0.98 3.62
N PHE A 53 -9.06 0.29 4.26
CA PHE A 53 -7.64 0.54 4.14
C PHE A 53 -6.99 -0.84 3.98
N ALA A 54 -5.79 -0.88 3.42
CA ALA A 54 -5.07 -2.11 3.11
C ALA A 54 -3.57 -1.83 3.15
N PHE A 55 -2.73 -2.85 2.94
CA PHE A 55 -1.28 -2.71 3.02
C PHE A 55 -0.66 -3.37 1.78
N VAL A 56 0.35 -2.72 1.20
CA VAL A 56 1.05 -3.19 0.02
C VAL A 56 2.49 -2.80 0.24
N THR A 57 3.31 -3.80 0.54
CA THR A 57 4.73 -3.65 0.78
C THR A 57 5.41 -3.82 -0.60
N PHE A 58 6.73 -3.67 -0.72
CA PHE A 58 7.46 -3.96 -1.95
C PHE A 58 8.80 -4.58 -1.63
N GLU A 59 9.39 -5.26 -2.62
CA GLU A 59 10.63 -6.00 -2.49
C GLU A 59 11.80 -5.10 -2.13
N SER A 60 11.73 -3.80 -2.42
CA SER A 60 12.74 -2.82 -2.03
C SER A 60 12.13 -1.46 -1.70
N PRO A 61 12.81 -0.64 -0.89
CA PRO A 61 12.24 0.59 -0.35
C PRO A 61 12.07 1.69 -1.39
N ALA A 62 12.94 1.78 -2.40
CA ALA A 62 12.81 2.79 -3.43
C ALA A 62 11.56 2.55 -4.27
N ASP A 63 11.27 1.29 -4.53
CA ASP A 63 10.08 0.86 -5.26
C ASP A 63 8.81 1.23 -4.49
N ALA A 64 8.88 1.19 -3.16
CA ALA A 64 7.80 1.69 -2.31
C ALA A 64 7.75 3.22 -2.32
N LYS A 65 8.91 3.90 -2.29
CA LYS A 65 8.97 5.36 -2.36
C LYS A 65 8.22 5.85 -3.59
N ASP A 66 8.42 5.20 -4.74
CA ASP A 66 7.81 5.54 -6.01
C ASP A 66 6.31 5.29 -6.01
N ALA A 67 5.89 4.10 -5.56
CA ALA A 67 4.47 3.74 -5.59
C ALA A 67 3.63 4.68 -4.73
N ALA A 68 4.24 5.26 -3.68
CA ALA A 68 3.63 6.30 -2.86
C ALA A 68 3.56 7.67 -3.54
N ARG A 69 4.07 7.84 -4.76
CA ARG A 69 4.38 9.15 -5.34
C ARG A 69 3.80 9.42 -6.71
N ASP A 70 3.07 8.46 -7.28
CA ASP A 70 2.33 8.61 -8.54
C ASP A 70 0.85 8.49 -8.21
N MET A 71 0.41 7.28 -7.86
CA MET A 71 -0.99 6.88 -7.74
C MET A 71 -1.71 7.48 -6.51
N ASN A 72 -1.06 8.38 -5.78
CA ASN A 72 -1.45 9.01 -4.50
C ASN A 72 -2.67 9.94 -4.54
N GLY A 73 -3.80 9.46 -5.03
CA GLY A 73 -5.05 10.21 -5.03
C GLY A 73 -5.97 9.89 -6.21
N LYS A 74 -5.61 8.93 -7.07
CA LYS A 74 -6.50 8.54 -8.17
C LYS A 74 -7.83 8.01 -7.67
N SER A 75 -8.74 7.90 -8.62
CA SER A 75 -9.90 7.05 -8.44
C SER A 75 -9.47 5.61 -8.67
N LEU A 76 -10.21 4.67 -8.09
CA LEU A 76 -10.01 3.25 -8.25
C LEU A 76 -11.41 2.62 -8.20
N ASP A 77 -11.89 2.13 -9.33
CA ASP A 77 -13.20 1.49 -9.51
C ASP A 77 -14.35 2.44 -9.14
N GLY A 78 -14.06 3.75 -9.05
CA GLY A 78 -15.01 4.79 -8.65
C GLY A 78 -14.75 5.39 -7.26
N LYS A 79 -13.78 4.90 -6.50
CA LYS A 79 -13.50 5.32 -5.13
C LYS A 79 -12.26 6.19 -5.10
N ALA A 80 -12.29 7.28 -4.34
CA ALA A 80 -11.17 8.19 -4.19
C ALA A 80 -10.22 7.61 -3.14
N ILE A 81 -9.25 6.80 -3.58
CA ILE A 81 -8.25 6.21 -2.70
C ILE A 81 -7.24 7.29 -2.26
N LYS A 82 -6.31 6.91 -1.38
CA LYS A 82 -5.17 7.72 -0.99
C LYS A 82 -3.96 6.81 -0.79
N VAL A 83 -2.73 7.25 -1.09
CA VAL A 83 -1.50 6.44 -0.97
C VAL A 83 -0.46 7.29 -0.24
N GLU A 84 -0.14 6.91 0.99
CA GLU A 84 0.79 7.61 1.85
C GLU A 84 1.85 6.66 2.40
N GLN A 85 2.70 7.19 3.28
CA GLN A 85 3.82 6.48 3.84
C GLN A 85 3.55 6.47 5.33
N ALA A 86 3.23 5.28 5.85
CA ALA A 86 3.05 5.07 7.27
C ALA A 86 4.39 5.38 7.94
N THR A 87 4.46 6.53 8.60
CA THR A 87 5.65 7.00 9.32
C THR A 87 5.23 7.49 10.72
N LYS A 88 6.09 8.24 11.41
CA LYS A 88 6.05 8.46 12.87
C LYS A 88 6.56 9.85 13.24
N PRO A 89 6.31 10.34 14.46
CA PRO A 89 6.65 11.70 14.83
C PRO A 89 8.13 11.92 15.12
N SER A 90 8.80 10.92 15.69
CA SER A 90 10.20 10.99 16.10
C SER A 90 10.81 9.59 15.95
N PHE A 91 12.11 9.53 15.68
CA PHE A 91 12.87 8.30 15.47
C PHE A 91 14.35 8.63 15.68
N GLU A 92 15.03 7.85 16.52
CA GLU A 92 16.47 7.88 16.78
C GLU A 92 17.04 9.27 17.04
N GLY A 1 16.97 14.82 -11.62
CA GLY A 1 17.54 13.56 -11.13
C GLY A 1 16.49 12.79 -10.36
N HIS A 2 16.64 11.47 -10.31
CA HIS A 2 16.02 10.68 -9.27
C HIS A 2 16.56 11.10 -7.91
N MET A 3 15.85 10.73 -6.87
CA MET A 3 16.24 10.88 -5.48
C MET A 3 15.84 9.60 -4.78
N VAL A 4 16.82 8.87 -4.26
CA VAL A 4 16.69 7.51 -3.73
C VAL A 4 16.79 7.53 -2.19
N GLU A 5 16.38 8.64 -1.58
CA GLU A 5 16.22 8.82 -0.15
C GLU A 5 14.95 8.08 0.28
N ALA A 6 14.98 6.75 0.21
CA ALA A 6 13.88 5.86 0.55
C ALA A 6 14.17 5.30 1.94
N ASP A 7 14.06 6.14 2.95
CA ASP A 7 14.43 5.90 4.34
C ASP A 7 13.49 4.98 5.13
N ARG A 8 12.65 4.22 4.43
CA ARG A 8 11.76 3.22 4.98
C ARG A 8 11.91 1.90 4.22
N PRO A 9 11.81 0.74 4.88
CA PRO A 9 12.04 -0.56 4.25
C PRO A 9 10.79 -1.08 3.55
N GLY A 10 10.39 -0.37 2.49
CA GLY A 10 9.43 -0.83 1.49
C GLY A 10 7.97 -0.91 1.95
N LYS A 11 7.66 -0.55 3.20
CA LYS A 11 6.30 -0.46 3.71
C LYS A 11 5.52 0.61 2.93
N LEU A 12 4.19 0.50 2.95
CA LEU A 12 3.25 1.49 2.41
C LEU A 12 2.01 1.55 3.32
N PHE A 13 1.08 2.49 3.09
CA PHE A 13 -0.17 2.61 3.82
C PHE A 13 -1.23 3.12 2.84
N ILE A 14 -2.41 2.50 2.79
CA ILE A 14 -3.40 2.76 1.77
C ILE A 14 -4.79 2.83 2.42
N GLY A 15 -5.61 3.79 1.99
CA GLY A 15 -6.98 3.98 2.44
C GLY A 15 -7.89 4.44 1.32
N GLY A 16 -9.15 4.71 1.65
CA GLY A 16 -10.18 5.04 0.67
C GLY A 16 -10.40 3.91 -0.33
N LEU A 17 -10.05 2.68 0.03
CA LEU A 17 -10.21 1.49 -0.82
C LEU A 17 -11.65 1.00 -0.77
N ASN A 18 -12.05 0.19 -1.75
CA ASN A 18 -13.42 -0.28 -1.83
C ASN A 18 -13.58 -1.53 -0.98
N THR A 19 -14.83 -1.89 -0.69
CA THR A 19 -15.17 -2.92 0.27
C THR A 19 -15.03 -4.33 -0.31
N GLU A 20 -14.59 -4.49 -1.55
CA GLU A 20 -14.47 -5.79 -2.23
C GLU A 20 -13.13 -5.87 -2.99
N THR A 21 -12.15 -5.07 -2.60
CA THR A 21 -10.78 -5.19 -3.06
C THR A 21 -10.24 -6.55 -2.58
N ASN A 22 -9.27 -7.16 -3.29
CA ASN A 22 -8.60 -8.37 -2.84
C ASN A 22 -7.12 -8.35 -3.23
N GLU A 23 -6.35 -9.27 -2.66
CA GLU A 23 -4.87 -9.26 -2.65
C GLU A 23 -4.28 -9.44 -4.05
N LYS A 24 -5.00 -10.12 -4.93
CA LYS A 24 -4.64 -10.29 -6.34
C LYS A 24 -4.94 -9.03 -7.14
N ALA A 25 -6.02 -8.31 -6.82
CA ALA A 25 -6.32 -7.03 -7.44
C ALA A 25 -5.28 -6.01 -6.99
N LEU A 26 -4.86 -6.05 -5.72
CA LEU A 26 -3.77 -5.27 -5.15
C LEU A 26 -2.49 -5.44 -5.96
N GLU A 27 -2.12 -6.70 -6.27
CA GLU A 27 -0.97 -7.01 -7.11
C GLU A 27 -1.08 -6.29 -8.44
N ALA A 28 -2.27 -6.32 -9.05
CA ALA A 28 -2.54 -5.62 -10.30
C ALA A 28 -2.49 -4.10 -10.15
N VAL A 29 -2.87 -3.52 -9.01
CA VAL A 29 -2.77 -2.08 -8.77
C VAL A 29 -1.30 -1.65 -8.84
N PHE A 30 -0.42 -2.34 -8.12
CA PHE A 30 0.90 -1.82 -7.83
C PHE A 30 2.01 -2.53 -8.61
N GLY A 31 1.77 -3.69 -9.22
CA GLY A 31 2.78 -4.58 -9.80
C GLY A 31 3.27 -4.12 -11.17
N LYS A 32 3.51 -2.82 -11.29
CA LYS A 32 4.04 -2.13 -12.44
C LYS A 32 5.03 -1.03 -12.06
N TYR A 33 5.21 -0.76 -10.76
CA TYR A 33 6.29 0.10 -10.30
C TYR A 33 7.52 -0.77 -10.05
N GLY A 34 7.37 -1.89 -9.32
CA GLY A 34 8.41 -2.81 -8.90
C GLY A 34 7.85 -4.03 -8.13
N ARG A 35 8.71 -4.74 -7.39
CA ARG A 35 8.51 -6.05 -6.78
C ARG A 35 7.65 -5.98 -5.52
N ILE A 36 6.47 -6.61 -5.57
CA ILE A 36 5.59 -6.77 -4.43
C ILE A 36 6.01 -8.03 -3.68
N VAL A 37 5.94 -8.01 -2.35
CA VAL A 37 6.36 -9.14 -1.53
C VAL A 37 5.47 -9.35 -0.29
N GLU A 38 4.47 -8.49 -0.06
CA GLU A 38 3.46 -8.64 0.99
C GLU A 38 2.22 -7.83 0.59
N VAL A 39 1.02 -8.33 0.94
CA VAL A 39 -0.28 -7.72 0.70
C VAL A 39 -1.24 -8.06 1.88
N LEU A 40 -1.05 -7.43 3.03
CA LEU A 40 -1.91 -7.56 4.21
C LEU A 40 -3.16 -6.70 4.06
N LEU A 41 -4.17 -7.26 3.39
CA LEU A 41 -5.44 -6.59 3.16
C LEU A 41 -6.29 -6.71 4.42
N MET A 42 -6.65 -5.59 5.03
CA MET A 42 -7.45 -5.54 6.26
C MET A 42 -8.91 -5.86 5.93
N LYS A 43 -9.46 -6.95 6.50
CA LYS A 43 -10.80 -7.44 6.16
C LYS A 43 -11.72 -7.41 7.36
N ASP A 44 -13.00 -7.41 7.03
CA ASP A 44 -14.12 -7.34 7.95
C ASP A 44 -14.57 -8.74 8.36
N ARG A 45 -15.30 -8.85 9.49
CA ARG A 45 -15.97 -10.07 9.91
C ARG A 45 -17.22 -10.34 9.09
N GLU A 46 -17.81 -9.28 8.51
CA GLU A 46 -19.17 -9.23 8.02
C GLU A 46 -19.36 -10.33 6.98
N THR A 47 -18.61 -10.23 5.89
CA THR A 47 -18.88 -11.02 4.69
C THR A 47 -17.63 -10.99 3.78
N ASN A 48 -16.44 -11.18 4.37
CA ASN A 48 -15.12 -11.03 3.71
C ASN A 48 -14.96 -9.69 2.97
N LYS A 49 -15.77 -8.70 3.31
CA LYS A 49 -15.62 -7.32 2.87
C LYS A 49 -14.29 -6.79 3.39
N SER A 50 -13.72 -5.83 2.69
CA SER A 50 -12.51 -5.16 3.13
C SER A 50 -12.91 -4.05 4.11
N ARG A 51 -11.96 -3.50 4.87
CA ARG A 51 -12.26 -2.41 5.82
C ARG A 51 -11.98 -1.02 5.23
N GLY A 52 -11.82 -0.91 3.92
CA GLY A 52 -11.61 0.36 3.23
C GLY A 52 -10.18 0.87 3.33
N PHE A 53 -9.28 0.09 3.91
CA PHE A 53 -7.86 0.39 4.03
C PHE A 53 -7.10 -0.94 3.95
N ALA A 54 -5.82 -0.87 3.61
CA ALA A 54 -4.97 -2.05 3.46
C ALA A 54 -3.52 -1.70 3.79
N PHE A 55 -2.69 -2.73 3.84
CA PHE A 55 -1.25 -2.64 3.90
C PHE A 55 -0.71 -3.43 2.71
N VAL A 56 0.43 -2.98 2.20
CA VAL A 56 1.19 -3.53 1.09
C VAL A 56 2.65 -3.32 1.48
N THR A 57 3.51 -4.28 1.19
CA THR A 57 4.95 -4.12 1.37
C THR A 57 5.63 -4.44 0.05
N PHE A 58 6.45 -3.52 -0.43
CA PHE A 58 7.33 -3.77 -1.56
C PHE A 58 8.64 -4.28 -1.03
N GLU A 59 9.28 -5.11 -1.84
CA GLU A 59 10.56 -5.69 -1.55
C GLU A 59 11.61 -4.58 -1.51
N SER A 60 11.84 -3.94 -2.66
CA SER A 60 12.81 -2.88 -2.83
C SER A 60 12.22 -1.57 -2.28
N PRO A 61 13.04 -0.69 -1.67
CA PRO A 61 12.55 0.51 -1.03
C PRO A 61 12.22 1.61 -2.04
N ALA A 62 12.92 1.65 -3.19
CA ALA A 62 12.66 2.62 -4.25
C ALA A 62 11.32 2.34 -4.92
N ASP A 63 10.91 1.08 -4.95
CA ASP A 63 9.62 0.67 -5.50
C ASP A 63 8.53 1.33 -4.67
N ALA A 64 8.72 1.38 -3.34
CA ALA A 64 7.84 2.07 -2.42
C ALA A 64 8.04 3.60 -2.42
N LYS A 65 9.02 4.17 -3.15
CA LYS A 65 8.90 5.58 -3.53
C LYS A 65 7.83 5.64 -4.58
N ASP A 66 8.08 5.09 -5.77
CA ASP A 66 7.28 5.33 -6.97
C ASP A 66 5.81 4.95 -6.74
N ALA A 67 5.59 3.80 -6.07
CA ALA A 67 4.28 3.28 -5.71
C ALA A 67 3.51 4.17 -4.71
N ALA A 68 4.11 5.28 -4.25
CA ALA A 68 3.50 6.35 -3.48
C ALA A 68 3.66 7.73 -4.17
N ARG A 69 4.66 7.86 -5.05
CA ARG A 69 5.12 9.12 -5.62
C ARG A 69 4.26 9.52 -6.81
N ASP A 70 3.97 8.55 -7.69
CA ASP A 70 3.04 8.71 -8.81
C ASP A 70 1.68 8.16 -8.38
N MET A 71 1.63 6.94 -7.84
CA MET A 71 0.42 6.37 -7.27
C MET A 71 0.10 7.06 -5.95
N ASN A 72 -0.89 7.95 -5.95
CA ASN A 72 -1.58 8.63 -4.89
C ASN A 72 -2.93 9.07 -5.46
N GLY A 73 -3.90 9.33 -4.58
CA GLY A 73 -5.17 9.96 -4.91
C GLY A 73 -5.99 9.26 -6.00
N LYS A 74 -5.70 8.00 -6.36
CA LYS A 74 -6.30 7.38 -7.55
C LYS A 74 -7.76 7.04 -7.33
N SER A 75 -8.49 6.87 -8.43
CA SER A 75 -9.85 6.39 -8.40
C SER A 75 -9.89 4.87 -8.31
N LEU A 76 -11.01 4.33 -7.84
CA LEU A 76 -11.23 2.90 -7.70
C LEU A 76 -12.73 2.66 -7.57
N ASP A 77 -13.40 2.31 -8.66
CA ASP A 77 -14.81 1.90 -8.73
C ASP A 77 -15.73 2.87 -8.01
N GLY A 78 -15.59 4.16 -8.34
CA GLY A 78 -16.51 5.21 -7.93
C GLY A 78 -16.02 6.02 -6.72
N LYS A 79 -14.78 5.79 -6.28
CA LYS A 79 -14.20 6.23 -5.01
C LYS A 79 -12.88 6.96 -5.27
N ALA A 80 -12.13 7.30 -4.22
CA ALA A 80 -10.83 7.93 -4.29
C ALA A 80 -9.92 7.33 -3.21
N ILE A 81 -8.98 6.49 -3.59
CA ILE A 81 -8.00 5.90 -2.68
C ILE A 81 -6.98 6.97 -2.26
N LYS A 82 -6.26 6.73 -1.16
CA LYS A 82 -5.12 7.54 -0.73
C LYS A 82 -3.95 6.61 -0.46
N VAL A 83 -2.73 7.10 -0.65
CA VAL A 83 -1.51 6.30 -0.60
C VAL A 83 -0.47 7.14 0.14
N GLU A 84 -0.06 6.69 1.31
CA GLU A 84 0.78 7.44 2.24
C GLU A 84 1.91 6.55 2.77
N GLN A 85 2.91 7.18 3.40
CA GLN A 85 4.08 6.50 3.91
C GLN A 85 3.84 6.30 5.39
N ALA A 86 3.55 5.05 5.80
CA ALA A 86 3.60 4.67 7.20
C ALA A 86 5.05 4.84 7.66
N THR A 87 5.37 6.02 8.17
CA THR A 87 6.61 6.32 8.87
C THR A 87 6.32 7.48 9.83
N LYS A 88 7.34 8.11 10.40
CA LYS A 88 7.28 9.46 10.93
C LYS A 88 8.57 10.17 10.52
N PRO A 89 8.60 11.50 10.44
CA PRO A 89 9.70 12.19 9.77
C PRO A 89 10.99 12.11 10.55
N SER A 90 10.91 12.12 11.88
CA SER A 90 11.98 11.76 12.79
C SER A 90 11.30 11.11 13.99
N PHE A 91 12.05 10.29 14.70
CA PHE A 91 11.71 9.80 16.01
C PHE A 91 13.01 9.72 16.80
N GLU A 92 12.92 10.24 18.03
CA GLU A 92 13.99 10.28 19.00
C GLU A 92 15.20 10.98 18.39
N GLY A 1 29.59 2.84 -5.11
CA GLY A 1 30.57 3.87 -4.76
C GLY A 1 29.94 4.90 -3.85
N HIS A 2 29.74 6.13 -4.33
CA HIS A 2 28.91 7.11 -3.64
C HIS A 2 27.48 6.56 -3.60
N MET A 3 26.79 6.76 -2.49
CA MET A 3 25.42 6.34 -2.23
C MET A 3 24.66 7.58 -1.80
N VAL A 4 23.34 7.62 -2.02
CA VAL A 4 22.51 8.79 -1.82
C VAL A 4 21.11 8.35 -1.37
N GLU A 5 21.02 7.23 -0.65
CA GLU A 5 19.79 6.53 -0.29
C GLU A 5 19.70 6.45 1.24
N ALA A 6 19.05 7.45 1.82
CA ALA A 6 19.01 7.71 3.27
C ALA A 6 17.72 7.26 3.97
N ASP A 7 16.94 6.42 3.29
CA ASP A 7 15.69 5.86 3.79
C ASP A 7 15.39 4.53 3.10
N ARG A 8 14.50 3.71 3.67
CA ARG A 8 14.05 2.43 3.11
C ARG A 8 12.52 2.20 3.28
N PRO A 9 11.65 3.04 2.70
CA PRO A 9 10.23 3.07 3.02
C PRO A 9 9.41 2.01 2.24
N GLY A 10 9.87 0.76 2.31
CA GLY A 10 9.30 -0.41 1.63
C GLY A 10 7.85 -0.70 2.00
N LYS A 11 7.47 -0.45 3.24
CA LYS A 11 6.10 -0.56 3.73
C LYS A 11 5.37 0.74 3.43
N LEU A 12 4.15 0.61 2.92
CA LEU A 12 3.25 1.72 2.61
C LEU A 12 1.99 1.66 3.46
N PHE A 13 1.03 2.55 3.19
CA PHE A 13 -0.27 2.59 3.79
C PHE A 13 -1.26 3.03 2.70
N ILE A 14 -2.40 2.35 2.57
CA ILE A 14 -3.39 2.57 1.53
C ILE A 14 -4.76 2.65 2.20
N GLY A 15 -5.56 3.64 1.80
CA GLY A 15 -6.89 3.90 2.34
C GLY A 15 -7.83 4.35 1.22
N GLY A 16 -9.06 4.74 1.59
CA GLY A 16 -10.12 5.11 0.66
C GLY A 16 -10.53 3.97 -0.28
N LEU A 17 -10.17 2.72 0.01
CA LEU A 17 -10.35 1.59 -0.88
C LEU A 17 -11.81 1.20 -1.04
N ASN A 18 -12.03 0.29 -1.98
CA ASN A 18 -13.29 -0.42 -2.17
C ASN A 18 -13.54 -1.36 -0.99
N THR A 19 -14.73 -1.93 -0.97
CA THR A 19 -15.21 -2.95 -0.06
C THR A 19 -14.96 -4.36 -0.63
N GLU A 20 -14.49 -4.47 -1.87
CA GLU A 20 -14.39 -5.72 -2.60
C GLU A 20 -12.97 -5.97 -3.14
N THR A 21 -11.98 -5.30 -2.55
CA THR A 21 -10.56 -5.49 -2.78
C THR A 21 -10.18 -6.91 -2.34
N ASN A 22 -9.09 -7.45 -2.85
CA ASN A 22 -8.44 -8.65 -2.32
C ASN A 22 -6.93 -8.42 -2.34
N GLU A 23 -6.14 -9.35 -1.82
CA GLU A 23 -4.68 -9.19 -1.73
C GLU A 23 -4.06 -9.37 -3.11
N LYS A 24 -4.41 -10.45 -3.81
CA LYS A 24 -4.17 -10.63 -5.25
C LYS A 24 -4.57 -9.41 -6.07
N ALA A 25 -5.72 -8.82 -5.73
CA ALA A 25 -6.24 -7.69 -6.46
C ALA A 25 -5.39 -6.44 -6.21
N LEU A 26 -4.67 -6.36 -5.09
CA LEU A 26 -3.78 -5.26 -4.75
C LEU A 26 -2.40 -5.45 -5.37
N GLU A 27 -1.94 -6.70 -5.53
CA GLU A 27 -0.84 -7.01 -6.44
C GLU A 27 -1.18 -6.41 -7.80
N ALA A 28 -2.43 -6.64 -8.25
CA ALA A 28 -2.88 -6.17 -9.56
C ALA A 28 -2.95 -4.64 -9.63
N VAL A 29 -3.33 -3.92 -8.56
CA VAL A 29 -3.31 -2.45 -8.55
C VAL A 29 -1.87 -1.95 -8.75
N PHE A 30 -0.95 -2.35 -7.89
CA PHE A 30 0.28 -1.60 -7.66
C PHE A 30 1.54 -2.28 -8.20
N GLY A 31 1.49 -3.52 -8.67
CA GLY A 31 2.70 -4.28 -8.98
C GLY A 31 3.57 -3.64 -10.07
N LYS A 32 3.03 -2.72 -10.87
CA LYS A 32 3.74 -2.05 -11.96
C LYS A 32 4.75 -1.01 -11.47
N TYR A 33 4.89 -0.83 -10.16
CA TYR A 33 5.84 0.09 -9.55
C TYR A 33 7.08 -0.63 -9.04
N GLY A 34 7.19 -1.96 -9.19
CA GLY A 34 8.43 -2.67 -8.93
C GLY A 34 8.29 -4.12 -8.50
N ARG A 35 7.15 -4.75 -8.72
CA ARG A 35 6.74 -6.06 -8.17
C ARG A 35 6.49 -5.92 -6.67
N ILE A 36 5.56 -6.72 -6.19
CA ILE A 36 5.12 -6.78 -4.82
C ILE A 36 5.38 -8.21 -4.38
N VAL A 37 5.91 -8.37 -3.18
CA VAL A 37 6.20 -9.67 -2.61
C VAL A 37 5.44 -9.84 -1.28
N GLU A 38 4.76 -8.81 -0.77
CA GLU A 38 3.97 -8.90 0.45
C GLU A 38 2.75 -7.96 0.35
N VAL A 39 1.59 -8.44 0.79
CA VAL A 39 0.32 -7.71 0.87
C VAL A 39 -0.41 -8.18 2.15
N LEU A 40 -1.14 -7.27 2.80
CA LEU A 40 -1.94 -7.59 3.96
C LEU A 40 -3.28 -6.86 3.87
N LEU A 41 -4.37 -7.61 3.64
CA LEU A 41 -5.71 -7.07 3.77
C LEU A 41 -6.16 -7.24 5.22
N MET A 42 -7.07 -6.38 5.68
CA MET A 42 -7.63 -6.42 7.02
C MET A 42 -9.13 -6.73 6.88
N LYS A 43 -9.85 -7.00 7.97
CA LYS A 43 -11.26 -7.36 7.98
C LYS A 43 -11.94 -6.78 9.20
N ASP A 44 -13.24 -6.49 9.08
CA ASP A 44 -13.95 -5.69 10.07
C ASP A 44 -14.42 -6.53 11.24
N ARG A 45 -14.34 -5.97 12.46
CA ARG A 45 -14.87 -6.62 13.66
C ARG A 45 -16.39 -6.63 13.73
N GLU A 46 -17.13 -5.93 12.86
CA GLU A 46 -18.58 -6.00 12.83
C GLU A 46 -18.99 -7.43 12.49
N THR A 47 -18.47 -7.97 11.39
CA THR A 47 -18.90 -9.28 10.90
C THR A 47 -17.93 -9.82 9.83
N ASN A 48 -16.61 -9.78 10.08
CA ASN A 48 -15.55 -10.27 9.18
C ASN A 48 -15.42 -9.46 7.88
N LYS A 49 -16.10 -8.31 7.80
CA LYS A 49 -16.31 -7.56 6.54
C LYS A 49 -14.98 -7.10 5.94
N SER A 50 -15.02 -6.49 4.78
CA SER A 50 -13.86 -5.96 4.08
C SER A 50 -13.93 -4.44 4.20
N ARG A 51 -13.06 -3.81 5.01
CA ARG A 51 -13.05 -2.32 5.14
C ARG A 51 -12.32 -1.69 3.95
N GLY A 52 -12.18 -0.37 3.92
CA GLY A 52 -11.56 0.38 2.83
C GLY A 52 -10.14 0.85 3.15
N PHE A 53 -9.27 0.02 3.70
CA PHE A 53 -7.84 0.31 3.87
C PHE A 53 -7.07 -1.01 3.75
N ALA A 54 -5.77 -0.98 3.46
CA ALA A 54 -4.94 -2.18 3.35
C ALA A 54 -3.47 -1.79 3.53
N PHE A 55 -2.57 -2.76 3.36
CA PHE A 55 -1.14 -2.60 3.45
C PHE A 55 -0.52 -3.42 2.31
N VAL A 56 0.55 -2.88 1.71
CA VAL A 56 1.34 -3.52 0.67
C VAL A 56 2.80 -3.24 1.02
N THR A 57 3.69 -4.18 0.69
CA THR A 57 5.13 -4.05 0.86
C THR A 57 5.82 -4.39 -0.46
N PHE A 58 6.57 -3.44 -1.00
CA PHE A 58 7.28 -3.67 -2.25
C PHE A 58 8.66 -4.24 -1.93
N GLU A 59 9.23 -4.96 -2.89
CA GLU A 59 10.46 -5.72 -2.65
C GLU A 59 11.61 -4.77 -2.31
N SER A 60 11.73 -3.69 -3.09
CA SER A 60 12.73 -2.66 -2.80
C SER A 60 12.04 -1.49 -2.12
N PRO A 61 12.82 -0.64 -1.42
CA PRO A 61 12.29 0.59 -0.88
C PRO A 61 11.96 1.60 -1.98
N ALA A 62 12.72 1.66 -3.07
CA ALA A 62 12.46 2.62 -4.15
C ALA A 62 11.24 2.19 -4.98
N ASP A 63 10.99 0.89 -5.06
CA ASP A 63 9.78 0.34 -5.67
C ASP A 63 8.56 0.87 -4.91
N ALA A 64 8.65 0.89 -3.57
CA ALA A 64 7.61 1.46 -2.72
C ALA A 64 7.55 2.99 -2.86
N LYS A 65 8.69 3.67 -3.00
CA LYS A 65 8.71 5.11 -3.14
C LYS A 65 7.86 5.55 -4.31
N ASP A 66 8.01 4.94 -5.49
CA ASP A 66 7.28 5.39 -6.66
C ASP A 66 5.81 5.05 -6.54
N ALA A 67 5.49 3.89 -5.97
CA ALA A 67 4.09 3.57 -5.71
C ALA A 67 3.47 4.63 -4.78
N ALA A 68 4.25 5.14 -3.83
CA ALA A 68 3.93 6.24 -2.93
C ALA A 68 4.08 7.64 -3.55
N ARG A 69 4.28 7.77 -4.86
CA ARG A 69 4.38 9.06 -5.56
C ARG A 69 3.39 9.16 -6.71
N ASP A 70 3.23 8.09 -7.51
CA ASP A 70 2.33 8.09 -8.65
C ASP A 70 0.88 8.08 -8.17
N MET A 71 0.47 7.01 -7.48
CA MET A 71 -0.92 6.60 -7.34
C MET A 71 -1.73 7.35 -6.28
N ASN A 72 -1.13 8.32 -5.58
CA ASN A 72 -1.82 9.17 -4.62
C ASN A 72 -2.90 10.03 -5.29
N GLY A 73 -3.94 10.38 -4.53
CA GLY A 73 -4.96 11.37 -4.87
C GLY A 73 -5.89 11.02 -6.04
N LYS A 74 -5.52 10.06 -6.90
CA LYS A 74 -6.36 9.60 -8.01
C LYS A 74 -7.35 8.54 -7.52
N SER A 75 -8.16 8.03 -8.44
CA SER A 75 -9.30 7.17 -8.15
C SER A 75 -9.06 5.79 -8.73
N LEU A 76 -9.73 4.80 -8.17
CA LEU A 76 -9.75 3.43 -8.68
C LEU A 76 -11.18 2.95 -8.64
N ASP A 77 -11.78 2.67 -9.80
CA ASP A 77 -13.10 2.04 -9.90
C ASP A 77 -14.12 2.85 -9.09
N GLY A 78 -14.05 4.18 -9.25
CA GLY A 78 -14.91 5.15 -8.62
C GLY A 78 -14.60 5.39 -7.14
N LYS A 79 -13.47 4.94 -6.59
CA LYS A 79 -13.11 5.09 -5.18
C LYS A 79 -11.93 6.05 -5.11
N ALA A 80 -12.07 7.13 -4.36
CA ALA A 80 -11.00 8.09 -4.11
C ALA A 80 -10.02 7.50 -3.10
N ILE A 81 -9.15 6.62 -3.59
CA ILE A 81 -8.15 5.94 -2.79
C ILE A 81 -7.08 6.93 -2.27
N LYS A 82 -6.29 6.49 -1.30
CA LYS A 82 -5.17 7.22 -0.74
C LYS A 82 -3.97 6.29 -0.69
N VAL A 83 -2.77 6.85 -0.83
CA VAL A 83 -1.50 6.18 -0.50
C VAL A 83 -0.79 7.14 0.45
N GLU A 84 -0.09 6.64 1.46
CA GLU A 84 0.74 7.46 2.32
C GLU A 84 1.87 6.65 2.94
N GLN A 85 2.85 7.36 3.49
CA GLN A 85 4.04 6.80 4.08
C GLN A 85 3.75 6.54 5.56
N ALA A 86 3.57 5.26 5.91
CA ALA A 86 3.45 4.84 7.32
C ALA A 86 4.87 4.75 7.91
N THR A 87 5.59 5.87 7.91
CA THR A 87 6.95 6.03 8.40
C THR A 87 7.32 7.51 8.27
N LYS A 88 8.56 7.82 8.64
CA LYS A 88 9.17 9.13 8.74
C LYS A 88 10.68 8.94 8.54
N PRO A 89 11.48 9.97 8.29
CA PRO A 89 12.94 9.83 8.20
C PRO A 89 13.53 9.54 9.58
N SER A 90 14.85 9.69 9.75
CA SER A 90 15.45 9.88 11.06
C SER A 90 14.62 10.90 11.85
N PHE A 91 14.10 10.53 13.02
CA PHE A 91 13.68 11.55 13.98
C PHE A 91 14.91 12.00 14.77
N GLU A 92 14.87 13.23 15.27
CA GLU A 92 15.66 13.70 16.41
C GLU A 92 14.98 13.21 17.70
N GLY A 1 30.93 3.75 1.49
CA GLY A 1 30.93 3.15 2.83
C GLY A 1 30.14 1.87 2.83
N HIS A 2 29.80 1.35 4.01
CA HIS A 2 28.77 0.33 4.19
C HIS A 2 27.71 0.96 5.10
N MET A 3 26.45 0.57 4.93
CA MET A 3 25.30 1.21 5.55
C MET A 3 24.31 0.06 5.79
N VAL A 4 23.93 -0.20 7.03
CA VAL A 4 23.10 -1.35 7.37
C VAL A 4 21.93 -0.97 8.31
N GLU A 5 21.81 0.31 8.58
CA GLU A 5 20.91 0.89 9.56
C GLU A 5 19.63 1.30 8.85
N ALA A 6 18.85 0.32 8.43
CA ALA A 6 17.59 0.54 7.74
C ALA A 6 16.45 -0.01 8.58
N ASP A 7 15.22 0.40 8.28
CA ASP A 7 14.01 -0.17 8.86
C ASP A 7 12.88 0.01 7.85
N ARG A 8 13.08 -0.50 6.63
CA ARG A 8 12.08 -0.36 5.58
C ARG A 8 12.15 -1.53 4.59
N PRO A 9 11.57 -2.69 4.91
CA PRO A 9 11.05 -3.56 3.89
C PRO A 9 9.86 -2.81 3.29
N GLY A 10 10.07 -2.03 2.23
CA GLY A 10 9.08 -1.57 1.23
C GLY A 10 7.71 -1.06 1.69
N LYS A 11 7.57 -0.60 2.93
CA LYS A 11 6.30 -0.32 3.57
C LYS A 11 5.48 0.74 2.84
N LEU A 12 4.25 0.40 2.49
CA LEU A 12 3.27 1.26 1.82
C LEU A 12 1.88 1.06 2.43
N PHE A 13 1.02 2.07 2.37
CA PHE A 13 -0.21 2.18 3.15
C PHE A 13 -1.30 2.69 2.21
N ILE A 14 -2.51 2.12 2.29
CA ILE A 14 -3.59 2.43 1.37
C ILE A 14 -4.85 2.71 2.19
N GLY A 15 -5.62 3.74 1.83
CA GLY A 15 -6.92 4.04 2.41
C GLY A 15 -7.93 4.45 1.35
N GLY A 16 -9.21 4.22 1.60
CA GLY A 16 -10.33 4.79 0.83
C GLY A 16 -10.95 3.80 -0.16
N LEU A 17 -10.73 2.50 0.03
CA LEU A 17 -10.96 1.48 -0.98
C LEU A 17 -12.43 1.07 -1.11
N ASN A 18 -12.72 0.28 -2.13
CA ASN A 18 -14.00 -0.40 -2.27
C ASN A 18 -14.09 -1.54 -1.25
N THR A 19 -15.30 -2.00 -0.99
CA THR A 19 -15.59 -2.99 0.05
C THR A 19 -15.27 -4.44 -0.35
N GLU A 20 -14.62 -4.64 -1.51
CA GLU A 20 -14.42 -5.93 -2.13
C GLU A 20 -13.12 -5.97 -2.94
N THR A 21 -12.19 -5.06 -2.70
CA THR A 21 -10.83 -5.23 -3.16
C THR A 21 -10.23 -6.41 -2.37
N ASN A 22 -9.37 -7.22 -2.98
CA ASN A 22 -8.72 -8.37 -2.34
C ASN A 22 -7.21 -8.29 -2.57
N GLU A 23 -6.41 -9.10 -1.88
CA GLU A 23 -4.94 -8.99 -1.90
C GLU A 23 -4.43 -9.26 -3.32
N LYS A 24 -4.93 -10.33 -3.94
CA LYS A 24 -4.71 -10.68 -5.34
C LYS A 24 -4.95 -9.52 -6.31
N ALA A 25 -5.87 -8.61 -6.00
CA ALA A 25 -6.14 -7.43 -6.81
C ALA A 25 -4.97 -6.49 -6.66
N LEU A 26 -4.65 -6.15 -5.40
CA LEU A 26 -3.58 -5.26 -4.99
C LEU A 26 -2.22 -5.65 -5.55
N GLU A 27 -1.95 -6.94 -5.70
CA GLU A 27 -0.72 -7.46 -6.29
C GLU A 27 -0.47 -6.86 -7.68
N ALA A 28 -1.55 -6.59 -8.43
CA ALA A 28 -1.51 -6.03 -9.77
C ALA A 28 -1.66 -4.50 -9.75
N VAL A 29 -2.43 -3.94 -8.81
CA VAL A 29 -2.60 -2.50 -8.64
C VAL A 29 -1.22 -1.85 -8.55
N PHE A 30 -0.42 -2.31 -7.58
CA PHE A 30 0.81 -1.64 -7.19
C PHE A 30 2.03 -2.30 -7.81
N GLY A 31 1.91 -3.54 -8.34
CA GLY A 31 3.07 -4.26 -8.87
C GLY A 31 3.72 -3.56 -10.05
N LYS A 32 2.96 -2.75 -10.79
CA LYS A 32 3.42 -2.00 -11.96
C LYS A 32 4.40 -0.85 -11.65
N TYR A 33 4.93 -0.78 -10.42
CA TYR A 33 5.90 0.20 -9.95
C TYR A 33 7.16 -0.45 -9.36
N GLY A 34 7.29 -1.79 -9.37
CA GLY A 34 8.45 -2.46 -8.79
C GLY A 34 8.21 -3.88 -8.27
N ARG A 35 7.07 -4.48 -8.57
CA ARG A 35 6.58 -5.74 -8.01
C ARG A 35 6.39 -5.63 -6.49
N ILE A 36 5.92 -6.72 -5.90
CA ILE A 36 5.52 -6.81 -4.50
C ILE A 36 5.84 -8.23 -4.06
N VAL A 37 6.02 -8.43 -2.75
CA VAL A 37 6.30 -9.73 -2.15
C VAL A 37 5.49 -9.94 -0.84
N GLU A 38 4.56 -9.03 -0.53
CA GLU A 38 3.77 -9.03 0.70
C GLU A 38 2.58 -8.07 0.50
N VAL A 39 1.37 -8.48 0.92
CA VAL A 39 0.12 -7.73 0.81
C VAL A 39 -0.73 -8.10 2.02
N LEU A 40 -1.06 -7.12 2.87
CA LEU A 40 -1.76 -7.31 4.13
C LEU A 40 -3.05 -6.50 4.09
N LEU A 41 -4.14 -7.18 3.74
CA LEU A 41 -5.46 -6.58 3.64
C LEU A 41 -6.18 -6.67 4.98
N MET A 42 -6.99 -5.67 5.32
CA MET A 42 -7.61 -5.55 6.62
C MET A 42 -9.11 -5.78 6.44
N LYS A 43 -9.65 -6.81 7.09
CA LYS A 43 -11.06 -7.20 6.95
C LYS A 43 -11.80 -7.11 8.27
N ASP A 44 -12.99 -6.56 8.19
CA ASP A 44 -13.94 -6.38 9.29
C ASP A 44 -14.40 -7.71 9.86
N ARG A 45 -14.95 -7.67 11.07
CA ARG A 45 -15.69 -8.76 11.68
C ARG A 45 -17.09 -8.91 11.05
N GLU A 46 -17.64 -7.86 10.41
CA GLU A 46 -19.04 -7.77 10.03
C GLU A 46 -19.46 -8.95 9.16
N THR A 47 -18.61 -9.29 8.18
CA THR A 47 -18.93 -10.28 7.15
C THR A 47 -17.65 -10.61 6.35
N ASN A 48 -16.49 -10.66 7.01
CA ASN A 48 -15.17 -10.67 6.37
C ASN A 48 -14.99 -9.50 5.40
N LYS A 49 -15.81 -8.43 5.50
CA LYS A 49 -15.82 -7.29 4.56
C LYS A 49 -14.50 -6.56 4.66
N SER A 50 -14.17 -5.68 3.72
CA SER A 50 -12.99 -4.83 3.91
C SER A 50 -13.23 -3.81 5.02
N ARG A 51 -12.13 -3.31 5.61
CA ARG A 51 -12.11 -2.13 6.47
C ARG A 51 -12.00 -0.83 5.65
N GLY A 52 -11.79 -0.91 4.34
CA GLY A 52 -11.60 0.26 3.48
C GLY A 52 -10.19 0.84 3.57
N PHE A 53 -9.23 0.16 4.21
CA PHE A 53 -7.81 0.52 4.22
C PHE A 53 -7.01 -0.79 4.13
N ALA A 54 -5.74 -0.73 3.70
CA ALA A 54 -4.85 -1.87 3.55
C ALA A 54 -3.38 -1.48 3.76
N PHE A 55 -2.48 -2.44 3.59
CA PHE A 55 -1.04 -2.23 3.60
C PHE A 55 -0.40 -3.25 2.69
N VAL A 56 0.74 -2.85 2.15
CA VAL A 56 1.46 -3.59 1.16
C VAL A 56 2.94 -3.37 1.45
N THR A 57 3.78 -4.32 1.07
CA THR A 57 5.20 -4.29 1.36
C THR A 57 5.91 -4.63 0.07
N PHE A 58 6.58 -3.63 -0.50
CA PHE A 58 7.30 -3.87 -1.72
C PHE A 58 8.59 -4.63 -1.46
N GLU A 59 9.18 -5.10 -2.56
CA GLU A 59 10.45 -5.79 -2.56
C GLU A 59 11.60 -4.80 -2.29
N SER A 60 11.54 -3.55 -2.78
CA SER A 60 12.56 -2.55 -2.54
C SER A 60 11.99 -1.36 -1.74
N PRO A 61 12.81 -0.69 -0.91
CA PRO A 61 12.45 0.59 -0.30
C PRO A 61 12.42 1.72 -1.34
N ALA A 62 13.10 1.59 -2.48
CA ALA A 62 13.15 2.62 -3.51
C ALA A 62 11.88 2.57 -4.35
N ASP A 63 11.49 1.37 -4.78
CA ASP A 63 10.22 1.15 -5.50
C ASP A 63 9.06 1.65 -4.65
N ALA A 64 9.16 1.48 -3.32
CA ALA A 64 8.18 1.91 -2.34
C ALA A 64 8.09 3.44 -2.20
N LYS A 65 8.82 4.21 -3.00
CA LYS A 65 8.71 5.66 -3.03
C LYS A 65 7.79 6.05 -4.17
N ASP A 66 8.03 5.54 -5.38
CA ASP A 66 7.40 5.98 -6.60
C ASP A 66 5.91 5.68 -6.61
N ALA A 67 5.53 4.48 -6.14
CA ALA A 67 4.14 4.08 -6.15
C ALA A 67 3.28 5.06 -5.33
N ALA A 68 3.79 5.51 -4.18
CA ALA A 68 3.15 6.50 -3.32
C ALA A 68 3.20 7.92 -3.90
N ARG A 69 3.84 8.14 -5.06
CA ARG A 69 4.04 9.46 -5.65
C ARG A 69 3.29 9.64 -6.95
N ASP A 70 2.83 8.54 -7.57
CA ASP A 70 2.16 8.59 -8.87
C ASP A 70 0.74 8.00 -8.80
N MET A 71 0.50 7.05 -7.88
CA MET A 71 -0.78 6.33 -7.78
C MET A 71 -1.60 6.72 -6.54
N ASN A 72 -1.08 7.65 -5.75
CA ASN A 72 -1.82 8.45 -4.77
C ASN A 72 -2.84 9.35 -5.47
N GLY A 73 -3.75 9.96 -4.69
CA GLY A 73 -4.71 10.97 -5.12
C GLY A 73 -5.48 10.63 -6.40
N LYS A 74 -5.91 9.38 -6.57
CA LYS A 74 -6.67 8.95 -7.73
C LYS A 74 -7.96 8.29 -7.32
N SER A 75 -8.82 8.13 -8.31
CA SER A 75 -9.97 7.29 -8.17
C SER A 75 -9.55 5.86 -8.53
N LEU A 76 -10.13 4.89 -7.83
CA LEU A 76 -9.95 3.47 -8.08
C LEU A 76 -11.33 2.86 -7.96
N ASP A 77 -11.90 2.39 -9.07
CA ASP A 77 -13.31 2.04 -9.24
C ASP A 77 -14.21 3.28 -9.19
N GLY A 78 -13.65 4.47 -8.96
CA GLY A 78 -14.41 5.65 -8.56
C GLY A 78 -14.53 5.82 -7.05
N LYS A 79 -13.78 5.06 -6.26
CA LYS A 79 -13.56 5.35 -4.85
C LYS A 79 -12.35 6.25 -4.79
N ALA A 80 -12.38 7.26 -3.94
CA ALA A 80 -11.25 8.18 -3.75
C ALA A 80 -10.20 7.48 -2.90
N ILE A 81 -9.08 7.05 -3.48
CA ILE A 81 -8.07 6.30 -2.75
C ILE A 81 -6.87 7.19 -2.41
N LYS A 82 -6.27 6.89 -1.26
CA LYS A 82 -5.22 7.63 -0.59
C LYS A 82 -4.05 6.68 -0.44
N VAL A 83 -3.00 6.80 -1.26
CA VAL A 83 -1.80 5.98 -1.13
C VAL A 83 -0.80 6.81 -0.34
N GLU A 84 -0.22 6.20 0.68
CA GLU A 84 0.76 6.79 1.57
C GLU A 84 1.84 5.74 1.77
N GLN A 85 2.86 6.12 2.51
CA GLN A 85 3.86 5.23 3.05
C GLN A 85 3.48 4.97 4.51
N ALA A 86 4.11 3.97 5.12
CA ALA A 86 4.04 3.74 6.56
C ALA A 86 5.49 3.81 7.03
N THR A 87 6.01 5.03 7.19
CA THR A 87 7.38 5.23 7.63
C THR A 87 7.58 6.66 8.14
N LYS A 88 8.77 6.91 8.66
CA LYS A 88 9.22 8.18 9.23
C LYS A 88 10.68 8.38 8.84
N PRO A 89 11.21 9.62 8.86
CA PRO A 89 12.64 9.88 8.81
C PRO A 89 13.37 9.14 9.96
N SER A 90 12.93 9.40 11.18
CA SER A 90 13.49 8.90 12.44
C SER A 90 12.35 8.54 13.39
N PHE A 91 12.62 7.70 14.39
CA PHE A 91 11.80 7.66 15.60
C PHE A 91 12.42 8.68 16.59
N GLU A 92 11.64 9.14 17.55
CA GLU A 92 12.11 9.65 18.83
C GLU A 92 12.67 8.45 19.57
N GLY A 1 29.91 -1.79 1.76
CA GLY A 1 28.49 -1.59 1.46
C GLY A 1 27.66 -2.81 1.76
N HIS A 2 26.57 -3.00 1.01
CA HIS A 2 25.60 -4.10 1.17
C HIS A 2 24.91 -4.08 2.55
N MET A 3 25.00 -2.95 3.24
CA MET A 3 24.35 -2.68 4.52
C MET A 3 22.93 -2.23 4.19
N VAL A 4 21.93 -2.94 4.69
CA VAL A 4 20.51 -2.73 4.38
C VAL A 4 19.62 -3.29 5.50
N GLU A 5 20.19 -3.45 6.70
CA GLU A 5 19.53 -3.91 7.91
C GLU A 5 18.75 -2.72 8.45
N ALA A 6 17.53 -2.59 7.94
CA ALA A 6 16.55 -1.56 8.26
C ALA A 6 15.18 -2.22 8.45
N ASP A 7 14.27 -1.59 9.19
CA ASP A 7 12.98 -2.18 9.53
C ASP A 7 11.89 -1.50 8.71
N ARG A 8 12.17 -1.38 7.40
CA ARG A 8 11.28 -0.78 6.43
C ARG A 8 11.54 -1.38 5.04
N PRO A 9 11.18 -2.66 4.81
CA PRO A 9 11.20 -3.22 3.48
C PRO A 9 10.05 -2.62 2.67
N GLY A 10 10.21 -1.38 2.21
CA GLY A 10 9.29 -0.72 1.28
C GLY A 10 7.82 -0.73 1.69
N LYS A 11 7.53 -0.70 2.99
CA LYS A 11 6.17 -0.76 3.52
C LYS A 11 5.38 0.47 3.17
N LEU A 12 4.11 0.28 2.78
CA LEU A 12 3.21 1.32 2.31
C LEU A 12 2.07 1.58 3.30
N PHE A 13 1.14 2.48 2.99
CA PHE A 13 -0.06 2.70 3.77
C PHE A 13 -1.16 3.19 2.83
N ILE A 14 -2.25 2.45 2.66
CA ILE A 14 -3.33 2.81 1.74
C ILE A 14 -4.63 3.01 2.52
N GLY A 15 -5.47 3.90 2.03
CA GLY A 15 -6.86 4.09 2.44
C GLY A 15 -7.74 4.34 1.22
N GLY A 16 -9.05 4.42 1.44
CA GLY A 16 -10.03 4.82 0.44
C GLY A 16 -10.33 3.75 -0.62
N LEU A 17 -10.01 2.48 -0.35
CA LEU A 17 -10.26 1.36 -1.28
C LEU A 17 -11.75 1.02 -1.36
N ASN A 18 -12.11 0.16 -2.32
CA ASN A 18 -13.43 -0.48 -2.44
C ASN A 18 -13.65 -1.51 -1.32
N THR A 19 -14.82 -2.14 -1.32
CA THR A 19 -15.33 -3.04 -0.30
C THR A 19 -15.28 -4.51 -0.71
N GLU A 20 -14.88 -4.82 -1.95
CA GLU A 20 -14.97 -6.15 -2.55
C GLU A 20 -13.58 -6.58 -3.10
N THR A 21 -12.54 -5.89 -2.66
CA THR A 21 -11.19 -5.94 -3.19
C THR A 21 -10.35 -6.92 -2.37
N ASN A 22 -9.56 -7.77 -3.04
CA ASN A 22 -8.72 -8.80 -2.43
C ASN A 22 -7.25 -8.56 -2.78
N GLU A 23 -6.35 -9.20 -2.05
CA GLU A 23 -4.91 -9.17 -2.22
C GLU A 23 -4.56 -9.61 -3.63
N LYS A 24 -5.20 -10.68 -4.08
CA LYS A 24 -5.00 -11.19 -5.43
C LYS A 24 -5.24 -10.13 -6.49
N ALA A 25 -6.20 -9.21 -6.29
CA ALA A 25 -6.46 -8.12 -7.20
C ALA A 25 -5.34 -7.08 -7.09
N LEU A 26 -4.98 -6.71 -5.86
CA LEU A 26 -3.95 -5.74 -5.50
C LEU A 26 -2.59 -6.03 -6.09
N GLU A 27 -2.28 -7.32 -6.28
CA GLU A 27 -1.03 -7.76 -6.87
C GLU A 27 -0.79 -7.03 -8.19
N ALA A 28 -1.82 -6.92 -9.03
CA ALA A 28 -1.74 -6.22 -10.30
C ALA A 28 -1.68 -4.70 -10.10
N VAL A 29 -2.51 -4.17 -9.20
CA VAL A 29 -2.69 -2.74 -8.94
C VAL A 29 -1.32 -2.08 -8.72
N PHE A 30 -0.56 -2.61 -7.78
CA PHE A 30 0.73 -2.05 -7.42
C PHE A 30 1.87 -2.79 -8.13
N GLY A 31 1.61 -3.96 -8.73
CA GLY A 31 2.66 -4.77 -9.34
C GLY A 31 3.33 -4.04 -10.49
N LYS A 32 2.59 -3.15 -11.18
CA LYS A 32 3.06 -2.31 -12.30
C LYS A 32 4.07 -1.22 -11.92
N TYR A 33 4.79 -1.38 -10.81
CA TYR A 33 5.79 -0.43 -10.34
C TYR A 33 7.13 -1.09 -9.99
N GLY A 34 7.23 -2.42 -9.86
CA GLY A 34 8.49 -3.03 -9.44
C GLY A 34 8.31 -4.49 -9.03
N ARG A 35 8.18 -4.72 -7.73
CA ARG A 35 8.00 -6.06 -7.16
C ARG A 35 7.40 -5.99 -5.76
N ILE A 36 6.21 -6.56 -5.56
CA ILE A 36 5.56 -6.69 -4.25
C ILE A 36 6.04 -8.00 -3.62
N VAL A 37 6.11 -8.07 -2.28
CA VAL A 37 6.33 -9.32 -1.53
C VAL A 37 5.43 -9.48 -0.30
N GLU A 38 4.67 -8.46 0.09
CA GLU A 38 3.63 -8.59 1.12
C GLU A 38 2.43 -7.73 0.72
N VAL A 39 1.22 -8.22 1.00
CA VAL A 39 -0.04 -7.52 0.90
C VAL A 39 -0.83 -7.98 2.13
N LEU A 40 -1.43 -7.04 2.86
CA LEU A 40 -2.15 -7.24 4.10
C LEU A 40 -3.40 -6.35 3.99
N LEU A 41 -4.55 -6.96 3.74
CA LEU A 41 -5.74 -6.26 3.27
C LEU A 41 -6.83 -6.36 4.32
N MET A 42 -7.03 -5.27 5.04
CA MET A 42 -7.81 -5.25 6.27
C MET A 42 -9.28 -5.51 5.94
N LYS A 43 -9.79 -6.67 6.32
CA LYS A 43 -11.14 -7.10 6.00
C LYS A 43 -12.05 -6.92 7.20
N ASP A 44 -13.30 -6.68 6.85
CA ASP A 44 -14.40 -6.41 7.77
C ASP A 44 -14.75 -7.67 8.54
N ARG A 45 -15.75 -7.62 9.42
CA ARG A 45 -16.32 -8.78 10.08
C ARG A 45 -17.66 -9.21 9.52
N GLU A 46 -18.14 -8.53 8.49
CA GLU A 46 -19.42 -8.82 7.92
C GLU A 46 -19.28 -10.10 7.11
N THR A 47 -18.55 -10.05 5.99
CA THR A 47 -18.56 -11.15 5.02
C THR A 47 -17.39 -11.02 4.05
N ASN A 48 -16.17 -11.07 4.57
CA ASN A 48 -14.93 -10.92 3.81
C ASN A 48 -14.83 -9.60 3.02
N LYS A 49 -15.71 -8.61 3.28
CA LYS A 49 -15.58 -7.26 2.71
C LYS A 49 -14.24 -6.68 3.07
N SER A 50 -13.68 -5.81 2.23
CA SER A 50 -12.60 -4.93 2.61
C SER A 50 -13.14 -3.78 3.46
N ARG A 51 -12.42 -3.36 4.50
CA ARG A 51 -12.76 -2.18 5.31
C ARG A 51 -12.46 -0.85 4.60
N GLY A 52 -11.79 -0.88 3.44
CA GLY A 52 -11.50 0.30 2.65
C GLY A 52 -10.11 0.87 2.94
N PHE A 53 -9.25 0.18 3.68
CA PHE A 53 -7.86 0.58 3.93
C PHE A 53 -7.01 -0.69 3.95
N ALA A 54 -5.73 -0.59 3.58
CA ALA A 54 -4.86 -1.74 3.44
C ALA A 54 -3.39 -1.34 3.42
N PHE A 55 -2.52 -2.33 3.37
CA PHE A 55 -1.09 -2.19 3.47
C PHE A 55 -0.43 -3.16 2.55
N VAL A 56 0.53 -2.61 1.82
CA VAL A 56 1.31 -3.28 0.83
C VAL A 56 2.79 -3.10 1.13
N THR A 57 3.62 -3.97 0.58
CA THR A 57 5.03 -4.00 0.90
C THR A 57 5.77 -4.29 -0.39
N PHE A 58 6.50 -3.29 -0.89
CA PHE A 58 7.37 -3.57 -2.00
C PHE A 58 8.68 -4.13 -1.49
N GLU A 59 9.26 -5.02 -2.28
CA GLU A 59 10.49 -5.75 -2.01
C GLU A 59 11.66 -4.81 -1.72
N SER A 60 11.67 -3.60 -2.30
CA SER A 60 12.65 -2.58 -2.02
C SER A 60 11.99 -1.24 -1.72
N PRO A 61 12.54 -0.42 -0.81
CA PRO A 61 12.04 0.91 -0.55
C PRO A 61 12.28 1.86 -1.73
N ALA A 62 13.16 1.51 -2.67
CA ALA A 62 13.37 2.31 -3.88
C ALA A 62 12.24 2.16 -4.90
N ASP A 63 11.42 1.12 -4.80
CA ASP A 63 10.13 1.03 -5.50
C ASP A 63 9.10 1.84 -4.69
N ALA A 64 9.14 1.70 -3.36
CA ALA A 64 8.16 2.27 -2.44
C ALA A 64 8.29 3.79 -2.24
N LYS A 65 9.15 4.46 -2.99
CA LYS A 65 9.16 5.92 -3.08
C LYS A 65 8.26 6.39 -4.21
N ASP A 66 8.32 5.70 -5.34
CA ASP A 66 7.73 6.13 -6.60
C ASP A 66 6.33 5.60 -6.75
N ALA A 67 6.07 4.41 -6.22
CA ALA A 67 4.73 3.88 -6.23
C ALA A 67 3.82 4.73 -5.34
N ALA A 68 4.39 5.46 -4.37
CA ALA A 68 3.66 6.41 -3.54
C ALA A 68 3.48 7.78 -4.22
N ARG A 69 4.14 8.06 -5.36
CA ARG A 69 3.93 9.29 -6.12
C ARG A 69 2.59 9.19 -6.83
N ASP A 70 2.55 8.35 -7.86
CA ASP A 70 1.56 8.44 -8.91
C ASP A 70 0.20 8.02 -8.39
N MET A 71 0.10 6.73 -8.03
CA MET A 71 -0.95 6.14 -7.24
C MET A 71 -0.87 6.68 -5.81
N ASN A 72 -1.38 7.88 -5.57
CA ASN A 72 -1.95 8.38 -4.33
C ASN A 72 -3.15 9.25 -4.76
N GLY A 73 -4.13 9.43 -3.87
CA GLY A 73 -5.08 10.52 -3.96
C GLY A 73 -5.91 10.51 -5.24
N LYS A 74 -6.20 9.33 -5.79
CA LYS A 74 -6.85 9.21 -7.09
C LYS A 74 -8.12 8.42 -6.98
N SER A 75 -8.86 8.40 -8.07
CA SER A 75 -10.06 7.59 -8.16
C SER A 75 -9.63 6.18 -8.53
N LEU A 76 -10.31 5.22 -7.92
CA LEU A 76 -10.17 3.80 -8.22
C LEU A 76 -11.60 3.27 -8.22
N ASP A 77 -12.18 3.12 -9.40
CA ASP A 77 -13.51 2.55 -9.65
C ASP A 77 -14.66 3.41 -9.10
N GLY A 78 -14.36 4.58 -8.53
CA GLY A 78 -15.32 5.47 -7.90
C GLY A 78 -15.18 5.53 -6.38
N LYS A 79 -14.10 4.98 -5.83
CA LYS A 79 -13.67 5.30 -4.47
C LYS A 79 -12.47 6.22 -4.61
N ALA A 80 -12.12 6.95 -3.56
CA ALA A 80 -11.07 7.97 -3.58
C ALA A 80 -9.92 7.48 -2.71
N ILE A 81 -8.93 6.84 -3.31
CA ILE A 81 -7.86 6.21 -2.54
C ILE A 81 -6.92 7.25 -1.95
N LYS A 82 -6.09 6.80 -1.02
CA LYS A 82 -4.99 7.51 -0.37
C LYS A 82 -3.80 6.57 -0.38
N VAL A 83 -2.58 7.03 -0.62
CA VAL A 83 -1.38 6.22 -0.52
C VAL A 83 -0.34 7.12 0.16
N GLU A 84 0.14 6.70 1.32
CA GLU A 84 1.13 7.42 2.10
C GLU A 84 2.20 6.41 2.54
N GLN A 85 3.27 6.90 3.16
CA GLN A 85 4.41 6.09 3.57
C GLN A 85 4.33 5.84 5.07
N ALA A 86 4.26 4.57 5.49
CA ALA A 86 4.15 4.13 6.89
C ALA A 86 5.45 4.34 7.71
N THR A 87 6.18 5.44 7.50
CA THR A 87 7.46 5.72 8.14
C THR A 87 7.61 7.23 8.33
N LYS A 88 8.74 7.64 8.90
CA LYS A 88 9.00 8.98 9.42
C LYS A 88 10.39 9.47 9.00
N PRO A 89 10.67 10.79 9.12
CA PRO A 89 11.97 11.37 8.76
C PRO A 89 13.10 11.10 9.76
N SER A 90 12.80 10.46 10.89
CA SER A 90 13.73 10.00 11.88
C SER A 90 13.10 8.78 12.55
N PHE A 91 13.70 8.23 13.61
CA PHE A 91 13.11 7.17 14.40
C PHE A 91 13.72 7.21 15.80
N GLU A 92 12.91 6.97 16.82
CA GLU A 92 13.19 7.32 18.22
C GLU A 92 13.69 8.76 18.27
N GLY A 1 28.83 2.32 9.55
CA GLY A 1 28.63 3.60 10.22
C GLY A 1 28.67 4.72 9.18
N HIS A 2 27.81 5.73 9.35
CA HIS A 2 27.67 6.91 8.51
C HIS A 2 27.42 6.56 7.04
N MET A 3 26.15 6.42 6.67
CA MET A 3 25.68 6.12 5.32
C MET A 3 24.33 6.77 5.11
N VAL A 4 24.05 7.13 3.86
CA VAL A 4 22.81 7.73 3.43
C VAL A 4 22.37 6.94 2.21
N GLU A 5 22.25 5.62 2.40
CA GLU A 5 21.76 4.70 1.39
C GLU A 5 20.65 3.85 1.98
N ALA A 6 19.62 4.50 2.51
CA ALA A 6 18.40 3.88 2.97
C ALA A 6 17.28 4.89 2.75
N ASP A 7 16.13 4.46 2.22
CA ASP A 7 14.95 5.32 2.19
C ASP A 7 13.73 4.50 2.55
N ARG A 8 13.59 4.29 3.87
CA ARG A 8 12.55 3.59 4.61
C ARG A 8 12.45 2.10 4.24
N PRO A 9 11.76 1.27 5.03
CA PRO A 9 11.47 -0.11 4.64
C PRO A 9 10.38 -0.21 3.57
N GLY A 10 10.10 0.89 2.86
CA GLY A 10 9.18 0.90 1.72
C GLY A 10 7.75 0.46 2.04
N LYS A 11 7.36 0.54 3.32
CA LYS A 11 6.01 0.19 3.73
C LYS A 11 5.07 1.32 3.35
N LEU A 12 4.08 0.99 2.52
CA LEU A 12 3.03 1.90 2.14
C LEU A 12 1.95 1.94 3.24
N PHE A 13 0.97 2.82 3.08
CA PHE A 13 -0.23 2.94 3.88
C PHE A 13 -1.33 3.34 2.91
N ILE A 14 -2.36 2.52 2.71
CA ILE A 14 -3.38 2.80 1.72
C ILE A 14 -4.69 2.93 2.48
N GLY A 15 -5.46 3.98 2.17
CA GLY A 15 -6.79 4.20 2.72
C GLY A 15 -7.76 4.52 1.60
N GLY A 16 -9.05 4.38 1.86
CA GLY A 16 -10.09 4.80 0.93
C GLY A 16 -10.50 3.69 -0.04
N LEU A 17 -10.00 2.47 0.18
CA LEU A 17 -10.16 1.29 -0.68
C LEU A 17 -11.64 0.91 -0.85
N ASN A 18 -11.90 -0.08 -1.69
CA ASN A 18 -13.25 -0.58 -1.91
C ASN A 18 -13.55 -1.73 -0.96
N THR A 19 -14.81 -2.07 -0.81
CA THR A 19 -15.33 -3.08 0.12
C THR A 19 -15.31 -4.49 -0.49
N GLU A 20 -14.69 -4.65 -1.66
CA GLU A 20 -14.73 -5.87 -2.46
C GLU A 20 -13.41 -6.09 -3.21
N THR A 21 -12.31 -5.60 -2.67
CA THR A 21 -10.98 -5.88 -3.17
C THR A 21 -10.48 -7.19 -2.53
N ASN A 22 -9.34 -7.73 -2.99
CA ASN A 22 -8.74 -8.95 -2.47
C ASN A 22 -7.23 -8.75 -2.53
N GLU A 23 -6.47 -9.65 -1.91
CA GLU A 23 -4.99 -9.58 -1.89
C GLU A 23 -4.49 -9.82 -3.30
N LYS A 24 -5.03 -10.85 -3.96
CA LYS A 24 -4.79 -11.08 -5.39
C LYS A 24 -5.15 -9.88 -6.26
N ALA A 25 -6.14 -9.05 -5.88
CA ALA A 25 -6.55 -7.92 -6.69
C ALA A 25 -5.57 -6.76 -6.52
N LEU A 26 -5.01 -6.58 -5.32
CA LEU A 26 -4.03 -5.55 -5.01
C LEU A 26 -2.72 -5.74 -5.78
N GLU A 27 -2.37 -6.98 -6.10
CA GLU A 27 -1.19 -7.28 -6.91
C GLU A 27 -1.26 -6.49 -8.23
N ALA A 28 -2.43 -6.52 -8.87
CA ALA A 28 -2.63 -5.89 -10.18
C ALA A 28 -2.77 -4.37 -10.09
N VAL A 29 -2.88 -3.80 -8.89
CA VAL A 29 -2.77 -2.37 -8.71
C VAL A 29 -1.29 -2.03 -8.81
N PHE A 30 -0.48 -2.52 -7.86
CA PHE A 30 0.85 -1.96 -7.65
C PHE A 30 1.98 -2.82 -8.26
N GLY A 31 1.72 -4.02 -8.77
CA GLY A 31 2.77 -4.96 -9.16
C GLY A 31 3.73 -4.39 -10.20
N LYS A 32 3.16 -3.70 -11.18
CA LYS A 32 3.84 -3.01 -12.27
C LYS A 32 4.78 -1.87 -11.81
N TYR A 33 4.83 -1.58 -10.51
CA TYR A 33 5.62 -0.47 -10.00
C TYR A 33 7.02 -0.94 -9.62
N GLY A 34 7.24 -2.23 -9.34
CA GLY A 34 8.47 -2.67 -8.69
C GLY A 34 8.48 -4.07 -8.04
N ARG A 35 7.57 -4.98 -8.41
CA ARG A 35 7.31 -6.26 -7.73
C ARG A 35 6.82 -6.09 -6.30
N ILE A 36 6.12 -7.09 -5.79
CA ILE A 36 5.48 -7.13 -4.49
C ILE A 36 5.75 -8.49 -3.90
N VAL A 37 6.12 -8.53 -2.63
CA VAL A 37 6.52 -9.74 -1.94
C VAL A 37 5.76 -9.92 -0.61
N GLU A 38 4.78 -9.05 -0.32
CA GLU A 38 3.90 -9.14 0.83
C GLU A 38 2.64 -8.30 0.49
N VAL A 39 1.44 -8.80 0.80
CA VAL A 39 0.15 -8.14 0.59
C VAL A 39 -0.65 -8.31 1.88
N LEU A 40 -1.28 -7.24 2.39
CA LEU A 40 -2.04 -7.29 3.64
C LEU A 40 -3.33 -6.50 3.48
N LEU A 41 -4.42 -7.20 3.18
CA LEU A 41 -5.76 -6.62 3.12
C LEU A 41 -6.39 -6.60 4.51
N MET A 42 -7.42 -5.79 4.72
CA MET A 42 -8.20 -5.77 5.95
C MET A 42 -9.62 -6.21 5.59
N LYS A 43 -10.23 -7.09 6.38
CA LYS A 43 -11.55 -7.67 6.07
C LYS A 43 -12.46 -7.56 7.26
N ASP A 44 -13.72 -7.32 6.94
CA ASP A 44 -14.87 -7.12 7.80
C ASP A 44 -15.18 -8.37 8.62
N ARG A 45 -15.92 -8.20 9.72
CA ARG A 45 -16.44 -9.30 10.54
C ARG A 45 -17.77 -9.82 10.01
N GLU A 46 -18.48 -9.10 9.14
CA GLU A 46 -19.78 -9.48 8.64
C GLU A 46 -19.63 -10.78 7.85
N THR A 47 -18.99 -10.72 6.68
CA THR A 47 -19.10 -11.80 5.71
C THR A 47 -17.85 -11.79 4.82
N ASN A 48 -16.67 -11.73 5.46
CA ASN A 48 -15.35 -11.65 4.81
C ASN A 48 -15.17 -10.49 3.81
N LYS A 49 -16.13 -9.55 3.72
CA LYS A 49 -16.07 -8.32 2.91
C LYS A 49 -14.79 -7.55 3.23
N SER A 50 -14.34 -6.67 2.36
CA SER A 50 -13.12 -5.90 2.62
C SER A 50 -13.41 -4.72 3.54
N ARG A 51 -12.39 -4.01 4.03
CA ARG A 51 -12.55 -2.68 4.63
C ARG A 51 -11.67 -1.67 3.88
N GLY A 52 -11.98 -0.40 4.06
CA GLY A 52 -11.46 0.68 3.23
C GLY A 52 -10.06 1.14 3.63
N PHE A 53 -9.17 0.26 4.06
CA PHE A 53 -7.77 0.55 4.39
C PHE A 53 -6.96 -0.74 4.21
N ALA A 54 -5.69 -0.66 3.78
CA ALA A 54 -4.87 -1.82 3.42
C ALA A 54 -3.37 -1.48 3.52
N PHE A 55 -2.51 -2.50 3.38
CA PHE A 55 -1.06 -2.36 3.39
C PHE A 55 -0.48 -3.22 2.26
N VAL A 56 0.65 -2.78 1.70
CA VAL A 56 1.33 -3.29 0.52
C VAL A 56 2.83 -3.14 0.82
N THR A 57 3.62 -4.15 0.44
CA THR A 57 5.06 -4.16 0.67
C THR A 57 5.76 -4.49 -0.65
N PHE A 58 6.57 -3.54 -1.10
CA PHE A 58 7.45 -3.78 -2.23
C PHE A 58 8.68 -4.49 -1.73
N GLU A 59 9.40 -5.13 -2.65
CA GLU A 59 10.61 -5.86 -2.28
C GLU A 59 11.71 -4.87 -1.93
N SER A 60 11.95 -3.90 -2.81
CA SER A 60 13.02 -2.93 -2.64
C SER A 60 12.42 -1.56 -2.26
N PRO A 61 13.15 -0.73 -1.50
CA PRO A 61 12.59 0.49 -0.95
C PRO A 61 12.39 1.59 -2.00
N ALA A 62 13.25 1.68 -3.03
CA ALA A 62 13.09 2.70 -4.07
C ALA A 62 11.93 2.38 -5.02
N ASP A 63 11.37 1.18 -4.96
CA ASP A 63 10.15 0.83 -5.69
C ASP A 63 8.93 1.42 -4.98
N ALA A 64 8.92 1.38 -3.63
CA ALA A 64 7.79 1.86 -2.83
C ALA A 64 7.60 3.36 -2.92
N LYS A 65 8.68 4.15 -2.98
CA LYS A 65 8.54 5.60 -3.14
C LYS A 65 7.77 5.93 -4.42
N ASP A 66 8.01 5.17 -5.48
CA ASP A 66 7.36 5.37 -6.76
C ASP A 66 5.88 5.04 -6.65
N ALA A 67 5.54 4.04 -5.83
CA ALA A 67 4.16 3.71 -5.54
C ALA A 67 3.45 4.83 -4.79
N ALA A 68 4.16 5.53 -3.91
CA ALA A 68 3.63 6.74 -3.29
C ALA A 68 3.60 7.92 -4.29
N ARG A 69 4.23 7.86 -5.48
CA ARG A 69 4.39 9.00 -6.41
C ARG A 69 3.32 9.03 -7.51
N ASP A 70 3.07 7.90 -8.18
CA ASP A 70 1.99 7.85 -9.17
C ASP A 70 0.65 8.14 -8.52
N MET A 71 0.48 7.66 -7.30
CA MET A 71 -0.77 7.67 -6.58
C MET A 71 -0.69 8.77 -5.52
N ASN A 72 -1.43 8.67 -4.41
CA ASN A 72 -1.75 9.75 -3.50
C ASN A 72 -2.46 10.90 -4.21
N GLY A 73 -3.75 10.70 -4.45
CA GLY A 73 -4.68 11.72 -4.91
C GLY A 73 -5.59 11.31 -6.08
N LYS A 74 -5.42 10.14 -6.70
CA LYS A 74 -6.34 9.65 -7.74
C LYS A 74 -7.38 8.71 -7.15
N SER A 75 -8.33 8.31 -8.00
CA SER A 75 -9.40 7.38 -7.76
C SER A 75 -8.97 5.95 -8.16
N LEU A 76 -9.80 4.98 -7.79
CA LEU A 76 -9.84 3.57 -8.17
C LEU A 76 -11.21 3.34 -8.83
N ASP A 77 -11.76 2.12 -8.82
CA ASP A 77 -12.82 1.68 -9.76
C ASP A 77 -13.96 2.69 -9.99
N GLY A 78 -14.39 3.34 -8.91
CA GLY A 78 -15.11 4.61 -8.94
C GLY A 78 -15.03 5.28 -7.57
N LYS A 79 -13.91 5.09 -6.85
CA LYS A 79 -13.78 5.26 -5.41
C LYS A 79 -12.56 6.15 -5.16
N ALA A 80 -12.45 6.82 -4.01
CA ALA A 80 -11.37 7.77 -3.74
C ALA A 80 -10.39 7.13 -2.76
N ILE A 81 -9.22 6.71 -3.24
CA ILE A 81 -8.13 6.11 -2.47
C ILE A 81 -7.14 7.18 -1.98
N LYS A 82 -6.28 6.78 -1.05
CA LYS A 82 -5.15 7.55 -0.50
C LYS A 82 -3.94 6.63 -0.35
N VAL A 83 -2.71 7.16 -0.48
CA VAL A 83 -1.48 6.36 -0.44
C VAL A 83 -0.39 7.14 0.30
N GLU A 84 -0.22 6.92 1.59
CA GLU A 84 0.86 7.50 2.39
C GLU A 84 1.89 6.41 2.66
N GLN A 85 2.91 6.69 3.47
CA GLN A 85 3.92 5.73 3.85
C GLN A 85 3.85 5.54 5.35
N ALA A 86 3.48 4.32 5.76
CA ALA A 86 3.36 3.97 7.17
C ALA A 86 4.73 4.09 7.83
N THR A 87 4.94 5.20 8.54
CA THR A 87 6.16 5.48 9.30
C THR A 87 5.82 5.75 10.77
N LYS A 88 6.76 6.33 11.51
CA LYS A 88 6.68 6.78 12.89
C LYS A 88 7.45 8.09 13.00
N PRO A 89 7.28 8.87 14.08
CA PRO A 89 8.07 10.08 14.27
C PRO A 89 9.54 9.74 14.54
N SER A 90 9.84 8.55 15.07
CA SER A 90 11.20 8.07 15.23
C SER A 90 11.75 7.59 13.88
N PHE A 91 12.37 8.49 13.13
CA PHE A 91 13.18 8.12 11.98
C PHE A 91 14.55 8.76 12.15
N GLU A 92 15.55 7.89 12.35
CA GLU A 92 16.89 8.15 12.88
C GLU A 92 16.83 8.81 14.24
N GLY A 1 26.59 -8.32 17.72
CA GLY A 1 25.69 -7.89 18.80
C GLY A 1 24.50 -7.18 18.20
N HIS A 2 24.44 -5.85 18.32
CA HIS A 2 23.48 -5.05 17.56
C HIS A 2 23.86 -5.04 16.08
N MET A 3 22.85 -4.94 15.23
CA MET A 3 22.91 -5.20 13.80
C MET A 3 21.69 -4.57 13.15
N VAL A 4 21.85 -4.19 11.89
CA VAL A 4 20.90 -3.40 11.14
C VAL A 4 20.63 -4.11 9.82
N GLU A 5 20.41 -5.42 9.92
CA GLU A 5 20.21 -6.33 8.77
C GLU A 5 18.84 -6.15 8.10
N ALA A 6 18.09 -5.13 8.52
CA ALA A 6 16.82 -4.71 7.97
C ALA A 6 17.02 -3.34 7.36
N ASP A 7 17.38 -3.27 6.08
CA ASP A 7 17.43 -2.01 5.32
C ASP A 7 16.69 -2.22 4.00
N ARG A 8 15.40 -2.50 4.15
CA ARG A 8 14.41 -2.63 3.08
C ARG A 8 13.20 -1.74 3.39
N PRO A 9 13.33 -0.41 3.38
CA PRO A 9 12.26 0.53 3.71
C PRO A 9 11.33 0.67 2.49
N GLY A 10 10.66 -0.45 2.21
CA GLY A 10 9.70 -0.66 1.15
C GLY A 10 8.31 -0.82 1.74
N LYS A 11 7.75 0.22 2.36
CA LYS A 11 6.44 0.18 2.99
C LYS A 11 5.59 1.38 2.55
N LEU A 12 4.28 1.17 2.53
CA LEU A 12 3.22 2.14 2.22
C LEU A 12 2.15 2.09 3.31
N PHE A 13 1.08 2.88 3.15
CA PHE A 13 -0.12 2.94 3.96
C PHE A 13 -1.26 3.46 3.06
N ILE A 14 -2.39 2.74 2.98
CA ILE A 14 -3.41 2.93 1.95
C ILE A 14 -4.79 2.89 2.60
N GLY A 15 -5.62 3.91 2.38
CA GLY A 15 -6.94 4.05 2.98
C GLY A 15 -7.91 4.82 2.09
N GLY A 16 -8.70 4.09 1.31
CA GLY A 16 -9.73 4.50 0.35
C GLY A 16 -10.10 3.37 -0.63
N LEU A 17 -9.62 2.14 -0.41
CA LEU A 17 -9.81 0.99 -1.31
C LEU A 17 -11.27 0.58 -1.37
N ASN A 18 -11.62 -0.32 -2.29
CA ASN A 18 -13.01 -0.74 -2.47
C ASN A 18 -13.46 -1.73 -1.41
N THR A 19 -14.77 -1.88 -1.24
CA THR A 19 -15.41 -2.73 -0.24
C THR A 19 -15.44 -4.21 -0.64
N GLU A 20 -14.79 -4.57 -1.76
CA GLU A 20 -14.84 -5.91 -2.33
C GLU A 20 -13.47 -6.30 -2.89
N THR A 21 -12.40 -5.74 -2.33
CA THR A 21 -11.04 -5.92 -2.80
C THR A 21 -10.53 -7.30 -2.40
N ASN A 22 -9.64 -7.88 -3.21
CA ASN A 22 -8.93 -9.12 -2.91
C ASN A 22 -7.42 -8.83 -2.92
N GLU A 23 -6.61 -9.72 -2.36
CA GLU A 23 -5.15 -9.58 -2.27
C GLU A 23 -4.52 -9.82 -3.64
N LYS A 24 -4.94 -10.88 -4.35
CA LYS A 24 -4.47 -11.16 -5.71
C LYS A 24 -4.70 -9.98 -6.64
N ALA A 25 -5.75 -9.20 -6.38
CA ALA A 25 -6.05 -8.02 -7.17
C ALA A 25 -5.16 -6.85 -6.77
N LEU A 26 -4.80 -6.72 -5.48
CA LEU A 26 -3.87 -5.71 -4.98
C LEU A 26 -2.49 -5.85 -5.62
N GLU A 27 -2.03 -7.08 -5.88
CA GLU A 27 -0.82 -7.32 -6.65
C GLU A 27 -0.91 -6.60 -8.00
N ALA A 28 -2.05 -6.81 -8.66
CA ALA A 28 -2.32 -6.28 -9.98
C ALA A 28 -2.64 -4.78 -9.95
N VAL A 29 -2.82 -4.15 -8.78
CA VAL A 29 -2.85 -2.69 -8.66
C VAL A 29 -1.40 -2.19 -8.70
N PHE A 30 -0.58 -2.56 -7.71
CA PHE A 30 0.63 -1.79 -7.42
C PHE A 30 1.90 -2.38 -8.06
N GLY A 31 1.86 -3.61 -8.57
CA GLY A 31 3.02 -4.29 -9.13
C GLY A 31 3.57 -3.58 -10.36
N LYS A 32 2.80 -2.68 -10.98
CA LYS A 32 3.24 -1.85 -12.10
C LYS A 32 4.24 -0.78 -11.70
N TYR A 33 4.59 -0.67 -10.41
CA TYR A 33 5.54 0.32 -9.90
C TYR A 33 6.78 -0.30 -9.25
N GLY A 34 6.90 -1.63 -9.16
CA GLY A 34 7.91 -2.27 -8.33
C GLY A 34 7.77 -3.79 -8.29
N ARG A 35 8.26 -4.44 -7.24
CA ARG A 35 8.15 -5.88 -7.03
C ARG A 35 7.49 -6.12 -5.67
N ILE A 36 6.27 -6.65 -5.67
CA ILE A 36 5.52 -6.92 -4.46
C ILE A 36 5.96 -8.30 -3.95
N VAL A 37 6.01 -8.42 -2.63
CA VAL A 37 6.52 -9.53 -1.87
C VAL A 37 5.64 -9.84 -0.62
N GLU A 38 4.65 -9.00 -0.35
CA GLU A 38 3.67 -9.08 0.74
C GLU A 38 2.42 -8.30 0.31
N VAL A 39 1.26 -8.67 0.86
CA VAL A 39 -0.04 -8.03 0.73
C VAL A 39 -0.78 -8.34 2.03
N LEU A 40 -1.48 -7.38 2.65
CA LEU A 40 -2.26 -7.67 3.84
C LEU A 40 -3.58 -6.90 3.82
N LEU A 41 -4.69 -7.64 3.73
CA LEU A 41 -6.04 -7.13 3.66
C LEU A 41 -6.75 -7.37 5.00
N MET A 42 -7.28 -6.30 5.59
CA MET A 42 -8.06 -6.34 6.82
C MET A 42 -9.54 -6.58 6.45
N LYS A 43 -10.45 -6.84 7.38
CA LYS A 43 -11.88 -7.08 7.13
C LYS A 43 -12.71 -6.39 8.21
N ASP A 44 -13.89 -5.94 7.81
CA ASP A 44 -14.88 -5.26 8.64
C ASP A 44 -15.43 -6.24 9.65
N ARG A 45 -15.44 -5.89 10.94
CA ARG A 45 -15.92 -6.82 11.95
C ARG A 45 -17.43 -7.08 11.86
N GLU A 46 -18.16 -6.32 11.04
CA GLU A 46 -19.60 -6.39 10.97
C GLU A 46 -19.98 -7.80 10.53
N THR A 47 -19.44 -8.25 9.40
CA THR A 47 -19.85 -9.48 8.73
C THR A 47 -18.73 -9.91 7.76
N ASN A 48 -17.46 -9.67 8.14
CA ASN A 48 -16.24 -10.06 7.42
C ASN A 48 -16.04 -9.31 6.09
N LYS A 49 -16.77 -8.22 5.86
CA LYS A 49 -16.74 -7.40 4.64
C LYS A 49 -15.34 -6.87 4.41
N SER A 50 -15.02 -6.31 3.25
CA SER A 50 -13.82 -5.48 3.18
C SER A 50 -14.21 -4.09 3.67
N ARG A 51 -13.37 -3.47 4.52
CA ARG A 51 -13.34 -2.01 4.61
C ARG A 51 -12.43 -1.54 3.46
N GLY A 52 -12.06 -0.27 3.43
CA GLY A 52 -11.27 0.33 2.37
C GLY A 52 -9.85 0.70 2.82
N PHE A 53 -9.16 -0.07 3.66
CA PHE A 53 -7.78 0.24 4.04
C PHE A 53 -6.96 -1.05 4.05
N ALA A 54 -5.68 -0.99 3.68
CA ALA A 54 -4.84 -2.18 3.59
C ALA A 54 -3.38 -1.78 3.79
N PHE A 55 -2.49 -2.78 3.85
CA PHE A 55 -1.06 -2.56 3.84
C PHE A 55 -0.49 -3.23 2.59
N VAL A 56 0.47 -2.54 1.98
CA VAL A 56 1.21 -2.97 0.81
C VAL A 56 2.67 -2.74 1.20
N THR A 57 3.46 -3.79 1.12
CA THR A 57 4.92 -3.73 1.20
C THR A 57 5.45 -3.61 -0.25
N PHE A 58 6.76 -3.43 -0.44
CA PHE A 58 7.46 -3.81 -1.65
C PHE A 58 8.82 -4.35 -1.24
N GLU A 59 9.43 -5.17 -2.08
CA GLU A 59 10.69 -5.84 -1.80
C GLU A 59 11.86 -4.86 -1.74
N SER A 60 11.83 -3.80 -2.56
CA SER A 60 12.90 -2.80 -2.60
C SER A 60 12.37 -1.45 -2.08
N PRO A 61 13.25 -0.56 -1.60
CA PRO A 61 12.84 0.75 -1.14
C PRO A 61 12.33 1.61 -2.30
N ALA A 62 13.01 1.52 -3.47
CA ALA A 62 12.67 2.27 -4.67
C ALA A 62 11.26 1.97 -5.14
N ASP A 63 10.89 0.70 -5.14
CA ASP A 63 9.56 0.23 -5.51
C ASP A 63 8.50 1.00 -4.72
N ALA A 64 8.73 1.17 -3.43
CA ALA A 64 7.79 1.83 -2.54
C ALA A 64 7.84 3.35 -2.68
N LYS A 65 9.00 3.92 -3.02
CA LYS A 65 9.10 5.35 -3.32
C LYS A 65 8.20 5.65 -4.50
N ASP A 66 8.32 4.88 -5.58
CA ASP A 66 7.56 5.11 -6.80
C ASP A 66 6.09 4.83 -6.59
N ALA A 67 5.78 3.69 -5.96
CA ALA A 67 4.40 3.27 -5.77
C ALA A 67 3.59 4.25 -4.91
N ALA A 68 4.26 5.07 -4.09
CA ALA A 68 3.62 6.15 -3.37
C ALA A 68 3.22 7.32 -4.28
N ARG A 69 3.91 7.53 -5.42
CA ARG A 69 3.93 8.84 -6.03
C ARG A 69 2.87 9.03 -7.10
N ASP A 70 2.58 8.04 -7.94
CA ASP A 70 1.48 8.20 -8.91
C ASP A 70 0.14 8.03 -8.18
N MET A 71 -0.07 6.86 -7.58
CA MET A 71 -1.36 6.37 -7.10
C MET A 71 -1.94 7.10 -5.89
N ASN A 72 -1.25 8.05 -5.27
CA ASN A 72 -1.86 8.83 -4.22
C ASN A 72 -2.87 9.81 -4.83
N GLY A 73 -3.99 10.06 -4.13
CA GLY A 73 -4.86 11.19 -4.38
C GLY A 73 -5.63 11.13 -5.70
N LYS A 74 -5.76 9.95 -6.31
CA LYS A 74 -6.59 9.73 -7.48
C LYS A 74 -7.80 8.88 -7.09
N SER A 75 -8.65 8.52 -8.05
CA SER A 75 -9.83 7.71 -7.79
C SER A 75 -9.81 6.50 -8.68
N LEU A 76 -10.16 5.38 -8.05
CA LEU A 76 -9.98 4.03 -8.54
C LEU A 76 -11.36 3.39 -8.46
N ASP A 77 -11.93 3.07 -9.62
CA ASP A 77 -13.23 2.43 -9.82
C ASP A 77 -14.32 3.10 -8.99
N GLY A 78 -14.29 4.43 -8.98
CA GLY A 78 -15.31 5.29 -8.42
C GLY A 78 -15.03 5.75 -6.99
N LYS A 79 -13.88 5.39 -6.42
CA LYS A 79 -13.52 5.56 -5.02
C LYS A 79 -12.19 6.29 -4.96
N ALA A 80 -12.18 7.49 -4.38
CA ALA A 80 -10.94 8.21 -4.11
C ALA A 80 -10.05 7.33 -3.23
N ILE A 81 -8.74 7.32 -3.48
CA ILE A 81 -7.74 6.63 -2.69
C ILE A 81 -6.74 7.61 -2.09
N LYS A 82 -5.98 7.06 -1.14
CA LYS A 82 -5.02 7.72 -0.30
C LYS A 82 -3.83 6.76 -0.25
N VAL A 83 -2.63 7.21 -0.62
CA VAL A 83 -1.41 6.43 -0.58
C VAL A 83 -0.34 7.31 0.05
N GLU A 84 0.04 7.00 1.29
CA GLU A 84 1.06 7.68 2.05
C GLU A 84 2.09 6.64 2.48
N GLN A 85 3.17 7.11 3.08
CA GLN A 85 4.19 6.23 3.60
C GLN A 85 4.04 6.25 5.10
N ALA A 86 3.49 5.20 5.70
CA ALA A 86 3.53 4.97 7.14
C ALA A 86 4.99 4.97 7.59
N THR A 87 5.44 6.14 7.98
CA THR A 87 6.80 6.46 8.40
C THR A 87 6.65 7.16 9.75
N LYS A 88 7.74 7.62 10.37
CA LYS A 88 7.70 8.24 11.68
C LYS A 88 8.62 9.45 11.68
N PRO A 89 8.35 10.49 12.46
CA PRO A 89 8.98 11.80 12.27
C PRO A 89 10.44 11.84 12.74
N SER A 90 10.92 10.82 13.46
CA SER A 90 12.31 10.65 13.86
C SER A 90 12.67 9.17 13.89
N PHE A 91 13.97 8.90 13.89
CA PHE A 91 14.56 7.62 14.28
C PHE A 91 15.68 7.91 15.27
N GLU A 92 15.96 6.91 16.09
CA GLU A 92 17.02 6.84 17.06
C GLU A 92 18.28 6.39 16.37
N GLY A 1 17.15 13.60 -10.79
CA GLY A 1 16.74 14.47 -9.69
C GLY A 1 16.31 13.62 -8.51
N HIS A 2 15.41 14.17 -7.67
CA HIS A 2 14.85 13.49 -6.50
C HIS A 2 15.93 13.03 -5.51
N MET A 3 15.53 12.28 -4.48
CA MET A 3 16.41 11.74 -3.47
C MET A 3 16.08 10.26 -3.31
N VAL A 4 17.14 9.44 -3.21
CA VAL A 4 17.11 8.02 -2.89
C VAL A 4 18.19 7.77 -1.81
N GLU A 5 18.41 8.76 -0.94
CA GLU A 5 19.35 8.72 0.18
C GLU A 5 18.74 8.08 1.43
N ALA A 6 17.52 7.58 1.31
CA ALA A 6 16.72 7.07 2.40
C ALA A 6 16.55 5.56 2.22
N ASP A 7 16.44 4.86 3.34
CA ASP A 7 16.45 3.43 3.47
C ASP A 7 15.19 3.04 4.24
N ARG A 8 14.53 1.97 3.80
CA ARG A 8 13.24 1.52 4.32
C ARG A 8 13.00 0.08 3.85
N PRO A 9 12.07 -0.65 4.47
CA PRO A 9 11.71 -2.02 4.07
C PRO A 9 10.63 -2.08 2.99
N GLY A 10 10.43 -1.00 2.25
CA GLY A 10 9.44 -0.90 1.16
C GLY A 10 7.99 -0.92 1.60
N LYS A 11 7.73 -0.79 2.90
CA LYS A 11 6.39 -0.73 3.43
C LYS A 11 5.70 0.56 2.99
N LEU A 12 4.41 0.47 2.67
CA LEU A 12 3.49 1.53 2.34
C LEU A 12 2.21 1.41 3.17
N PHE A 13 1.25 2.31 3.00
CA PHE A 13 -0.08 2.23 3.59
C PHE A 13 -1.08 2.71 2.55
N ILE A 14 -2.31 2.17 2.53
CA ILE A 14 -3.37 2.69 1.67
C ILE A 14 -4.66 2.78 2.48
N GLY A 15 -5.39 3.89 2.36
CA GLY A 15 -6.64 4.11 3.07
C GLY A 15 -7.68 4.80 2.18
N GLY A 16 -8.25 4.04 1.24
CA GLY A 16 -9.47 4.41 0.52
C GLY A 16 -9.98 3.31 -0.40
N LEU A 17 -9.69 2.03 -0.10
CA LEU A 17 -9.93 0.90 -1.00
C LEU A 17 -11.42 0.56 -1.12
N ASN A 18 -11.71 -0.32 -2.07
CA ASN A 18 -13.05 -0.82 -2.36
C ASN A 18 -13.49 -1.88 -1.34
N THR A 19 -14.73 -2.33 -1.44
CA THR A 19 -15.38 -3.26 -0.51
C THR A 19 -15.49 -4.69 -1.07
N GLU A 20 -15.03 -4.91 -2.30
CA GLU A 20 -14.91 -6.22 -2.96
C GLU A 20 -13.49 -6.32 -3.54
N THR A 21 -12.52 -5.82 -2.79
CA THR A 21 -11.10 -5.98 -3.05
C THR A 21 -10.69 -7.41 -2.62
N ASN A 22 -9.53 -7.89 -3.09
CA ASN A 22 -8.81 -9.00 -2.47
C ASN A 22 -7.33 -8.63 -2.50
N GLU A 23 -6.52 -9.38 -1.76
CA GLU A 23 -5.06 -9.20 -1.73
C GLU A 23 -4.53 -9.49 -3.14
N LYS A 24 -4.99 -10.60 -3.73
CA LYS A 24 -4.70 -10.95 -5.12
C LYS A 24 -5.08 -9.87 -6.12
N ALA A 25 -6.05 -9.00 -5.79
CA ALA A 25 -6.44 -7.90 -6.66
C ALA A 25 -5.41 -6.78 -6.53
N LEU A 26 -5.04 -6.43 -5.30
CA LEU A 26 -4.06 -5.40 -4.98
C LEU A 26 -2.68 -5.70 -5.57
N GLU A 27 -2.34 -6.97 -5.79
CA GLU A 27 -1.11 -7.35 -6.49
C GLU A 27 -1.05 -6.65 -7.85
N ALA A 28 -2.18 -6.62 -8.57
CA ALA A 28 -2.27 -6.04 -9.89
C ALA A 28 -2.15 -4.52 -9.83
N VAL A 29 -2.82 -3.92 -8.85
CA VAL A 29 -2.92 -2.48 -8.66
C VAL A 29 -1.52 -1.85 -8.63
N PHE A 30 -0.61 -2.41 -7.82
CA PHE A 30 0.65 -1.73 -7.54
C PHE A 30 1.84 -2.38 -8.22
N GLY A 31 1.71 -3.57 -8.82
CA GLY A 31 2.80 -4.23 -9.54
C GLY A 31 3.28 -3.42 -10.74
N LYS A 32 2.45 -2.51 -11.25
CA LYS A 32 2.79 -1.59 -12.33
C LYS A 32 3.76 -0.46 -11.91
N TYR A 33 4.33 -0.52 -10.70
CA TYR A 33 5.35 0.41 -10.22
C TYR A 33 6.59 -0.29 -9.68
N GLY A 34 6.59 -1.62 -9.55
CA GLY A 34 7.51 -2.25 -8.64
C GLY A 34 7.21 -3.73 -8.47
N ARG A 35 7.71 -4.32 -7.39
CA ARG A 35 7.59 -5.74 -7.11
C ARG A 35 7.12 -5.90 -5.68
N ILE A 36 5.83 -6.13 -5.50
CA ILE A 36 5.22 -6.36 -4.22
C ILE A 36 5.69 -7.70 -3.68
N VAL A 37 5.80 -7.80 -2.36
CA VAL A 37 6.23 -9.02 -1.71
C VAL A 37 5.47 -9.33 -0.41
N GLU A 38 4.52 -8.48 0.02
CA GLU A 38 3.45 -8.78 0.97
C GLU A 38 2.27 -7.82 0.75
N VAL A 39 1.06 -8.23 1.10
CA VAL A 39 -0.17 -7.44 1.01
C VAL A 39 -1.08 -7.87 2.15
N LEU A 40 -1.63 -6.90 2.88
CA LEU A 40 -2.53 -7.13 4.01
C LEU A 40 -3.79 -6.27 3.82
N LEU A 41 -4.81 -6.89 3.22
CA LEU A 41 -6.13 -6.30 3.03
C LEU A 41 -6.96 -6.56 4.28
N MET A 42 -7.40 -5.50 4.96
CA MET A 42 -8.29 -5.64 6.10
C MET A 42 -9.70 -5.95 5.61
N LYS A 43 -10.44 -6.78 6.35
CA LYS A 43 -11.76 -7.27 5.96
C LYS A 43 -12.73 -7.03 7.10
N ASP A 44 -14.00 -7.06 6.74
CA ASP A 44 -15.14 -6.81 7.63
C ASP A 44 -15.52 -8.09 8.37
N ARG A 45 -16.49 -7.99 9.26
CA ARG A 45 -17.12 -9.09 9.99
C ARG A 45 -18.58 -9.22 9.60
N GLU A 46 -19.10 -8.36 8.73
CA GLU A 46 -20.47 -8.47 8.26
C GLU A 46 -20.58 -9.76 7.45
N THR A 47 -19.78 -9.88 6.38
CA THR A 47 -19.98 -10.92 5.36
C THR A 47 -18.72 -10.97 4.46
N ASN A 48 -17.52 -10.91 5.04
CA ASN A 48 -16.20 -10.94 4.37
C ASN A 48 -15.93 -9.77 3.41
N LYS A 49 -16.81 -8.76 3.37
CA LYS A 49 -16.60 -7.50 2.65
C LYS A 49 -15.21 -6.97 3.00
N SER A 50 -14.53 -6.28 2.09
CA SER A 50 -13.27 -5.65 2.47
C SER A 50 -13.56 -4.45 3.36
N ARG A 51 -12.52 -3.93 4.04
CA ARG A 51 -12.56 -2.58 4.60
C ARG A 51 -11.79 -1.68 3.65
N GLY A 52 -12.04 -0.38 3.70
CA GLY A 52 -11.42 0.60 2.83
C GLY A 52 -9.98 0.95 3.20
N PHE A 53 -9.27 0.13 3.99
CA PHE A 53 -7.87 0.36 4.32
C PHE A 53 -7.12 -0.95 4.16
N ALA A 54 -5.88 -0.87 3.69
CA ALA A 54 -5.02 -1.98 3.34
C ALA A 54 -3.58 -1.51 3.45
N PHE A 55 -2.65 -2.45 3.29
CA PHE A 55 -1.24 -2.21 3.49
C PHE A 55 -0.50 -3.14 2.56
N VAL A 56 0.65 -2.67 2.12
CA VAL A 56 1.41 -3.29 1.08
C VAL A 56 2.89 -3.13 1.43
N THR A 57 3.68 -4.09 0.99
CA THR A 57 5.05 -4.26 1.39
C THR A 57 5.78 -4.53 0.10
N PHE A 58 6.39 -3.51 -0.50
CA PHE A 58 7.17 -3.77 -1.69
C PHE A 58 8.51 -4.37 -1.28
N GLU A 59 9.16 -5.06 -2.19
CA GLU A 59 10.45 -5.67 -1.97
C GLU A 59 11.60 -4.66 -1.88
N SER A 60 11.57 -3.50 -2.56
CA SER A 60 12.53 -2.42 -2.32
C SER A 60 11.84 -1.23 -1.63
N PRO A 61 12.58 -0.27 -1.05
CA PRO A 61 12.03 1.05 -0.78
C PRO A 61 11.97 1.92 -2.03
N ALA A 62 12.81 1.63 -3.03
CA ALA A 62 12.99 2.50 -4.17
C ALA A 62 12.05 2.20 -5.32
N ASP A 63 11.39 1.04 -5.34
CA ASP A 63 10.22 0.84 -6.16
C ASP A 63 9.00 1.40 -5.42
N ALA A 64 8.99 1.27 -4.08
CA ALA A 64 7.89 1.74 -3.23
C ALA A 64 7.71 3.25 -3.32
N LYS A 65 8.81 4.01 -3.32
CA LYS A 65 8.76 5.47 -3.40
C LYS A 65 8.01 5.92 -4.64
N ASP A 66 8.30 5.28 -5.77
CA ASP A 66 7.75 5.66 -7.05
C ASP A 66 6.26 5.35 -7.05
N ALA A 67 5.87 4.21 -6.49
CA ALA A 67 4.46 3.85 -6.40
C ALA A 67 3.70 4.91 -5.60
N ALA A 68 4.27 5.33 -4.47
CA ALA A 68 3.80 6.40 -3.60
C ALA A 68 4.00 7.81 -4.20
N ARG A 69 4.48 7.94 -5.43
CA ARG A 69 4.61 9.20 -6.15
C ARG A 69 3.71 9.25 -7.39
N ASP A 70 2.93 8.20 -7.67
CA ASP A 70 2.06 8.15 -8.84
C ASP A 70 0.62 7.85 -8.44
N MET A 71 0.39 6.84 -7.59
CA MET A 71 -0.96 6.40 -7.24
C MET A 71 -1.55 7.12 -6.01
N ASN A 72 -0.85 8.09 -5.44
CA ASN A 72 -1.39 8.93 -4.39
C ASN A 72 -2.60 9.75 -4.87
N GLY A 73 -3.54 9.98 -3.95
CA GLY A 73 -4.68 10.90 -4.08
C GLY A 73 -5.73 10.59 -5.14
N LYS A 74 -5.46 9.73 -6.13
CA LYS A 74 -6.37 9.46 -7.25
C LYS A 74 -7.58 8.65 -6.79
N SER A 75 -8.43 8.30 -7.74
CA SER A 75 -9.47 7.32 -7.58
C SER A 75 -9.03 6.03 -8.27
N LEU A 76 -9.63 4.93 -7.84
CA LEU A 76 -9.45 3.59 -8.36
C LEU A 76 -10.83 2.97 -8.31
N ASP A 77 -11.36 2.59 -9.48
CA ASP A 77 -12.63 1.88 -9.61
C ASP A 77 -13.84 2.62 -9.00
N GLY A 78 -13.73 3.94 -8.87
CA GLY A 78 -14.79 4.78 -8.32
C GLY A 78 -14.66 5.03 -6.81
N LYS A 79 -13.50 4.72 -6.22
CA LYS A 79 -13.17 4.95 -4.82
C LYS A 79 -11.96 5.87 -4.80
N ALA A 80 -12.05 7.01 -4.13
CA ALA A 80 -10.88 7.83 -3.84
C ALA A 80 -9.94 7.03 -2.93
N ILE A 81 -8.67 6.91 -3.32
CA ILE A 81 -7.66 6.18 -2.57
C ILE A 81 -6.67 7.16 -1.94
N LYS A 82 -5.98 6.70 -0.89
CA LYS A 82 -4.93 7.45 -0.21
C LYS A 82 -3.76 6.52 -0.05
N VAL A 83 -2.85 6.46 -1.01
CA VAL A 83 -1.55 5.81 -0.83
C VAL A 83 -0.72 6.77 0.00
N GLU A 84 -0.09 6.28 1.06
CA GLU A 84 0.81 7.03 1.92
C GLU A 84 2.00 6.16 2.33
N GLN A 85 2.92 6.74 3.10
CA GLN A 85 4.14 6.09 3.56
C GLN A 85 4.16 6.11 5.09
N ALA A 86 3.50 5.13 5.73
CA ALA A 86 3.25 5.09 7.17
C ALA A 86 4.53 4.83 7.99
N THR A 87 5.38 5.85 8.13
CA THR A 87 6.64 5.83 8.88
C THR A 87 6.94 7.26 9.37
N LYS A 88 8.19 7.50 9.81
CA LYS A 88 8.75 8.78 10.20
C LYS A 88 10.01 9.05 9.36
N PRO A 89 10.44 10.30 9.19
CA PRO A 89 11.56 10.62 8.30
C PRO A 89 12.92 10.31 8.94
N SER A 90 13.00 10.43 10.27
CA SER A 90 14.18 10.26 11.10
C SER A 90 13.75 9.57 12.39
N PHE A 91 14.71 9.14 13.22
CA PHE A 91 14.43 8.58 14.53
C PHE A 91 15.24 9.28 15.62
N GLU A 92 14.56 9.55 16.72
CA GLU A 92 15.12 9.80 18.04
C GLU A 92 15.89 8.58 18.52
N GLY A 1 25.78 15.21 5.50
CA GLY A 1 25.53 15.05 4.06
C GLY A 1 24.04 14.80 3.84
N HIS A 2 23.63 13.56 4.03
CA HIS A 2 22.24 13.08 4.03
C HIS A 2 22.12 12.09 5.18
N MET A 3 20.91 11.65 5.51
CA MET A 3 20.63 10.63 6.51
C MET A 3 19.65 9.65 5.90
N VAL A 4 20.01 8.37 5.90
CA VAL A 4 19.26 7.25 5.33
C VAL A 4 19.25 6.16 6.41
N GLU A 5 18.67 6.49 7.56
CA GLU A 5 18.47 5.57 8.66
C GLU A 5 17.03 5.70 9.14
N ALA A 6 16.11 4.97 8.49
CA ALA A 6 14.73 4.84 8.91
C ALA A 6 14.25 3.42 8.64
N ASP A 7 13.01 3.15 9.06
CA ASP A 7 12.47 1.82 9.33
C ASP A 7 11.77 1.20 8.12
N ARG A 8 12.12 1.62 6.90
CA ARG A 8 11.23 1.57 5.74
C ARG A 8 11.72 0.64 4.61
N PRO A 9 11.71 -0.70 4.78
CA PRO A 9 11.85 -1.63 3.68
C PRO A 9 10.55 -1.62 2.84
N GLY A 10 10.40 -0.55 2.06
CA GLY A 10 9.36 -0.40 1.05
C GLY A 10 7.95 -0.48 1.61
N LYS A 11 7.77 -0.03 2.84
CA LYS A 11 6.45 0.07 3.45
C LYS A 11 5.67 1.19 2.79
N LEU A 12 4.36 0.98 2.66
CA LEU A 12 3.40 1.96 2.17
C LEU A 12 2.35 2.20 3.26
N PHE A 13 1.27 2.92 2.94
CA PHE A 13 -0.03 2.86 3.60
C PHE A 13 -1.06 3.07 2.49
N ILE A 14 -2.20 2.36 2.51
CA ILE A 14 -3.29 2.60 1.56
C ILE A 14 -4.60 2.74 2.35
N GLY A 15 -5.44 3.70 1.98
CA GLY A 15 -6.78 3.93 2.53
C GLY A 15 -7.76 4.31 1.42
N GLY A 16 -9.06 4.15 1.63
CA GLY A 16 -10.12 4.68 0.76
C GLY A 16 -10.58 3.69 -0.31
N LEU A 17 -10.28 2.41 -0.13
CA LEU A 17 -10.47 1.37 -1.10
C LEU A 17 -11.94 0.98 -1.24
N ASN A 18 -12.25 0.24 -2.31
CA ASN A 18 -13.55 -0.39 -2.53
C ASN A 18 -13.78 -1.59 -1.60
N THR A 19 -15.01 -2.09 -1.55
CA THR A 19 -15.48 -2.96 -0.47
C THR A 19 -15.47 -4.45 -0.81
N GLU A 20 -15.11 -4.87 -2.04
CA GLU A 20 -15.03 -6.30 -2.43
C GLU A 20 -13.72 -6.63 -3.15
N THR A 21 -12.67 -5.80 -3.06
CA THR A 21 -11.42 -6.12 -3.72
C THR A 21 -10.65 -7.14 -2.85
N ASN A 22 -9.61 -7.78 -3.40
CA ASN A 22 -8.87 -8.85 -2.73
C ASN A 22 -7.37 -8.65 -2.90
N GLU A 23 -6.52 -9.47 -2.27
CA GLU A 23 -5.06 -9.31 -2.33
C GLU A 23 -4.55 -9.48 -3.75
N LYS A 24 -5.04 -10.52 -4.45
CA LYS A 24 -4.78 -10.74 -5.87
C LYS A 24 -5.10 -9.51 -6.72
N ALA A 25 -6.09 -8.72 -6.30
CA ALA A 25 -6.48 -7.53 -7.02
C ALA A 25 -5.45 -6.43 -6.75
N LEU A 26 -5.04 -6.24 -5.50
CA LEU A 26 -4.02 -5.27 -5.11
C LEU A 26 -2.67 -5.57 -5.76
N GLU A 27 -2.32 -6.85 -5.95
CA GLU A 27 -1.12 -7.24 -6.66
C GLU A 27 -1.09 -6.62 -8.05
N ALA A 28 -2.24 -6.54 -8.72
CA ALA A 28 -2.37 -6.00 -10.06
C ALA A 28 -2.53 -4.47 -10.04
N VAL A 29 -2.92 -3.86 -8.92
CA VAL A 29 -2.94 -2.40 -8.76
C VAL A 29 -1.51 -1.86 -8.77
N PHE A 30 -0.58 -2.55 -8.08
CA PHE A 30 0.74 -1.99 -7.79
C PHE A 30 1.89 -2.79 -8.40
N GLY A 31 1.67 -3.97 -9.00
CA GLY A 31 2.75 -4.79 -9.55
C GLY A 31 3.45 -4.09 -10.71
N LYS A 32 2.77 -3.15 -11.37
CA LYS A 32 3.27 -2.23 -12.40
C LYS A 32 4.35 -1.25 -11.92
N TYR A 33 4.77 -1.32 -10.65
CA TYR A 33 5.87 -0.52 -10.13
C TYR A 33 7.12 -1.38 -9.82
N GLY A 34 7.04 -2.71 -9.74
CA GLY A 34 8.17 -3.54 -9.31
C GLY A 34 7.81 -4.94 -8.80
N ARG A 35 8.11 -5.22 -7.53
CA ARG A 35 8.01 -6.51 -6.83
C ARG A 35 7.31 -6.27 -5.51
N ILE A 36 6.10 -6.82 -5.36
CA ILE A 36 5.35 -6.75 -4.11
C ILE A 36 5.57 -8.06 -3.38
N VAL A 37 5.91 -7.95 -2.10
CA VAL A 37 6.40 -9.05 -1.30
C VAL A 37 5.58 -9.20 0.00
N GLU A 38 4.48 -8.45 0.12
CA GLU A 38 3.52 -8.51 1.23
C GLU A 38 2.26 -7.76 0.76
N VAL A 39 1.08 -8.31 1.05
CA VAL A 39 -0.23 -7.80 0.69
C VAL A 39 -1.17 -8.08 1.88
N LEU A 40 -1.05 -7.28 2.93
CA LEU A 40 -1.77 -7.44 4.18
C LEU A 40 -3.11 -6.69 4.08
N LEU A 41 -4.12 -7.31 3.46
CA LEU A 41 -5.38 -6.64 3.14
C LEU A 41 -6.37 -6.84 4.28
N MET A 42 -6.75 -5.74 4.92
CA MET A 42 -7.68 -5.70 6.05
C MET A 42 -9.12 -6.02 5.58
N LYS A 43 -9.75 -7.05 6.13
CA LYS A 43 -11.06 -7.55 5.69
C LYS A 43 -12.04 -7.55 6.87
N ASP A 44 -13.32 -7.55 6.53
CA ASP A 44 -14.46 -7.64 7.43
C ASP A 44 -14.55 -9.05 8.04
N ARG A 45 -15.57 -9.29 8.86
CA ARG A 45 -15.93 -10.59 9.41
C ARG A 45 -17.32 -11.05 8.97
N GLU A 46 -18.09 -10.23 8.25
CA GLU A 46 -19.41 -10.57 7.74
C GLU A 46 -19.24 -11.51 6.55
N THR A 47 -18.85 -10.96 5.39
CA THR A 47 -18.97 -11.60 4.08
C THR A 47 -17.74 -11.26 3.25
N ASN A 48 -16.55 -11.29 3.86
CA ASN A 48 -15.26 -11.13 3.19
C ASN A 48 -15.15 -9.77 2.49
N LYS A 49 -15.99 -8.80 2.87
CA LYS A 49 -15.86 -7.41 2.47
C LYS A 49 -14.49 -6.88 2.92
N SER A 50 -14.02 -5.80 2.33
CA SER A 50 -12.79 -5.15 2.74
C SER A 50 -13.09 -4.12 3.85
N ARG A 51 -12.05 -3.56 4.51
CA ARG A 51 -12.22 -2.56 5.59
C ARG A 51 -12.12 -1.11 5.08
N GLY A 52 -11.78 -0.89 3.82
CA GLY A 52 -11.47 0.40 3.24
C GLY A 52 -10.06 0.89 3.62
N PHE A 53 -9.16 0.03 4.12
CA PHE A 53 -7.74 0.34 4.26
C PHE A 53 -6.92 -0.94 4.00
N ALA A 54 -5.65 -0.80 3.64
CA ALA A 54 -4.75 -1.90 3.32
C ALA A 54 -3.35 -1.56 3.79
N PHE A 55 -2.50 -2.58 3.80
CA PHE A 55 -1.06 -2.39 3.89
C PHE A 55 -0.43 -3.34 2.85
N VAL A 56 0.34 -2.79 1.92
CA VAL A 56 1.14 -3.49 0.91
C VAL A 56 2.60 -3.09 1.17
N THR A 57 3.53 -3.97 0.82
CA THR A 57 4.94 -3.79 1.10
C THR A 57 5.72 -4.25 -0.12
N PHE A 58 6.75 -3.49 -0.46
CA PHE A 58 7.44 -3.64 -1.72
C PHE A 58 8.88 -4.00 -1.45
N GLU A 59 9.37 -5.01 -2.17
CA GLU A 59 10.65 -5.61 -1.87
C GLU A 59 11.80 -4.63 -2.04
N SER A 60 11.80 -3.82 -3.10
CA SER A 60 12.78 -2.76 -3.23
C SER A 60 12.23 -1.52 -2.51
N PRO A 61 13.05 -0.72 -1.82
CA PRO A 61 12.54 0.47 -1.16
C PRO A 61 12.19 1.56 -2.19
N ALA A 62 12.86 1.56 -3.34
CA ALA A 62 12.68 2.54 -4.39
C ALA A 62 11.54 2.20 -5.36
N ASP A 63 10.94 1.01 -5.21
CA ASP A 63 9.63 0.71 -5.77
C ASP A 63 8.60 1.53 -4.96
N ALA A 64 8.63 1.39 -3.63
CA ALA A 64 7.67 2.04 -2.75
C ALA A 64 7.73 3.55 -2.82
N LYS A 65 8.95 4.14 -2.85
CA LYS A 65 9.07 5.62 -2.92
C LYS A 65 8.28 6.15 -4.10
N ASP A 66 8.39 5.48 -5.24
CA ASP A 66 7.88 5.98 -6.49
C ASP A 66 6.40 5.68 -6.60
N ALA A 67 5.98 4.51 -6.14
CA ALA A 67 4.59 4.11 -6.13
C ALA A 67 3.77 5.09 -5.27
N ALA A 68 4.27 5.43 -4.07
CA ALA A 68 3.68 6.45 -3.21
C ALA A 68 3.73 7.86 -3.83
N ARG A 69 4.55 8.09 -4.87
CA ARG A 69 4.75 9.37 -5.52
C ARG A 69 4.07 9.43 -6.89
N ASP A 70 3.22 8.45 -7.20
CA ASP A 70 2.37 8.48 -8.38
C ASP A 70 0.93 8.09 -8.02
N MET A 71 0.75 6.98 -7.32
CA MET A 71 -0.57 6.37 -7.14
C MET A 71 -1.39 6.98 -5.99
N ASN A 72 -0.83 7.97 -5.28
CA ASN A 72 -1.58 8.85 -4.39
C ASN A 72 -2.64 9.62 -5.18
N GLY A 73 -3.58 10.26 -4.46
CA GLY A 73 -4.59 11.14 -5.04
C GLY A 73 -5.57 10.47 -6.02
N LYS A 74 -5.48 9.15 -6.26
CA LYS A 74 -6.27 8.46 -7.26
C LYS A 74 -7.66 8.13 -6.78
N SER A 75 -8.47 7.74 -7.76
CA SER A 75 -9.67 6.95 -7.56
C SER A 75 -9.39 5.56 -8.10
N LEU A 76 -10.14 4.59 -7.58
CA LEU A 76 -10.13 3.22 -8.05
C LEU A 76 -11.55 2.67 -7.89
N ASP A 77 -12.13 2.21 -9.00
CA ASP A 77 -13.54 1.84 -9.17
C ASP A 77 -14.48 2.89 -8.56
N GLY A 78 -14.12 4.17 -8.72
CA GLY A 78 -14.90 5.31 -8.26
C GLY A 78 -14.65 5.72 -6.81
N LYS A 79 -13.70 5.09 -6.11
CA LYS A 79 -13.43 5.36 -4.70
C LYS A 79 -12.10 6.09 -4.58
N ALA A 80 -12.14 7.31 -4.03
CA ALA A 80 -10.96 8.14 -3.77
C ALA A 80 -10.04 7.46 -2.75
N ILE A 81 -8.94 6.88 -3.24
CA ILE A 81 -7.95 6.26 -2.39
C ILE A 81 -6.99 7.32 -1.85
N LYS A 82 -6.22 6.92 -0.83
CA LYS A 82 -5.11 7.62 -0.23
C LYS A 82 -3.96 6.62 -0.29
N VAL A 83 -2.81 7.00 -0.85
CA VAL A 83 -1.60 6.21 -0.81
C VAL A 83 -0.60 7.12 -0.10
N GLU A 84 -0.10 6.68 1.04
CA GLU A 84 0.68 7.49 1.95
C GLU A 84 1.82 6.66 2.51
N GLN A 85 2.61 7.25 3.39
CA GLN A 85 3.73 6.57 4.03
C GLN A 85 3.33 6.25 5.47
N ALA A 86 3.39 4.96 5.84
CA ALA A 86 3.17 4.51 7.22
C ALA A 86 4.37 4.87 8.12
N THR A 87 4.67 6.16 8.24
CA THR A 87 5.85 6.70 8.89
C THR A 87 5.57 7.02 10.37
N LYS A 88 6.60 7.47 11.09
CA LYS A 88 6.49 8.13 12.39
C LYS A 88 7.47 9.32 12.39
N PRO A 89 7.27 10.35 13.23
CA PRO A 89 8.09 11.57 13.21
C PRO A 89 9.44 11.39 13.91
N SER A 90 9.55 10.35 14.74
CA SER A 90 10.65 9.96 15.60
C SER A 90 10.30 8.54 16.10
N PHE A 91 11.14 7.94 16.94
CA PHE A 91 10.82 6.72 17.65
C PHE A 91 11.35 6.82 19.08
N GLU A 92 10.56 6.33 20.04
CA GLU A 92 10.88 6.16 21.46
C GLU A 92 10.87 7.49 22.21
N GLY A 1 18.34 19.23 -2.83
CA GLY A 1 18.54 18.21 -1.81
C GLY A 1 19.28 17.03 -2.40
N HIS A 2 20.25 16.51 -1.65
CA HIS A 2 20.86 15.23 -1.89
C HIS A 2 20.78 14.48 -0.55
N MET A 3 20.19 13.29 -0.55
CA MET A 3 19.99 12.47 0.63
C MET A 3 19.97 11.03 0.16
N VAL A 4 20.86 10.20 0.70
CA VAL A 4 20.76 8.75 0.60
C VAL A 4 20.71 8.21 2.03
N GLU A 5 19.56 8.42 2.67
CA GLU A 5 19.21 7.93 3.99
C GLU A 5 17.77 7.40 3.94
N ALA A 6 17.58 6.22 3.35
CA ALA A 6 16.24 5.65 3.15
C ALA A 6 16.26 4.12 3.20
N ASP A 7 16.68 3.55 4.33
CA ASP A 7 16.40 2.16 4.72
C ASP A 7 14.89 1.94 4.84
N ARG A 8 14.40 0.80 4.31
CA ARG A 8 13.24 0.05 4.82
C ARG A 8 12.97 -1.15 3.91
N PRO A 9 12.30 -2.20 4.40
CA PRO A 9 11.82 -3.30 3.57
C PRO A 9 10.54 -2.94 2.79
N GLY A 10 10.42 -1.71 2.31
CA GLY A 10 9.43 -1.31 1.29
C GLY A 10 8.00 -1.17 1.80
N LYS A 11 7.76 -1.37 3.09
CA LYS A 11 6.43 -1.32 3.69
C LYS A 11 5.68 -0.02 3.39
N LEU A 12 4.42 -0.13 2.98
CA LEU A 12 3.60 0.95 2.40
C LEU A 12 2.34 1.19 3.26
N PHE A 13 1.37 2.00 2.82
CA PHE A 13 0.14 2.29 3.56
C PHE A 13 -0.96 2.74 2.59
N ILE A 14 -2.19 2.22 2.71
CA ILE A 14 -3.35 2.66 1.91
C ILE A 14 -4.56 2.83 2.83
N GLY A 15 -5.46 3.77 2.52
CA GLY A 15 -6.63 4.07 3.34
C GLY A 15 -7.71 4.87 2.60
N GLY A 16 -8.26 4.36 1.51
CA GLY A 16 -9.41 4.96 0.81
C GLY A 16 -10.02 4.03 -0.24
N LEU A 17 -9.95 2.71 -0.03
CA LEU A 17 -10.25 1.68 -1.03
C LEU A 17 -11.73 1.51 -1.30
N ASN A 18 -12.03 0.70 -2.32
CA ASN A 18 -13.30 0.03 -2.56
C ASN A 18 -13.82 -0.76 -1.36
N THR A 19 -15.01 -1.31 -1.52
CA THR A 19 -15.66 -2.24 -0.63
C THR A 19 -15.63 -3.68 -1.18
N GLU A 20 -15.05 -3.95 -2.35
CA GLU A 20 -15.06 -5.29 -2.94
C GLU A 20 -13.73 -5.60 -3.64
N THR A 21 -12.65 -5.64 -2.87
CA THR A 21 -11.28 -5.89 -3.34
C THR A 21 -10.64 -7.05 -2.55
N ASN A 22 -9.69 -7.77 -3.16
CA ASN A 22 -8.91 -8.88 -2.57
C ASN A 22 -7.45 -8.84 -3.02
N GLU A 23 -6.59 -9.59 -2.34
CA GLU A 23 -5.13 -9.38 -2.32
C GLU A 23 -4.44 -9.65 -3.66
N LYS A 24 -4.95 -10.58 -4.47
CA LYS A 24 -4.37 -10.71 -5.82
C LYS A 24 -4.63 -9.48 -6.68
N ALA A 25 -5.75 -8.77 -6.46
CA ALA A 25 -6.06 -7.57 -7.21
C ALA A 25 -5.15 -6.42 -6.78
N LEU A 26 -4.79 -6.37 -5.49
CA LEU A 26 -3.83 -5.44 -4.90
C LEU A 26 -2.50 -5.51 -5.65
N GLU A 27 -2.04 -6.70 -6.06
CA GLU A 27 -0.81 -6.84 -6.83
C GLU A 27 -0.93 -6.08 -8.17
N ALA A 28 -2.09 -6.18 -8.83
CA ALA A 28 -2.36 -5.52 -10.10
C ALA A 28 -2.24 -4.00 -9.96
N VAL A 29 -2.66 -3.45 -8.80
CA VAL A 29 -2.58 -2.03 -8.49
C VAL A 29 -1.11 -1.60 -8.43
N PHE A 30 -0.39 -1.93 -7.35
CA PHE A 30 0.85 -1.22 -7.03
C PHE A 30 2.08 -1.87 -7.68
N GLY A 31 1.95 -3.10 -8.19
CA GLY A 31 3.10 -3.88 -8.63
C GLY A 31 3.83 -3.28 -9.83
N LYS A 32 3.14 -2.51 -10.68
CA LYS A 32 3.72 -1.91 -11.89
C LYS A 32 4.76 -0.81 -11.62
N TYR A 33 5.06 -0.51 -10.36
CA TYR A 33 6.05 0.48 -9.97
C TYR A 33 7.27 -0.15 -9.28
N GLY A 34 7.30 -1.49 -9.11
CA GLY A 34 8.46 -2.16 -8.53
C GLY A 34 8.22 -3.52 -7.87
N ARG A 35 7.14 -4.21 -8.24
CA ARG A 35 6.65 -5.45 -7.65
C ARG A 35 6.25 -5.27 -6.18
N ILE A 36 5.54 -6.28 -5.67
CA ILE A 36 5.07 -6.40 -4.31
C ILE A 36 5.28 -7.87 -3.99
N VAL A 37 5.62 -8.14 -2.73
CA VAL A 37 5.96 -9.49 -2.30
C VAL A 37 5.17 -9.89 -1.06
N GLU A 38 4.32 -9.00 -0.52
CA GLU A 38 3.52 -9.24 0.66
C GLU A 38 2.35 -8.23 0.59
N VAL A 39 1.15 -8.65 0.99
CA VAL A 39 -0.09 -7.88 1.05
C VAL A 39 -0.83 -8.34 2.29
N LEU A 40 -1.54 -7.42 2.97
CA LEU A 40 -2.28 -7.67 4.19
C LEU A 40 -3.55 -6.80 4.17
N LEU A 41 -4.65 -7.34 3.65
CA LEU A 41 -5.92 -6.64 3.52
C LEU A 41 -6.67 -6.66 4.85
N MET A 42 -7.05 -5.50 5.38
CA MET A 42 -7.82 -5.43 6.63
C MET A 42 -9.32 -5.61 6.32
N LYS A 43 -10.12 -6.03 7.30
CA LYS A 43 -11.54 -6.35 7.15
C LYS A 43 -12.30 -5.95 8.40
N ASP A 44 -13.60 -5.76 8.23
CA ASP A 44 -14.56 -5.68 9.33
C ASP A 44 -14.84 -7.07 9.91
N ARG A 45 -15.40 -7.12 11.13
CA ARG A 45 -15.88 -8.34 11.76
C ARG A 45 -17.33 -8.62 11.38
N GLU A 46 -18.12 -7.62 10.99
CA GLU A 46 -19.57 -7.76 10.83
C GLU A 46 -19.88 -8.80 9.76
N THR A 47 -19.32 -8.62 8.56
CA THR A 47 -19.73 -9.45 7.43
C THR A 47 -18.58 -9.54 6.42
N ASN A 48 -17.36 -9.83 6.91
CA ASN A 48 -16.11 -9.93 6.15
C ASN A 48 -15.77 -8.69 5.31
N LYS A 49 -16.54 -7.60 5.44
CA LYS A 49 -16.45 -6.39 4.62
C LYS A 49 -15.08 -5.75 4.75
N SER A 50 -14.77 -4.78 3.91
CA SER A 50 -13.60 -3.95 4.07
C SER A 50 -13.94 -2.84 5.07
N ARG A 51 -12.90 -2.19 5.60
CA ARG A 51 -12.99 -0.92 6.30
C ARG A 51 -12.26 0.19 5.51
N GLY A 52 -11.93 -0.07 4.24
CA GLY A 52 -11.41 0.92 3.31
C GLY A 52 -9.90 1.09 3.37
N PHE A 53 -9.16 0.28 4.14
CA PHE A 53 -7.73 0.44 4.33
C PHE A 53 -7.06 -0.92 4.21
N ALA A 54 -5.81 -0.89 3.76
CA ALA A 54 -5.00 -2.06 3.45
C ALA A 54 -3.53 -1.72 3.62
N PHE A 55 -2.71 -2.75 3.79
CA PHE A 55 -1.28 -2.62 3.85
C PHE A 55 -0.67 -3.59 2.87
N VAL A 56 0.49 -3.20 2.37
CA VAL A 56 1.20 -3.80 1.31
C VAL A 56 2.67 -3.61 1.65
N THR A 57 3.51 -4.52 1.18
CA THR A 57 4.94 -4.44 1.41
C THR A 57 5.61 -4.58 0.06
N PHE A 58 6.23 -3.50 -0.36
CA PHE A 58 7.10 -3.57 -1.51
C PHE A 58 8.36 -4.34 -1.17
N GLU A 59 9.06 -4.79 -2.19
CA GLU A 59 10.26 -5.60 -2.06
C GLU A 59 11.48 -4.74 -1.68
N SER A 60 11.54 -3.48 -2.14
CA SER A 60 12.66 -2.57 -1.90
C SER A 60 12.15 -1.12 -1.80
N PRO A 61 12.76 -0.25 -0.97
CA PRO A 61 12.16 1.01 -0.55
C PRO A 61 12.26 2.13 -1.58
N ALA A 62 13.19 2.05 -2.53
CA ALA A 62 13.35 3.06 -3.58
C ALA A 62 12.24 2.92 -4.60
N ASP A 63 12.00 1.69 -5.05
CA ASP A 63 10.83 1.37 -5.86
C ASP A 63 9.55 1.70 -5.07
N ALA A 64 9.56 1.51 -3.75
CA ALA A 64 8.47 1.90 -2.86
C ALA A 64 8.42 3.41 -2.61
N LYS A 65 9.03 4.25 -3.46
CA LYS A 65 8.74 5.68 -3.53
C LYS A 65 7.81 5.96 -4.69
N ASP A 66 8.03 5.32 -5.83
CA ASP A 66 7.34 5.63 -7.07
C ASP A 66 5.89 5.19 -6.98
N ALA A 67 5.60 4.09 -6.30
CA ALA A 67 4.25 3.55 -6.21
C ALA A 67 3.30 4.61 -5.64
N ALA A 68 3.66 5.21 -4.50
CA ALA A 68 2.86 6.27 -3.93
C ALA A 68 2.82 7.47 -4.88
N ARG A 69 3.93 7.76 -5.58
CA ARG A 69 4.10 8.97 -6.37
C ARG A 69 3.28 8.99 -7.66
N ASP A 70 2.73 7.86 -8.11
CA ASP A 70 1.74 7.89 -9.19
C ASP A 70 0.33 7.73 -8.59
N MET A 71 0.14 6.84 -7.63
CA MET A 71 -1.18 6.27 -7.36
C MET A 71 -1.92 6.85 -6.15
N ASN A 72 -1.37 7.80 -5.41
CA ASN A 72 -2.15 8.54 -4.43
C ASN A 72 -3.24 9.37 -5.12
N GLY A 73 -4.32 9.71 -4.39
CA GLY A 73 -5.33 10.69 -4.77
C GLY A 73 -6.37 10.21 -5.78
N LYS A 74 -5.95 9.39 -6.75
CA LYS A 74 -6.82 8.97 -7.85
C LYS A 74 -7.85 7.94 -7.39
N SER A 75 -8.79 7.67 -8.26
CA SER A 75 -9.79 6.64 -8.08
C SER A 75 -9.35 5.42 -8.88
N LEU A 76 -9.83 4.22 -8.54
CA LEU A 76 -9.42 3.01 -9.25
C LEU A 76 -10.52 1.94 -9.30
N ASP A 77 -11.73 2.36 -8.99
CA ASP A 77 -12.71 1.54 -8.28
C ASP A 77 -14.02 2.28 -8.03
N GLY A 78 -14.03 3.60 -8.11
CA GLY A 78 -15.19 4.42 -7.81
C GLY A 78 -15.13 5.00 -6.41
N LYS A 79 -14.11 4.66 -5.63
CA LYS A 79 -13.71 5.43 -4.46
C LYS A 79 -12.49 6.21 -4.90
N ALA A 80 -11.82 6.91 -4.00
CA ALA A 80 -10.60 7.65 -4.31
C ALA A 80 -9.53 7.21 -3.30
N ILE A 81 -8.58 6.38 -3.73
CA ILE A 81 -7.64 5.75 -2.83
C ILE A 81 -6.71 6.80 -2.22
N LYS A 82 -6.44 6.68 -0.92
CA LYS A 82 -5.39 7.42 -0.23
C LYS A 82 -4.21 6.47 -0.16
N VAL A 83 -3.02 6.88 -0.60
CA VAL A 83 -1.83 6.06 -0.59
C VAL A 83 -0.75 6.90 0.07
N GLU A 84 -0.07 6.34 1.07
CA GLU A 84 0.87 7.06 1.89
C GLU A 84 2.08 6.21 2.21
N GLN A 85 3.16 6.90 2.56
CA GLN A 85 4.39 6.28 2.96
C GLN A 85 4.32 6.03 4.45
N ALA A 86 4.60 4.80 4.88
CA ALA A 86 4.65 4.44 6.29
C ALA A 86 6.05 4.70 6.88
N THR A 87 6.84 5.59 6.27
CA THR A 87 8.21 5.90 6.63
C THR A 87 8.32 7.20 7.42
N LYS A 88 9.49 7.44 7.98
CA LYS A 88 9.87 8.64 8.74
C LYS A 88 11.39 8.81 8.71
N PRO A 89 11.91 10.03 8.95
CA PRO A 89 13.34 10.24 9.04
C PRO A 89 13.93 9.67 10.33
N SER A 90 13.13 9.54 11.39
CA SER A 90 13.48 8.93 12.66
C SER A 90 12.23 8.58 13.46
N PHE A 91 12.42 7.90 14.58
CA PHE A 91 11.36 7.53 15.50
C PHE A 91 11.89 7.64 16.92
N GLU A 92 11.04 8.06 17.85
CA GLU A 92 11.25 7.99 19.29
C GLU A 92 11.54 6.57 19.74
N GLY A 1 17.28 24.39 3.78
CA GLY A 1 17.85 24.39 2.42
C GLY A 1 17.22 23.25 1.64
N HIS A 2 18.02 22.29 1.20
CA HIS A 2 17.60 21.08 0.51
C HIS A 2 17.82 19.86 1.41
N MET A 3 17.33 18.71 0.96
CA MET A 3 17.40 17.45 1.66
C MET A 3 17.64 16.33 0.66
N VAL A 4 18.25 15.24 1.10
CA VAL A 4 18.57 14.06 0.31
C VAL A 4 18.51 12.76 1.13
N GLU A 5 18.09 12.86 2.38
CA GLU A 5 18.07 11.81 3.39
C GLU A 5 16.82 10.90 3.27
N ALA A 6 16.14 10.95 2.12
CA ALA A 6 14.93 10.20 1.86
C ALA A 6 15.28 8.77 1.43
N ASP A 7 15.54 7.90 2.41
CA ASP A 7 15.72 6.45 2.26
C ASP A 7 14.75 5.78 3.23
N ARG A 8 14.14 4.63 2.88
CA ARG A 8 13.00 4.08 3.63
C ARG A 8 12.99 2.56 3.54
N PRO A 9 12.39 1.85 4.52
CA PRO A 9 12.33 0.40 4.56
C PRO A 9 11.28 -0.23 3.64
N GLY A 10 10.76 0.51 2.66
CA GLY A 10 9.89 -0.05 1.63
C GLY A 10 8.42 -0.28 2.06
N LYS A 11 8.01 0.24 3.22
CA LYS A 11 6.66 0.08 3.76
C LYS A 11 5.78 1.25 3.28
N LEU A 12 4.51 0.98 2.96
CA LEU A 12 3.50 2.00 2.61
C LEU A 12 2.26 1.85 3.49
N PHE A 13 1.19 2.60 3.19
CA PHE A 13 -0.07 2.69 3.93
C PHE A 13 -1.17 3.10 2.94
N ILE A 14 -2.36 2.50 3.02
CA ILE A 14 -3.44 2.71 2.05
C ILE A 14 -4.77 2.87 2.79
N GLY A 15 -5.67 3.75 2.31
CA GLY A 15 -6.93 4.08 2.98
C GLY A 15 -7.98 4.72 2.07
N GLY A 16 -8.61 3.95 1.19
CA GLY A 16 -9.81 4.38 0.43
C GLY A 16 -10.19 3.42 -0.71
N LEU A 17 -9.83 2.14 -0.58
CA LEU A 17 -10.05 1.08 -1.56
C LEU A 17 -11.52 0.65 -1.59
N ASN A 18 -11.90 -0.18 -2.59
CA ASN A 18 -13.24 -0.76 -2.61
C ASN A 18 -13.38 -1.89 -1.58
N THR A 19 -14.62 -2.24 -1.26
CA THR A 19 -14.99 -3.13 -0.18
C THR A 19 -14.87 -4.61 -0.53
N GLU A 20 -14.65 -4.98 -1.80
CA GLU A 20 -14.86 -6.34 -2.28
C GLU A 20 -13.59 -6.92 -2.94
N THR A 21 -12.50 -6.17 -2.95
CA THR A 21 -11.30 -6.57 -3.65
C THR A 21 -10.60 -7.71 -2.87
N ASN A 22 -9.53 -8.28 -3.45
CA ASN A 22 -8.66 -9.20 -2.73
C ASN A 22 -7.21 -8.86 -3.07
N GLU A 23 -6.27 -9.51 -2.39
CA GLU A 23 -4.82 -9.38 -2.56
C GLU A 23 -4.43 -9.49 -4.04
N LYS A 24 -4.96 -10.50 -4.76
CA LYS A 24 -4.68 -10.68 -6.19
C LYS A 24 -5.02 -9.47 -7.05
N ALA A 25 -5.93 -8.62 -6.57
CA ALA A 25 -6.39 -7.44 -7.27
C ALA A 25 -5.61 -6.22 -6.79
N LEU A 26 -5.05 -6.24 -5.58
CA LEU A 26 -4.11 -5.26 -5.07
C LEU A 26 -2.75 -5.40 -5.76
N GLU A 27 -2.37 -6.62 -6.12
CA GLU A 27 -1.22 -6.89 -6.96
C GLU A 27 -1.37 -6.04 -8.23
N ALA A 28 -2.56 -6.03 -8.84
CA ALA A 28 -2.81 -5.27 -10.06
C ALA A 28 -2.87 -3.76 -9.81
N VAL A 29 -3.23 -3.30 -8.61
CA VAL A 29 -3.21 -1.89 -8.25
C VAL A 29 -1.76 -1.39 -8.34
N PHE A 30 -0.86 -1.95 -7.53
CA PHE A 30 0.46 -1.39 -7.30
C PHE A 30 1.55 -2.10 -8.11
N GLY A 31 1.29 -3.27 -8.71
CA GLY A 31 2.25 -4.13 -9.39
C GLY A 31 2.58 -3.65 -10.79
N LYS A 32 2.80 -2.35 -10.91
CA LYS A 32 3.37 -1.67 -12.05
C LYS A 32 4.68 -0.98 -11.66
N TYR A 33 4.84 -0.63 -10.38
CA TYR A 33 6.04 0.04 -9.90
C TYR A 33 7.17 -0.96 -9.65
N GLY A 34 6.85 -2.20 -9.26
CA GLY A 34 7.85 -3.21 -8.96
C GLY A 34 7.27 -4.41 -8.21
N ARG A 35 8.10 -5.06 -7.40
CA ARG A 35 7.93 -6.40 -6.84
C ARG A 35 7.33 -6.29 -5.45
N ILE A 36 6.08 -6.70 -5.31
CA ILE A 36 5.34 -6.63 -4.05
C ILE A 36 5.54 -7.95 -3.31
N VAL A 37 5.81 -7.86 -2.01
CA VAL A 37 6.28 -8.96 -1.20
C VAL A 37 5.57 -9.06 0.17
N GLU A 38 4.54 -8.25 0.41
CA GLU A 38 3.48 -8.49 1.37
C GLU A 38 2.24 -7.72 0.86
N VAL A 39 1.06 -8.29 1.07
CA VAL A 39 -0.24 -7.74 0.74
C VAL A 39 -1.16 -8.10 1.92
N LEU A 40 -1.36 -7.15 2.84
CA LEU A 40 -2.15 -7.30 4.05
C LEU A 40 -3.47 -6.54 3.86
N LEU A 41 -4.58 -7.24 3.72
CA LEU A 41 -5.88 -6.68 3.35
C LEU A 41 -6.80 -6.76 4.55
N MET A 42 -7.03 -5.62 5.21
CA MET A 42 -7.85 -5.57 6.43
C MET A 42 -9.33 -5.71 6.03
N LYS A 43 -10.18 -6.17 6.95
CA LYS A 43 -11.57 -6.51 6.69
C LYS A 43 -12.45 -6.07 7.85
N ASP A 44 -13.73 -5.97 7.57
CA ASP A 44 -14.78 -5.83 8.58
C ASP A 44 -14.90 -7.11 9.39
N ARG A 45 -15.66 -7.04 10.47
CA ARG A 45 -16.20 -8.19 11.19
C ARG A 45 -17.70 -8.36 10.94
N GLU A 46 -18.31 -7.56 10.07
CA GLU A 46 -19.66 -7.75 9.56
C GLU A 46 -19.65 -8.96 8.62
N THR A 47 -19.24 -8.76 7.36
CA THR A 47 -19.51 -9.69 6.28
C THR A 47 -18.23 -9.92 5.45
N ASN A 48 -17.07 -9.79 6.09
CA ASN A 48 -15.74 -9.98 5.48
C ASN A 48 -15.42 -8.94 4.39
N LYS A 49 -16.29 -7.94 4.17
CA LYS A 49 -16.00 -6.84 3.27
C LYS A 49 -14.74 -6.16 3.77
N SER A 50 -13.91 -5.64 2.88
CA SER A 50 -12.89 -4.68 3.27
C SER A 50 -13.58 -3.43 3.82
N ARG A 51 -12.84 -2.68 4.63
CA ARG A 51 -13.17 -1.34 5.12
C ARG A 51 -12.36 -0.30 4.33
N GLY A 52 -11.72 -0.70 3.24
CA GLY A 52 -11.06 0.18 2.30
C GLY A 52 -9.64 0.58 2.73
N PHE A 53 -9.12 0.09 3.86
CA PHE A 53 -7.78 0.42 4.31
C PHE A 53 -6.96 -0.87 4.38
N ALA A 54 -5.73 -0.78 3.91
CA ALA A 54 -4.85 -1.94 3.78
C ALA A 54 -3.37 -1.53 3.82
N PHE A 55 -2.49 -2.53 3.82
CA PHE A 55 -1.04 -2.39 3.88
C PHE A 55 -0.43 -3.22 2.75
N VAL A 56 0.61 -2.69 2.09
CA VAL A 56 1.33 -3.35 1.01
C VAL A 56 2.81 -3.03 1.25
N THR A 57 3.66 -4.00 0.90
CA THR A 57 5.08 -3.92 1.15
C THR A 57 5.81 -4.32 -0.11
N PHE A 58 6.89 -3.61 -0.41
CA PHE A 58 7.58 -3.76 -1.67
C PHE A 58 9.00 -4.18 -1.38
N GLU A 59 9.50 -5.10 -2.18
CA GLU A 59 10.76 -5.76 -1.95
C GLU A 59 11.91 -4.78 -2.08
N SER A 60 11.99 -4.05 -3.20
CA SER A 60 12.96 -2.96 -3.32
C SER A 60 12.31 -1.66 -2.82
N PRO A 61 13.07 -0.76 -2.16
CA PRO A 61 12.53 0.49 -1.66
C PRO A 61 12.24 1.50 -2.77
N ALA A 62 12.78 1.30 -3.99
CA ALA A 62 12.42 2.09 -5.15
C ALA A 62 10.94 1.97 -5.46
N ASP A 63 10.48 0.73 -5.48
CA ASP A 63 9.14 0.33 -5.81
C ASP A 63 8.19 1.01 -4.82
N ALA A 64 8.58 1.09 -3.54
CA ALA A 64 7.75 1.65 -2.48
C ALA A 64 7.76 3.16 -2.50
N LYS A 65 8.87 3.80 -2.90
CA LYS A 65 8.89 5.24 -3.08
C LYS A 65 7.89 5.56 -4.18
N ASP A 66 8.10 5.04 -5.39
CA ASP A 66 7.33 5.50 -6.53
C ASP A 66 5.86 5.13 -6.44
N ALA A 67 5.54 3.99 -5.82
CA ALA A 67 4.15 3.58 -5.69
C ALA A 67 3.32 4.56 -4.85
N ALA A 68 3.96 5.43 -4.06
CA ALA A 68 3.32 6.51 -3.29
C ALA A 68 3.65 7.90 -3.85
N ARG A 69 4.26 7.98 -5.04
CA ARG A 69 4.62 9.22 -5.74
C ARG A 69 3.90 9.36 -7.07
N ASP A 70 3.37 8.26 -7.64
CA ASP A 70 2.63 8.26 -8.90
C ASP A 70 1.17 7.84 -8.73
N MET A 71 0.88 7.01 -7.73
CA MET A 71 -0.43 6.36 -7.55
C MET A 71 -1.27 7.02 -6.45
N ASN A 72 -0.73 8.00 -5.73
CA ASN A 72 -1.46 8.84 -4.80
C ASN A 72 -2.50 9.69 -5.54
N GLY A 73 -3.55 10.11 -4.83
CA GLY A 73 -4.51 11.11 -5.27
C GLY A 73 -5.49 10.68 -6.36
N LYS A 74 -5.36 9.47 -6.90
CA LYS A 74 -6.24 8.98 -7.96
C LYS A 74 -7.55 8.43 -7.40
N SER A 75 -8.35 7.81 -8.25
CA SER A 75 -9.50 7.00 -7.92
C SER A 75 -9.28 5.61 -8.54
N LEU A 76 -10.03 4.64 -8.04
CA LEU A 76 -10.16 3.32 -8.66
C LEU A 76 -11.58 2.86 -8.38
N ASP A 77 -12.31 2.44 -9.41
CA ASP A 77 -13.73 2.05 -9.34
C ASP A 77 -14.62 3.13 -8.69
N GLY A 78 -14.21 4.40 -8.77
CA GLY A 78 -14.94 5.50 -8.14
C GLY A 78 -14.73 5.59 -6.63
N LYS A 79 -13.66 4.98 -6.11
CA LYS A 79 -13.27 4.99 -4.70
C LYS A 79 -11.99 5.79 -4.61
N ALA A 80 -12.04 6.89 -3.87
CA ALA A 80 -10.95 7.84 -3.73
C ALA A 80 -9.92 7.28 -2.76
N ILE A 81 -8.95 6.54 -3.29
CA ILE A 81 -7.91 5.92 -2.49
C ILE A 81 -7.05 7.00 -1.81
N LYS A 82 -6.39 6.62 -0.72
CA LYS A 82 -5.29 7.36 -0.10
C LYS A 82 -4.08 6.44 -0.14
N VAL A 83 -2.90 6.96 -0.43
CA VAL A 83 -1.65 6.19 -0.50
C VAL A 83 -0.57 7.06 0.13
N GLU A 84 -0.10 6.68 1.32
CA GLU A 84 0.87 7.40 2.12
C GLU A 84 1.93 6.45 2.67
N GLN A 85 2.87 6.99 3.44
CA GLN A 85 4.05 6.29 3.89
C GLN A 85 3.92 6.10 5.40
N ALA A 86 3.76 4.85 5.82
CA ALA A 86 3.72 4.43 7.20
C ALA A 86 5.12 4.55 7.80
N THR A 87 5.52 5.76 8.18
CA THR A 87 6.86 6.07 8.64
C THR A 87 6.80 7.10 9.79
N LYS A 88 7.97 7.59 10.20
CA LYS A 88 8.13 8.65 11.19
C LYS A 88 9.16 9.64 10.65
N PRO A 89 9.13 10.90 11.13
CA PRO A 89 10.18 11.87 10.85
C PRO A 89 11.48 11.40 11.50
N SER A 90 11.42 11.00 12.76
CA SER A 90 12.45 10.24 13.45
C SER A 90 12.52 8.84 12.85
N PHE A 91 13.25 8.69 11.74
CA PHE A 91 13.64 7.40 11.23
C PHE A 91 15.14 7.45 10.98
N GLU A 92 15.88 7.42 12.09
CA GLU A 92 17.33 7.43 12.12
C GLU A 92 17.84 8.73 11.52
N GLY A 1 14.87 19.96 0.38
CA GLY A 1 13.59 19.59 -0.21
C GLY A 1 12.79 18.77 0.79
N HIS A 2 12.09 17.74 0.30
CA HIS A 2 11.05 17.02 1.02
C HIS A 2 11.17 15.53 0.71
N MET A 3 12.34 14.96 0.98
CA MET A 3 12.58 13.52 1.00
C MET A 3 12.22 12.99 2.38
N VAL A 4 11.79 11.73 2.43
CA VAL A 4 11.51 10.96 3.64
C VAL A 4 11.95 9.51 3.35
N GLU A 5 13.16 9.33 2.83
CA GLU A 5 13.70 8.02 2.48
C GLU A 5 15.04 7.85 3.20
N ALA A 6 14.99 7.67 4.53
CA ALA A 6 16.19 7.49 5.35
C ALA A 6 16.13 6.27 6.26
N ASP A 7 15.18 5.37 6.01
CA ASP A 7 14.98 4.12 6.70
C ASP A 7 14.04 3.19 5.91
N ARG A 8 14.50 2.70 4.77
CA ARG A 8 13.81 1.62 4.05
C ARG A 8 12.29 1.80 4.02
N PRO A 9 11.74 2.83 3.34
CA PRO A 9 10.29 3.02 3.21
C PRO A 9 9.63 2.00 2.27
N GLY A 10 10.05 0.75 2.34
CA GLY A 10 9.53 -0.42 1.63
C GLY A 10 8.18 -0.91 2.18
N LYS A 11 7.43 -0.02 2.80
CA LYS A 11 6.08 -0.18 3.27
C LYS A 11 5.31 1.06 2.84
N LEU A 12 4.05 0.89 2.43
CA LEU A 12 3.15 2.00 2.17
C LEU A 12 1.97 1.93 3.14
N PHE A 13 1.08 2.91 3.09
CA PHE A 13 -0.17 2.95 3.85
C PHE A 13 -1.27 3.31 2.86
N ILE A 14 -2.38 2.57 2.86
CA ILE A 14 -3.43 2.66 1.86
C ILE A 14 -4.76 2.70 2.61
N GLY A 15 -5.51 3.79 2.48
CA GLY A 15 -6.84 3.92 3.07
C GLY A 15 -7.82 4.54 2.08
N GLY A 16 -9.09 4.17 2.11
CA GLY A 16 -10.10 4.67 1.18
C GLY A 16 -10.52 3.63 0.14
N LEU A 17 -10.10 2.37 0.33
CA LEU A 17 -10.36 1.26 -0.57
C LEU A 17 -11.84 0.91 -0.63
N ASN A 18 -12.16 0.01 -1.55
CA ASN A 18 -13.49 -0.51 -1.77
C ASN A 18 -13.76 -1.74 -0.90
N THR A 19 -14.93 -2.37 -1.05
CA THR A 19 -15.38 -3.44 -0.17
C THR A 19 -15.41 -4.83 -0.83
N GLU A 20 -14.94 -5.01 -2.07
CA GLU A 20 -14.95 -6.32 -2.74
C GLU A 20 -13.58 -6.64 -3.39
N THR A 21 -12.50 -5.95 -3.00
CA THR A 21 -11.19 -6.15 -3.59
C THR A 21 -10.57 -7.42 -2.99
N ASN A 22 -9.46 -7.90 -3.55
CA ASN A 22 -8.69 -9.02 -3.02
C ASN A 22 -7.19 -8.73 -3.09
N GLU A 23 -6.40 -9.56 -2.40
CA GLU A 23 -4.94 -9.50 -2.39
C GLU A 23 -4.39 -9.73 -3.79
N LYS A 24 -4.93 -10.72 -4.50
CA LYS A 24 -4.54 -10.95 -5.90
C LYS A 24 -4.70 -9.70 -6.76
N ALA A 25 -5.69 -8.85 -6.48
CA ALA A 25 -5.87 -7.61 -7.22
C ALA A 25 -4.78 -6.61 -6.83
N LEU A 26 -4.43 -6.51 -5.54
CA LEU A 26 -3.39 -5.61 -5.03
C LEU A 26 -2.08 -5.83 -5.76
N GLU A 27 -1.72 -7.08 -6.03
CA GLU A 27 -0.49 -7.45 -6.71
C GLU A 27 -0.39 -6.67 -8.02
N ALA A 28 -1.48 -6.62 -8.78
CA ALA A 28 -1.55 -5.96 -10.07
C ALA A 28 -1.91 -4.47 -9.97
N VAL A 29 -2.34 -3.95 -8.82
CA VAL A 29 -2.53 -2.51 -8.62
C VAL A 29 -1.15 -1.85 -8.61
N PHE A 30 -0.23 -2.40 -7.83
CA PHE A 30 1.05 -1.77 -7.56
C PHE A 30 2.23 -2.46 -8.27
N GLY A 31 2.06 -3.70 -8.75
CA GLY A 31 3.07 -4.47 -9.47
C GLY A 31 3.33 -3.96 -10.88
N LYS A 32 3.11 -2.66 -11.11
CA LYS A 32 3.54 -1.91 -12.29
C LYS A 32 4.60 -0.88 -11.92
N TYR A 33 5.09 -0.85 -10.67
CA TYR A 33 6.10 0.09 -10.19
C TYR A 33 7.34 -0.57 -9.59
N GLY A 34 7.33 -1.88 -9.35
CA GLY A 34 8.29 -2.47 -8.44
C GLY A 34 8.07 -3.96 -8.24
N ARG A 35 8.12 -4.46 -7.01
CA ARG A 35 8.02 -5.89 -6.69
C ARG A 35 7.47 -6.11 -5.29
N ILE A 36 6.34 -6.80 -5.23
CA ILE A 36 5.56 -7.03 -4.01
C ILE A 36 5.88 -8.46 -3.55
N VAL A 37 6.03 -8.59 -2.24
CA VAL A 37 6.57 -9.73 -1.53
C VAL A 37 5.76 -10.07 -0.26
N GLU A 38 4.70 -9.31 0.05
CA GLU A 38 3.80 -9.39 1.19
C GLU A 38 2.59 -8.47 0.88
N VAL A 39 1.38 -9.02 0.93
CA VAL A 39 0.10 -8.44 0.51
C VAL A 39 -0.93 -8.66 1.64
N LEU A 40 -1.44 -7.60 2.26
CA LEU A 40 -2.20 -7.65 3.52
C LEU A 40 -3.47 -6.78 3.40
N LEU A 41 -4.63 -7.40 3.22
CA LEU A 41 -5.88 -6.71 2.85
C LEU A 41 -6.97 -6.98 3.90
N MET A 42 -7.41 -5.95 4.61
CA MET A 42 -8.32 -6.07 5.76
C MET A 42 -9.72 -6.51 5.31
N LYS A 43 -10.44 -7.28 6.13
CA LYS A 43 -11.69 -7.93 5.75
C LYS A 43 -12.76 -7.65 6.78
N ASP A 44 -14.00 -7.66 6.31
CA ASP A 44 -15.19 -7.43 7.11
C ASP A 44 -15.62 -8.74 7.73
N ARG A 45 -15.83 -8.75 9.05
CA ARG A 45 -16.43 -9.88 9.74
C ARG A 45 -17.79 -10.27 9.17
N GLU A 46 -18.48 -9.33 8.52
CA GLU A 46 -19.83 -9.49 8.03
C GLU A 46 -19.94 -10.74 7.16
N THR A 47 -19.19 -10.79 6.07
CA THR A 47 -19.43 -11.76 5.02
C THR A 47 -18.16 -12.02 4.19
N ASN A 48 -16.99 -11.95 4.81
CA ASN A 48 -15.72 -12.03 4.13
C ASN A 48 -15.53 -10.91 3.09
N LYS A 49 -16.37 -9.86 3.16
CA LYS A 49 -16.24 -8.60 2.44
C LYS A 49 -14.84 -8.03 2.69
N SER A 50 -14.37 -7.12 1.85
CA SER A 50 -13.14 -6.37 2.09
C SER A 50 -13.48 -5.15 2.96
N ARG A 51 -12.48 -4.40 3.44
CA ARG A 51 -12.65 -3.13 4.14
C ARG A 51 -11.96 -2.01 3.37
N GLY A 52 -12.22 -0.77 3.77
CA GLY A 52 -11.64 0.41 3.15
C GLY A 52 -10.23 0.77 3.65
N PHE A 53 -9.40 -0.19 4.08
CA PHE A 53 -8.02 0.07 4.53
C PHE A 53 -7.16 -1.18 4.29
N ALA A 54 -5.87 -0.99 4.04
CA ALA A 54 -4.95 -2.01 3.56
C ALA A 54 -3.49 -1.65 3.81
N PHE A 55 -2.60 -2.61 3.57
CA PHE A 55 -1.15 -2.45 3.61
C PHE A 55 -0.56 -3.26 2.47
N VAL A 56 0.41 -2.67 1.77
CA VAL A 56 1.22 -3.35 0.78
C VAL A 56 2.65 -3.04 1.18
N THR A 57 3.41 -4.09 1.47
CA THR A 57 4.85 -4.02 1.58
C THR A 57 5.43 -3.90 0.16
N PHE A 58 6.73 -3.66 0.03
CA PHE A 58 7.44 -3.65 -1.23
C PHE A 58 8.85 -4.14 -0.92
N GLU A 59 9.34 -5.12 -1.69
CA GLU A 59 10.61 -5.77 -1.45
C GLU A 59 11.76 -4.77 -1.31
N SER A 60 11.77 -3.68 -2.07
CA SER A 60 12.78 -2.62 -1.95
C SER A 60 12.14 -1.24 -1.85
N PRO A 61 12.71 -0.32 -1.05
CA PRO A 61 12.08 0.96 -0.78
C PRO A 61 12.01 1.86 -2.02
N ALA A 62 12.96 1.73 -2.95
CA ALA A 62 12.93 2.51 -4.18
C ALA A 62 11.78 2.08 -5.09
N ASP A 63 11.32 0.84 -4.95
CA ASP A 63 10.17 0.30 -5.68
C ASP A 63 8.87 0.76 -5.04
N ALA A 64 8.90 0.98 -3.73
CA ALA A 64 7.77 1.44 -2.94
C ALA A 64 7.44 2.91 -3.20
N LYS A 65 8.47 3.77 -3.13
CA LYS A 65 8.31 5.23 -3.27
C LYS A 65 7.58 5.60 -4.56
N ASP A 66 7.90 4.90 -5.66
CA ASP A 66 7.39 5.26 -6.97
C ASP A 66 5.96 4.82 -7.15
N ALA A 67 5.54 3.79 -6.41
CA ALA A 67 4.17 3.35 -6.46
C ALA A 67 3.28 4.45 -5.90
N ALA A 68 3.67 5.02 -4.74
CA ALA A 68 3.00 6.16 -4.12
C ALA A 68 3.17 7.46 -4.92
N ARG A 69 4.14 7.57 -5.84
CA ARG A 69 4.29 8.75 -6.70
C ARG A 69 3.21 8.75 -7.77
N ASP A 70 3.21 7.74 -8.64
CA ASP A 70 2.44 7.78 -9.88
C ASP A 70 0.97 7.49 -9.68
N MET A 71 0.64 6.60 -8.73
CA MET A 71 -0.72 6.49 -8.22
C MET A 71 -0.90 7.50 -7.08
N ASN A 72 -1.79 7.27 -6.11
CA ASN A 72 -2.23 8.17 -5.05
C ASN A 72 -2.96 9.40 -5.59
N GLY A 73 -3.67 10.10 -4.70
CA GLY A 73 -4.40 11.33 -4.95
C GLY A 73 -5.72 11.12 -5.68
N LYS A 74 -5.72 10.33 -6.75
CA LYS A 74 -6.90 10.07 -7.59
C LYS A 74 -7.90 9.16 -6.90
N SER A 75 -9.00 8.88 -7.60
CA SER A 75 -9.98 7.88 -7.25
C SER A 75 -9.49 6.50 -7.69
N LEU A 76 -10.13 5.47 -7.16
CA LEU A 76 -10.03 4.12 -7.70
C LEU A 76 -11.39 3.49 -7.59
N ASP A 77 -11.96 3.14 -8.74
CA ASP A 77 -13.34 2.72 -8.91
C ASP A 77 -14.32 3.75 -8.32
N GLY A 78 -13.98 5.02 -8.54
CA GLY A 78 -14.73 6.19 -8.10
C GLY A 78 -14.60 6.47 -6.60
N LYS A 79 -13.85 5.68 -5.83
CA LYS A 79 -13.71 5.83 -4.38
C LYS A 79 -12.43 6.60 -4.15
N ALA A 80 -12.46 7.57 -3.24
CA ALA A 80 -11.32 8.40 -2.90
C ALA A 80 -10.31 7.55 -2.16
N ILE A 81 -9.29 7.07 -2.86
CA ILE A 81 -8.17 6.40 -2.23
C ILE A 81 -7.20 7.44 -1.67
N LYS A 82 -6.33 6.94 -0.80
CA LYS A 82 -5.18 7.55 -0.18
C LYS A 82 -4.05 6.54 -0.31
N VAL A 83 -2.86 6.93 -0.78
CA VAL A 83 -1.66 6.10 -0.70
C VAL A 83 -0.55 7.00 -0.19
N GLU A 84 -0.02 6.64 0.97
CA GLU A 84 0.96 7.42 1.70
C GLU A 84 2.12 6.54 2.16
N GLN A 85 3.07 7.20 2.79
CA GLN A 85 4.30 6.61 3.28
C GLN A 85 4.27 6.72 4.80
N ALA A 86 3.72 5.70 5.46
CA ALA A 86 3.69 5.57 6.91
C ALA A 86 5.11 5.19 7.38
N THR A 87 6.05 6.13 7.27
CA THR A 87 7.46 5.97 7.61
C THR A 87 7.77 6.87 8.80
N LYS A 88 9.01 6.79 9.27
CA LYS A 88 9.54 7.65 10.32
C LYS A 88 11.05 7.81 10.13
N PRO A 89 11.64 8.92 10.61
CA PRO A 89 13.07 9.19 10.45
C PRO A 89 13.93 8.31 11.37
N SER A 90 13.44 8.01 12.57
CA SER A 90 14.06 7.15 13.55
C SER A 90 12.97 6.44 14.32
N PHE A 91 13.42 5.56 15.21
CA PHE A 91 12.64 4.75 16.11
C PHE A 91 13.44 4.66 17.41
N GLU A 92 12.72 4.41 18.51
CA GLU A 92 13.15 4.40 19.91
C GLU A 92 14.03 5.60 20.24
#